data_2LTF
#
_entry.id   2LTF
#
_entity_poly.entity_id   1
_entity_poly.type   'polypeptide(L)'
_entity_poly.pdbx_seq_one_letter_code
;MKTFALQGDTLDAICVRYYGRTEGVVETVLAANPGLAELGAVLPHGTAVELPDVQTAPVAETVNLWEVEHH
;
_entity_poly.pdbx_strand_id   A
#
# COMPACT_ATOMS: atom_id res chain seq x y z
N MET A 1 -6.07 -4.03 -6.95
CA MET A 1 -5.99 -4.27 -5.52
C MET A 1 -5.20 -3.17 -4.82
N LYS A 2 -5.89 -2.09 -4.46
CA LYS A 2 -5.25 -0.96 -3.79
C LYS A 2 -5.81 -0.79 -2.38
N THR A 3 -4.98 -0.25 -1.49
CA THR A 3 -5.39 -0.04 -0.10
C THR A 3 -4.98 1.35 0.37
N PHE A 4 -5.75 1.90 1.30
CA PHE A 4 -5.47 3.22 1.85
C PHE A 4 -4.31 3.17 2.84
N ALA A 5 -3.19 3.79 2.47
CA ALA A 5 -2.01 3.82 3.31
C ALA A 5 -2.29 4.58 4.60
N LEU A 6 -1.57 4.20 5.67
CA LEU A 6 -1.74 4.86 6.96
C LEU A 6 -0.44 4.85 7.76
N GLN A 7 -0.49 5.35 8.97
CA GLN A 7 0.69 5.39 9.83
C GLN A 7 1.36 4.02 9.92
N GLY A 8 2.63 3.97 9.55
CA GLY A 8 3.36 2.71 9.59
C GLY A 8 2.78 1.68 8.66
N ASP A 9 2.07 2.13 7.63
CA ASP A 9 1.46 1.23 6.66
C ASP A 9 1.88 1.59 5.24
N THR A 10 3.04 2.24 5.12
CA THR A 10 3.55 2.64 3.82
C THR A 10 4.03 1.43 3.02
N LEU A 11 4.48 1.68 1.79
CA LEU A 11 4.97 0.61 0.93
C LEU A 11 5.98 -0.27 1.66
N ASP A 12 6.86 0.36 2.43
CA ASP A 12 7.86 -0.37 3.20
C ASP A 12 7.22 -1.46 4.05
N ALA A 13 6.05 -1.17 4.59
CA ALA A 13 5.33 -2.13 5.41
C ALA A 13 4.43 -3.03 4.57
N ILE A 14 3.57 -2.41 3.78
CA ILE A 14 2.66 -3.14 2.92
C ILE A 14 3.40 -4.21 2.11
N CYS A 15 4.49 -3.81 1.47
CA CYS A 15 5.29 -4.72 0.67
C CYS A 15 5.68 -5.95 1.48
N VAL A 16 5.92 -5.77 2.77
CA VAL A 16 6.29 -6.86 3.65
C VAL A 16 5.05 -7.57 4.20
N ARG A 17 3.92 -6.88 4.16
CA ARG A 17 2.67 -7.46 4.65
C ARG A 17 1.99 -8.28 3.57
N TYR A 18 2.35 -8.03 2.32
CA TYR A 18 1.77 -8.74 1.19
C TYR A 18 2.78 -9.71 0.58
N TYR A 19 3.87 -9.17 0.05
CA TYR A 19 4.91 -9.99 -0.55
C TYR A 19 5.88 -10.51 0.49
N GLY A 20 6.15 -9.69 1.51
CA GLY A 20 7.06 -10.09 2.57
C GLY A 20 8.48 -9.67 2.30
N ARG A 21 8.65 -8.68 1.42
CA ARG A 21 9.98 -8.20 1.07
C ARG A 21 9.89 -6.85 0.36
N THR A 22 11.02 -6.14 0.31
CA THR A 22 11.07 -4.83 -0.34
C THR A 22 12.02 -4.85 -1.54
N GLU A 23 13.02 -5.72 -1.48
CA GLU A 23 13.99 -5.85 -2.56
C GLU A 23 13.37 -6.51 -3.78
N GLY A 24 13.21 -5.72 -4.84
CA GLY A 24 12.64 -6.24 -6.07
C GLY A 24 11.17 -5.90 -6.21
N VAL A 25 10.54 -5.52 -5.10
CA VAL A 25 9.13 -5.16 -5.11
C VAL A 25 8.94 -3.65 -5.11
N VAL A 26 9.77 -2.96 -4.33
CA VAL A 26 9.70 -1.50 -4.24
C VAL A 26 9.77 -0.87 -5.63
N GLU A 27 10.43 -1.55 -6.55
CA GLU A 27 10.57 -1.05 -7.92
C GLU A 27 9.26 -1.23 -8.70
N THR A 28 8.55 -2.31 -8.40
CA THR A 28 7.29 -2.59 -9.07
C THR A 28 6.22 -1.57 -8.69
N VAL A 29 5.95 -1.45 -7.39
CA VAL A 29 4.95 -0.52 -6.90
C VAL A 29 5.25 0.90 -7.38
N LEU A 30 6.52 1.17 -7.65
CA LEU A 30 6.94 2.49 -8.12
C LEU A 30 6.42 2.76 -9.53
N ALA A 31 6.45 1.74 -10.37
CA ALA A 31 5.97 1.88 -11.75
C ALA A 31 4.45 1.92 -11.80
N ALA A 32 3.81 1.24 -10.86
CA ALA A 32 2.35 1.22 -10.79
C ALA A 32 1.81 2.43 -10.04
N ASN A 33 2.66 3.03 -9.22
CA ASN A 33 2.26 4.21 -8.44
C ASN A 33 3.32 5.30 -8.54
N PRO A 34 3.35 5.99 -9.70
CA PRO A 34 4.30 7.07 -9.95
C PRO A 34 4.00 8.31 -9.11
N GLY A 35 5.05 9.06 -8.78
CA GLY A 35 4.88 10.26 -7.98
C GLY A 35 4.98 9.99 -6.49
N LEU A 36 4.90 8.72 -6.12
CA LEU A 36 4.97 8.32 -4.72
C LEU A 36 6.41 8.30 -4.23
N ALA A 37 7.35 8.22 -5.18
CA ALA A 37 8.77 8.20 -4.85
C ALA A 37 9.25 9.58 -4.43
N GLU A 38 8.39 10.58 -4.56
CA GLU A 38 8.73 11.94 -4.20
C GLU A 38 8.40 12.23 -2.74
N LEU A 39 7.37 11.54 -2.23
CA LEU A 39 6.95 11.71 -0.84
C LEU A 39 8.10 11.47 0.12
N GLY A 40 8.76 10.31 -0.04
CA GLY A 40 9.87 9.98 0.83
C GLY A 40 9.43 9.48 2.19
N ALA A 41 9.21 10.42 3.11
CA ALA A 41 8.78 10.07 4.46
C ALA A 41 7.46 9.29 4.43
N VAL A 42 6.90 9.06 5.61
CA VAL A 42 5.63 8.33 5.72
C VAL A 42 4.56 8.95 4.83
N LEU A 43 3.66 8.11 4.34
CA LEU A 43 2.58 8.57 3.47
C LEU A 43 1.39 9.06 4.29
N PRO A 44 0.61 9.99 3.71
CA PRO A 44 -0.57 10.56 4.37
C PRO A 44 -1.70 9.54 4.50
N HIS A 45 -2.23 9.42 5.72
CA HIS A 45 -3.31 8.48 5.98
C HIS A 45 -4.44 8.66 4.98
N GLY A 46 -4.55 7.73 4.03
CA GLY A 46 -5.58 7.81 3.02
C GLY A 46 -5.03 7.71 1.61
N THR A 47 -3.73 7.46 1.51
CA THR A 47 -3.08 7.33 0.21
C THR A 47 -3.55 6.09 -0.53
N ALA A 48 -4.03 6.27 -1.76
CA ALA A 48 -4.51 5.17 -2.57
C ALA A 48 -3.38 4.56 -3.39
N VAL A 49 -2.82 3.45 -2.90
CA VAL A 49 -1.73 2.77 -3.59
C VAL A 49 -2.17 1.41 -4.12
N GLU A 50 -1.84 1.14 -5.38
CA GLU A 50 -2.21 -0.14 -6.00
C GLU A 50 -1.14 -1.19 -5.76
N LEU A 51 -1.57 -2.44 -5.62
CA LEU A 51 -0.65 -3.54 -5.39
C LEU A 51 -0.55 -4.44 -6.61
N PRO A 52 0.43 -4.16 -7.48
CA PRO A 52 0.66 -4.93 -8.70
C PRO A 52 1.19 -6.33 -8.41
N ASP A 53 0.89 -7.27 -9.31
CA ASP A 53 1.33 -8.65 -9.16
C ASP A 53 0.72 -9.28 -7.91
N VAL A 54 -0.54 -8.94 -7.65
CA VAL A 54 -1.26 -9.47 -6.49
C VAL A 54 -2.52 -10.21 -6.92
N GLN A 55 -2.84 -11.28 -6.21
CA GLN A 55 -4.02 -12.08 -6.51
C GLN A 55 -5.26 -11.50 -5.84
N THR A 56 -6.43 -11.93 -6.29
CA THR A 56 -7.69 -11.45 -5.74
C THR A 56 -7.79 -11.76 -4.25
N ALA A 57 -8.94 -11.44 -3.66
CA ALA A 57 -9.16 -11.69 -2.24
C ALA A 57 -8.22 -10.85 -1.38
N PRO A 58 -8.59 -10.67 -0.11
CA PRO A 58 -7.79 -9.88 0.84
C PRO A 58 -6.48 -10.57 1.21
N VAL A 59 -5.79 -10.01 2.20
CA VAL A 59 -4.52 -10.58 2.65
C VAL A 59 -4.55 -10.88 4.15
N ALA A 60 -3.76 -11.86 4.57
CA ALA A 60 -3.70 -12.24 5.98
C ALA A 60 -3.45 -11.03 6.86
N GLU A 61 -4.51 -10.57 7.52
CA GLU A 61 -4.42 -9.41 8.40
C GLU A 61 -5.71 -9.22 9.19
N THR A 62 -5.64 -8.41 10.24
CA THR A 62 -6.79 -8.13 11.08
C THR A 62 -7.09 -6.64 11.14
N VAL A 63 -8.26 -6.26 10.64
CA VAL A 63 -8.66 -4.86 10.64
C VAL A 63 -10.09 -4.69 10.11
N ASN A 64 -10.84 -3.78 10.71
CA ASN A 64 -12.21 -3.53 10.31
C ASN A 64 -12.43 -2.06 9.96
N LEU A 65 -11.60 -1.55 9.06
CA LEU A 65 -11.68 -0.15 8.64
C LEU A 65 -12.82 0.05 7.64
N TRP A 66 -13.93 0.58 8.12
CA TRP A 66 -15.10 0.82 7.26
C TRP A 66 -15.35 2.32 7.09
N GLU A 67 -15.53 2.75 5.85
CA GLU A 67 -15.78 4.15 5.55
C GLU A 67 -16.08 4.35 4.07
N VAL A 68 -17.28 4.85 3.78
CA VAL A 68 -17.69 5.10 2.40
C VAL A 68 -17.99 6.57 2.17
N GLU A 69 -18.51 7.24 3.20
CA GLU A 69 -18.84 8.65 3.10
C GLU A 69 -17.79 9.50 3.80
N HIS A 70 -17.03 10.27 3.01
CA HIS A 70 -16.00 11.12 3.57
C HIS A 70 -16.27 12.59 3.22
N HIS A 71 -16.88 12.82 2.07
CA HIS A 71 -17.20 14.17 1.63
C HIS A 71 -18.16 14.85 2.60
N MET A 1 -5.30 -4.82 -5.32
CA MET A 1 -4.80 -5.10 -3.98
C MET A 1 -4.07 -3.88 -3.40
N LYS A 2 -4.54 -2.69 -3.78
CA LYS A 2 -3.93 -1.45 -3.30
C LYS A 2 -4.42 -1.12 -1.89
N THR A 3 -3.59 -0.42 -1.13
CA THR A 3 -3.94 -0.02 0.23
C THR A 3 -3.45 1.39 0.55
N PHE A 4 -4.11 2.05 1.48
CA PHE A 4 -3.74 3.40 1.87
C PHE A 4 -2.51 3.38 2.77
N ALA A 5 -1.45 4.04 2.32
CA ALA A 5 -0.21 4.11 3.07
C ALA A 5 -0.35 5.01 4.29
N LEU A 6 0.44 4.74 5.33
CA LEU A 6 0.39 5.52 6.55
C LEU A 6 1.77 5.58 7.22
N GLN A 7 1.83 6.23 8.37
CA GLN A 7 3.09 6.36 9.10
C GLN A 7 3.75 4.99 9.29
N GLY A 8 4.99 4.88 8.82
CA GLY A 8 5.71 3.62 8.95
C GLY A 8 5.04 2.49 8.20
N ASP A 9 4.24 2.83 7.19
CA ASP A 9 3.53 1.84 6.39
C ASP A 9 3.83 2.03 4.90
N THR A 10 4.97 2.65 4.60
CA THR A 10 5.36 2.89 3.22
C THR A 10 5.80 1.61 2.54
N LEU A 11 6.15 1.71 1.26
CA LEU A 11 6.58 0.55 0.49
C LEU A 11 7.66 -0.23 1.24
N ASP A 12 8.58 0.50 1.86
CA ASP A 12 9.66 -0.13 2.62
C ASP A 12 9.11 -1.13 3.63
N ALA A 13 7.98 -0.77 4.24
CA ALA A 13 7.35 -1.63 5.24
C ALA A 13 6.40 -2.63 4.58
N ILE A 14 5.47 -2.11 3.79
CA ILE A 14 4.50 -2.95 3.10
C ILE A 14 5.19 -4.09 2.36
N CYS A 15 6.17 -3.75 1.54
CA CYS A 15 6.92 -4.75 0.77
C CYS A 15 7.47 -5.84 1.69
N VAL A 16 7.71 -5.48 2.95
CA VAL A 16 8.23 -6.43 3.92
C VAL A 16 7.10 -7.22 4.59
N ARG A 17 5.94 -6.59 4.69
CA ARG A 17 4.78 -7.23 5.31
C ARG A 17 4.01 -8.06 4.28
N TYR A 18 4.35 -7.88 3.01
CA TYR A 18 3.69 -8.61 1.94
C TYR A 18 4.63 -9.66 1.33
N TYR A 19 5.73 -9.20 0.77
CA TYR A 19 6.71 -10.09 0.15
C TYR A 19 7.79 -10.47 1.15
N GLY A 20 8.16 -9.52 2.01
CA GLY A 20 9.19 -9.77 3.01
C GLY A 20 10.56 -9.33 2.54
N ARG A 21 10.60 -8.49 1.51
CA ARG A 21 11.85 -8.00 0.98
C ARG A 21 11.62 -6.79 0.06
N THR A 22 12.66 -5.98 -0.11
CA THR A 22 12.56 -4.80 -0.95
C THR A 22 13.43 -4.94 -2.21
N GLU A 23 14.47 -5.75 -2.10
CA GLU A 23 15.38 -5.97 -3.23
C GLU A 23 14.65 -6.66 -4.38
N GLY A 24 14.48 -5.93 -5.48
CA GLY A 24 13.80 -6.49 -6.63
C GLY A 24 12.31 -6.23 -6.61
N VAL A 25 11.78 -5.89 -5.44
CA VAL A 25 10.36 -5.61 -5.29
C VAL A 25 10.08 -4.11 -5.39
N VAL A 26 10.92 -3.30 -4.75
CA VAL A 26 10.76 -1.85 -4.79
C VAL A 26 10.64 -1.35 -6.22
N GLU A 27 11.37 -1.97 -7.13
CA GLU A 27 11.35 -1.57 -8.53
C GLU A 27 9.99 -1.86 -9.15
N THR A 28 9.35 -2.94 -8.69
CA THR A 28 8.05 -3.34 -9.21
C THR A 28 6.99 -2.28 -8.89
N VAL A 29 6.73 -2.07 -7.60
CA VAL A 29 5.76 -1.09 -7.17
C VAL A 29 6.12 0.30 -7.68
N LEU A 30 7.39 0.64 -7.61
CA LEU A 30 7.86 1.94 -8.07
C LEU A 30 7.37 2.23 -9.49
N ALA A 31 7.34 1.20 -10.31
CA ALA A 31 6.89 1.34 -11.69
C ALA A 31 5.39 1.59 -11.75
N ALA A 32 4.66 1.02 -10.80
CA ALA A 32 3.21 1.19 -10.76
C ALA A 32 2.84 2.60 -10.32
N ASN A 33 3.65 3.17 -9.45
CA ASN A 33 3.40 4.52 -8.94
C ASN A 33 4.53 5.47 -9.34
N PRO A 34 4.60 5.78 -10.65
CA PRO A 34 5.62 6.67 -11.19
C PRO A 34 5.40 8.12 -10.77
N GLY A 35 6.50 8.84 -10.55
CA GLY A 35 6.41 10.23 -10.14
C GLY A 35 6.37 10.39 -8.63
N LEU A 36 6.13 9.28 -7.92
CA LEU A 36 6.05 9.30 -6.48
C LEU A 36 7.44 9.32 -5.86
N ALA A 37 8.44 8.99 -6.66
CA ALA A 37 9.83 8.97 -6.20
C ALA A 37 10.25 10.34 -5.68
N GLU A 38 9.54 11.38 -6.12
CA GLU A 38 9.85 12.74 -5.71
C GLU A 38 9.08 13.10 -4.44
N LEU A 39 8.11 12.27 -4.08
CA LEU A 39 7.32 12.49 -2.88
C LEU A 39 8.20 12.74 -1.67
N GLY A 40 9.13 11.82 -1.43
CA GLY A 40 10.03 11.96 -0.30
C GLY A 40 10.27 10.64 0.41
N ALA A 41 10.65 10.72 1.69
CA ALA A 41 10.92 9.52 2.47
C ALA A 41 9.62 8.80 2.82
N VAL A 42 8.88 9.35 3.78
CA VAL A 42 7.61 8.75 4.21
C VAL A 42 6.45 9.31 3.40
N LEU A 43 5.56 8.41 2.97
CA LEU A 43 4.40 8.80 2.18
C LEU A 43 3.30 9.38 3.08
N PRO A 44 2.47 10.26 2.50
CA PRO A 44 1.37 10.90 3.23
C PRO A 44 0.25 9.92 3.56
N HIS A 45 -0.17 9.91 4.82
CA HIS A 45 -1.24 9.01 5.27
C HIS A 45 -2.45 9.12 4.36
N GLY A 46 -2.64 8.10 3.52
CA GLY A 46 -3.77 8.10 2.60
C GLY A 46 -3.34 7.85 1.17
N THR A 47 -2.06 7.58 0.97
CA THR A 47 -1.52 7.32 -0.37
C THR A 47 -2.01 5.98 -0.91
N ALA A 48 -2.60 6.00 -2.10
CA ALA A 48 -3.09 4.79 -2.72
C ALA A 48 -2.01 4.11 -3.55
N VAL A 49 -1.41 3.07 -3.00
CA VAL A 49 -0.35 2.33 -3.70
C VAL A 49 -0.84 0.95 -4.12
N GLU A 50 -0.53 0.58 -5.36
CA GLU A 50 -0.92 -0.72 -5.89
C GLU A 50 0.15 -1.78 -5.62
N LEU A 51 -0.28 -2.99 -5.30
CA LEU A 51 0.64 -4.09 -5.03
C LEU A 51 0.65 -5.09 -6.17
N PRO A 52 1.56 -4.92 -7.12
CA PRO A 52 1.69 -5.81 -8.28
C PRO A 52 2.21 -7.19 -7.90
N ASP A 53 2.00 -8.17 -8.78
CA ASP A 53 2.46 -9.53 -8.52
C ASP A 53 1.85 -10.07 -7.24
N VAL A 54 0.69 -9.54 -6.86
CA VAL A 54 0.00 -9.98 -5.65
C VAL A 54 -1.30 -10.69 -5.99
N GLN A 55 -1.62 -11.72 -5.20
CA GLN A 55 -2.84 -12.49 -5.42
C GLN A 55 -3.89 -12.17 -4.36
N THR A 56 -4.97 -12.94 -4.35
CA THR A 56 -6.04 -12.74 -3.37
C THR A 56 -5.49 -12.69 -1.95
N ALA A 57 -6.22 -12.02 -1.06
CA ALA A 57 -5.81 -11.91 0.33
C ALA A 57 -6.93 -12.33 1.27
N PRO A 58 -6.58 -12.66 2.52
CA PRO A 58 -7.54 -13.08 3.54
C PRO A 58 -8.44 -11.94 3.99
N VAL A 59 -9.23 -12.19 5.03
CA VAL A 59 -10.14 -11.17 5.55
C VAL A 59 -9.40 -9.87 5.85
N ALA A 60 -9.90 -8.78 5.31
CA ALA A 60 -9.29 -7.47 5.51
C ALA A 60 -10.35 -6.41 5.82
N GLU A 61 -9.92 -5.15 5.82
CA GLU A 61 -10.84 -4.05 6.09
C GLU A 61 -12.04 -4.08 5.16
N THR A 62 -13.02 -3.23 5.42
CA THR A 62 -14.22 -3.15 4.60
C THR A 62 -14.92 -1.82 4.77
N VAL A 63 -15.35 -1.23 3.65
CA VAL A 63 -16.03 0.05 3.67
C VAL A 63 -17.47 -0.09 3.17
N ASN A 64 -17.71 -1.10 2.35
CA ASN A 64 -19.04 -1.34 1.81
C ASN A 64 -19.94 -1.99 2.85
N LEU A 65 -20.24 -1.25 3.91
CA LEU A 65 -21.09 -1.75 4.98
C LEU A 65 -21.72 -0.61 5.76
N TRP A 66 -22.92 -0.83 6.27
CA TRP A 66 -23.64 0.18 7.03
C TRP A 66 -22.76 0.73 8.16
N GLU A 67 -22.22 1.93 7.95
CA GLU A 67 -21.36 2.56 8.96
C GLU A 67 -21.85 3.97 9.27
N VAL A 68 -22.56 4.11 10.37
CA VAL A 68 -23.08 5.41 10.78
C VAL A 68 -22.17 6.08 11.81
N GLU A 69 -20.86 6.01 11.56
CA GLU A 69 -19.87 6.60 12.47
C GLU A 69 -18.83 7.39 11.70
N HIS A 70 -19.12 8.66 11.44
CA HIS A 70 -18.21 9.52 10.71
C HIS A 70 -17.97 9.00 9.30
N HIS A 71 -18.96 8.27 8.77
CA HIS A 71 -18.86 7.71 7.42
C HIS A 71 -17.57 6.92 7.26
N MET A 1 -5.56 -6.33 2.19
CA MET A 1 -4.26 -6.53 2.83
C MET A 1 -3.52 -5.21 2.97
N LYS A 2 -3.73 -4.54 4.10
CA LYS A 2 -3.08 -3.25 4.37
C LYS A 2 -2.37 -3.28 5.71
N THR A 3 -1.30 -2.49 5.83
CA THR A 3 -0.54 -2.42 7.07
C THR A 3 0.00 -1.00 7.29
N PHE A 4 0.20 -0.65 8.56
CA PHE A 4 0.71 0.67 8.91
C PHE A 4 2.21 0.76 8.64
N ALA A 5 2.62 1.81 7.94
CA ALA A 5 4.01 2.01 7.61
C ALA A 5 4.78 2.57 8.80
N LEU A 6 6.07 2.25 8.89
CA LEU A 6 6.91 2.72 9.98
C LEU A 6 8.35 2.90 9.52
N GLN A 7 9.22 3.27 10.46
CA GLN A 7 10.63 3.47 10.15
C GLN A 7 11.21 2.26 9.43
N GLY A 8 11.80 2.50 8.25
CA GLY A 8 12.38 1.42 7.48
C GLY A 8 11.35 0.38 7.07
N ASP A 9 10.10 0.79 7.00
CA ASP A 9 9.02 -0.11 6.61
C ASP A 9 8.22 0.47 5.45
N THR A 10 8.86 1.33 4.67
CA THR A 10 8.20 1.96 3.53
C THR A 10 8.00 0.96 2.39
N LEU A 11 7.38 1.43 1.31
CA LEU A 11 7.13 0.57 0.16
C LEU A 11 8.39 -0.16 -0.26
N ASP A 12 9.53 0.53 -0.20
CA ASP A 12 10.81 -0.07 -0.58
C ASP A 12 11.03 -1.37 0.17
N ALA A 13 10.66 -1.39 1.44
CA ALA A 13 10.83 -2.58 2.28
C ALA A 13 9.63 -3.51 2.16
N ILE A 14 8.44 -2.95 2.37
CA ILE A 14 7.21 -3.73 2.29
C ILE A 14 7.15 -4.52 0.98
N CYS A 15 7.36 -3.83 -0.14
CA CYS A 15 7.33 -4.48 -1.45
C CYS A 15 8.30 -5.66 -1.49
N VAL A 16 9.35 -5.59 -0.68
CA VAL A 16 10.35 -6.65 -0.63
C VAL A 16 9.94 -7.73 0.35
N ARG A 17 9.22 -7.34 1.39
CA ARG A 17 8.78 -8.29 2.41
C ARG A 17 7.46 -8.95 2.00
N TYR A 18 6.84 -8.42 0.95
CA TYR A 18 5.59 -8.97 0.45
C TYR A 18 5.80 -9.69 -0.88
N TYR A 19 6.24 -8.96 -1.88
CA TYR A 19 6.48 -9.53 -3.20
C TYR A 19 7.94 -9.95 -3.36
N GLY A 20 8.83 -9.16 -2.77
CA GLY A 20 10.25 -9.46 -2.86
C GLY A 20 10.93 -8.71 -3.99
N ARG A 21 10.37 -7.58 -4.38
CA ARG A 21 10.92 -6.77 -5.46
C ARG A 21 10.30 -5.38 -5.47
N THR A 22 10.98 -4.45 -6.13
CA THR A 22 10.50 -3.07 -6.22
C THR A 22 10.22 -2.68 -7.67
N GLU A 23 10.94 -3.30 -8.59
CA GLU A 23 10.77 -3.01 -10.02
C GLU A 23 9.43 -3.56 -10.52
N GLY A 24 8.52 -2.65 -10.88
CA GLY A 24 7.21 -3.06 -11.37
C GLY A 24 6.15 -3.07 -10.28
N VAL A 25 6.60 -3.08 -9.03
CA VAL A 25 5.69 -3.09 -7.89
C VAL A 25 5.51 -1.69 -7.32
N VAL A 26 6.61 -0.94 -7.23
CA VAL A 26 6.57 0.41 -6.70
C VAL A 26 5.58 1.27 -7.47
N GLU A 27 5.32 0.90 -8.72
CA GLU A 27 4.39 1.65 -9.55
C GLU A 27 2.94 1.27 -9.23
N THR A 28 2.75 0.02 -8.82
CA THR A 28 1.42 -0.47 -8.48
C THR A 28 0.89 0.20 -7.23
N VAL A 29 1.58 0.00 -6.11
CA VAL A 29 1.18 0.60 -4.84
C VAL A 29 1.03 2.10 -4.97
N LEU A 30 1.76 2.69 -5.91
CA LEU A 30 1.71 4.14 -6.13
C LEU A 30 0.36 4.55 -6.71
N ALA A 31 -0.26 3.64 -7.45
CA ALA A 31 -1.56 3.91 -8.06
C ALA A 31 -2.69 3.66 -7.07
N ALA A 32 -2.47 2.73 -6.15
CA ALA A 32 -3.47 2.38 -5.15
C ALA A 32 -3.37 3.31 -3.95
N ASN A 33 -2.18 3.86 -3.71
CA ASN A 33 -1.96 4.76 -2.59
C ASN A 33 -1.33 6.07 -3.07
N PRO A 34 -2.15 6.92 -3.71
CA PRO A 34 -1.69 8.21 -4.23
C PRO A 34 -1.39 9.21 -3.11
N GLY A 35 -0.53 10.17 -3.41
CA GLY A 35 -0.17 11.17 -2.42
C GLY A 35 0.92 10.69 -1.48
N LEU A 36 1.32 9.43 -1.64
CA LEU A 36 2.35 8.84 -0.79
C LEU A 36 3.74 9.21 -1.29
N ALA A 37 3.88 9.30 -2.62
CA ALA A 37 5.15 9.65 -3.23
C ALA A 37 5.58 11.06 -2.85
N GLU A 38 4.61 11.90 -2.51
CA GLU A 38 4.89 13.28 -2.12
C GLU A 38 5.13 13.39 -0.63
N LEU A 39 4.89 12.29 0.09
CA LEU A 39 5.09 12.26 1.54
C LEU A 39 6.49 12.76 1.91
N GLY A 40 7.50 12.15 1.29
CA GLY A 40 8.87 12.55 1.57
C GLY A 40 9.86 11.42 1.35
N ALA A 41 10.98 11.46 2.07
CA ALA A 41 12.00 10.44 1.93
C ALA A 41 11.55 9.13 2.56
N VAL A 42 11.14 9.19 3.83
CA VAL A 42 10.68 8.01 4.54
C VAL A 42 9.26 8.19 5.05
N LEU A 43 8.43 7.17 4.86
CA LEU A 43 7.04 7.21 5.29
C LEU A 43 6.94 7.42 6.80
N PRO A 44 5.77 7.87 7.27
CA PRO A 44 5.52 8.12 8.68
C PRO A 44 5.44 6.83 9.50
N HIS A 45 5.05 6.96 10.75
CA HIS A 45 4.92 5.79 11.63
C HIS A 45 3.50 5.68 12.18
N GLY A 46 2.62 5.08 11.40
CA GLY A 46 1.24 4.91 11.82
C GLY A 46 0.26 5.00 10.66
N THR A 47 0.73 5.52 9.53
CA THR A 47 -0.10 5.66 8.35
C THR A 47 -0.36 4.32 7.68
N ALA A 48 -1.63 4.00 7.47
CA ALA A 48 -2.00 2.73 6.84
C ALA A 48 -1.52 2.68 5.40
N VAL A 49 -1.33 1.46 4.89
CA VAL A 49 -0.86 1.28 3.52
C VAL A 49 -1.42 -0.01 2.92
N GLU A 50 -2.14 0.12 1.82
CA GLU A 50 -2.73 -1.03 1.15
C GLU A 50 -1.71 -1.70 0.22
N LEU A 51 -1.85 -3.01 0.06
CA LEU A 51 -0.95 -3.78 -0.80
C LEU A 51 -1.70 -4.39 -1.97
N PRO A 52 -1.71 -3.66 -3.11
CA PRO A 52 -2.40 -4.12 -4.32
C PRO A 52 -1.68 -5.30 -4.97
N ASP A 53 -2.41 -6.03 -5.81
CA ASP A 53 -1.86 -7.19 -6.50
C ASP A 53 -1.46 -8.27 -5.50
N VAL A 54 -2.30 -8.47 -4.49
CA VAL A 54 -2.03 -9.48 -3.47
C VAL A 54 -3.23 -10.42 -3.31
N GLN A 55 -2.94 -11.69 -3.06
CA GLN A 55 -3.99 -12.69 -2.88
C GLN A 55 -3.80 -13.46 -1.57
N THR A 56 -4.78 -14.28 -1.22
CA THR A 56 -4.72 -15.07 0.00
C THR A 56 -4.70 -14.17 1.23
N ALA A 57 -5.58 -13.17 1.24
CA ALA A 57 -5.67 -12.25 2.36
C ALA A 57 -7.12 -11.99 2.75
N PRO A 58 -7.33 -11.50 3.98
CA PRO A 58 -8.67 -11.19 4.49
C PRO A 58 -9.30 -10.00 3.80
N VAL A 59 -10.59 -9.79 4.02
CA VAL A 59 -11.31 -8.68 3.42
C VAL A 59 -12.08 -7.89 4.48
N ALA A 60 -11.82 -6.59 4.55
CA ALA A 60 -12.49 -5.72 5.50
C ALA A 60 -13.91 -5.39 5.05
N GLU A 61 -14.87 -5.51 5.98
CA GLU A 61 -16.26 -5.22 5.67
C GLU A 61 -16.71 -3.93 6.35
N THR A 62 -15.81 -2.97 6.45
CA THR A 62 -16.11 -1.70 7.07
C THR A 62 -15.73 -0.52 6.16
N VAL A 63 -16.65 -0.16 5.27
CA VAL A 63 -16.41 0.94 4.34
C VAL A 63 -17.71 1.70 4.06
N ASN A 64 -17.67 3.02 4.25
CA ASN A 64 -18.84 3.86 4.02
C ASN A 64 -18.62 4.75 2.80
N LEU A 65 -18.37 4.13 1.66
CA LEU A 65 -18.15 4.88 0.41
C LEU A 65 -18.88 4.22 -0.75
N TRP A 66 -18.74 4.82 -1.94
CA TRP A 66 -19.39 4.30 -3.12
C TRP A 66 -18.36 3.93 -4.19
N GLU A 67 -18.04 2.65 -4.30
CA GLU A 67 -17.08 2.18 -5.28
C GLU A 67 -17.70 1.15 -6.21
N VAL A 68 -19.02 1.25 -6.41
CA VAL A 68 -19.74 0.33 -7.28
C VAL A 68 -20.06 0.98 -8.62
N GLU A 69 -20.20 2.31 -8.60
CA GLU A 69 -20.52 3.05 -9.82
C GLU A 69 -19.28 3.80 -10.33
N HIS A 70 -18.15 3.12 -10.34
CA HIS A 70 -16.91 3.73 -10.79
C HIS A 70 -16.38 3.00 -12.03
N HIS A 71 -16.90 3.36 -13.19
CA HIS A 71 -16.49 2.74 -14.45
C HIS A 71 -16.65 1.22 -14.39
N MET A 1 -3.84 -5.36 -9.48
CA MET A 1 -3.90 -5.37 -8.02
C MET A 1 -3.21 -4.15 -7.44
N LYS A 2 -3.92 -3.03 -7.39
CA LYS A 2 -3.36 -1.79 -6.85
C LYS A 2 -4.31 -1.19 -5.81
N THR A 3 -3.73 -0.47 -4.86
CA THR A 3 -4.52 0.16 -3.80
C THR A 3 -3.99 1.56 -3.49
N PHE A 4 -4.82 2.36 -2.83
CA PHE A 4 -4.44 3.73 -2.48
C PHE A 4 -3.50 3.74 -1.29
N ALA A 5 -2.54 4.67 -1.30
CA ALA A 5 -1.57 4.78 -0.21
C ALA A 5 -2.01 5.82 0.80
N LEU A 6 -2.53 5.36 1.93
CA LEU A 6 -2.98 6.25 2.99
C LEU A 6 -1.94 6.36 4.10
N GLN A 7 -2.28 7.09 5.16
CA GLN A 7 -1.37 7.28 6.28
C GLN A 7 -0.86 5.93 6.79
N GLY A 8 0.46 5.74 6.72
CA GLY A 8 1.05 4.50 7.18
C GLY A 8 0.74 3.33 6.26
N ASP A 9 0.42 3.64 5.01
CA ASP A 9 0.10 2.61 4.03
C ASP A 9 0.97 2.75 2.79
N THR A 10 2.14 3.36 2.96
CA THR A 10 3.06 3.56 1.85
C THR A 10 3.68 2.25 1.39
N LEU A 11 4.52 2.31 0.37
CA LEU A 11 5.18 1.12 -0.16
C LEU A 11 5.83 0.31 0.96
N ASP A 12 6.55 1.00 1.85
CA ASP A 12 7.21 0.36 2.96
C ASP A 12 6.23 -0.48 3.77
N ALA A 13 4.98 -0.03 3.82
CA ALA A 13 3.94 -0.74 4.56
C ALA A 13 3.27 -1.79 3.69
N ILE A 14 2.73 -1.36 2.57
CA ILE A 14 2.06 -2.28 1.65
C ILE A 14 2.95 -3.46 1.30
N CYS A 15 4.26 -3.23 1.32
CA CYS A 15 5.22 -4.28 1.00
C CYS A 15 5.35 -5.26 2.15
N VAL A 16 5.18 -4.76 3.37
CA VAL A 16 5.28 -5.59 4.56
C VAL A 16 3.95 -6.27 4.88
N ARG A 17 2.87 -5.68 4.37
CA ARG A 17 1.53 -6.22 4.60
C ARG A 17 1.18 -7.28 3.56
N TYR A 18 1.91 -7.26 2.44
CA TYR A 18 1.69 -8.22 1.37
C TYR A 18 2.79 -9.26 1.32
N TYR A 19 4.02 -8.80 1.07
CA TYR A 19 5.17 -9.69 0.99
C TYR A 19 5.79 -9.91 2.37
N GLY A 20 5.78 -8.85 3.18
CA GLY A 20 6.35 -8.94 4.51
C GLY A 20 7.81 -8.53 4.55
N ARG A 21 8.25 -7.82 3.51
CA ARG A 21 9.63 -7.38 3.43
C ARG A 21 9.80 -6.30 2.36
N THR A 22 10.89 -5.55 2.45
CA THR A 22 11.16 -4.48 1.48
C THR A 22 12.40 -4.80 0.64
N GLU A 23 13.27 -5.64 1.19
CA GLU A 23 14.50 -6.02 0.49
C GLU A 23 14.17 -6.80 -0.78
N GLY A 24 14.44 -6.19 -1.93
CA GLY A 24 14.18 -6.83 -3.20
C GLY A 24 12.77 -6.58 -3.69
N VAL A 25 11.95 -5.96 -2.85
CA VAL A 25 10.57 -5.66 -3.21
C VAL A 25 10.41 -4.19 -3.60
N VAL A 26 10.85 -3.30 -2.71
CA VAL A 26 10.76 -1.86 -2.95
C VAL A 26 11.35 -1.51 -4.32
N GLU A 27 12.41 -2.21 -4.70
CA GLU A 27 13.07 -1.97 -5.98
C GLU A 27 12.10 -2.16 -7.15
N THR A 28 11.31 -3.23 -7.06
CA THR A 28 10.33 -3.53 -8.10
C THR A 28 9.21 -2.50 -8.13
N VAL A 29 8.54 -2.33 -7.00
CA VAL A 29 7.44 -1.37 -6.89
C VAL A 29 7.88 0.01 -7.39
N LEU A 30 9.10 0.40 -7.06
CA LEU A 30 9.64 1.69 -7.47
C LEU A 30 9.80 1.76 -8.98
N ALA A 31 10.32 0.68 -9.57
CA ALA A 31 10.51 0.62 -11.01
C ALA A 31 9.19 0.72 -11.75
N ALA A 32 8.14 0.15 -11.16
CA ALA A 32 6.81 0.17 -11.77
C ALA A 32 6.13 1.52 -11.56
N ASN A 33 6.48 2.19 -10.46
CA ASN A 33 5.91 3.49 -10.14
C ASN A 33 7.01 4.55 -10.03
N PRO A 34 7.57 4.95 -11.17
CA PRO A 34 8.64 5.95 -11.22
C PRO A 34 8.12 7.35 -10.88
N GLY A 35 9.01 8.19 -10.36
CA GLY A 35 8.63 9.54 -10.00
C GLY A 35 8.23 9.66 -8.55
N LEU A 36 7.82 8.54 -7.95
CA LEU A 36 7.41 8.53 -6.55
C LEU A 36 8.55 8.95 -5.64
N ALA A 37 9.78 8.70 -6.09
CA ALA A 37 10.96 9.06 -5.30
C ALA A 37 11.02 10.56 -5.04
N GLU A 38 10.35 11.33 -5.91
CA GLU A 38 10.33 12.78 -5.77
C GLU A 38 9.15 13.22 -4.91
N LEU A 39 8.49 12.26 -4.27
CA LEU A 39 7.35 12.55 -3.42
C LEU A 39 7.81 13.07 -2.05
N GLY A 40 8.70 12.33 -1.41
CA GLY A 40 9.19 12.73 -0.11
C GLY A 40 9.27 11.58 0.87
N ALA A 41 8.21 11.40 1.65
CA ALA A 41 8.15 10.33 2.63
C ALA A 41 6.88 9.50 2.48
N VAL A 42 5.75 10.07 2.93
CA VAL A 42 4.47 9.38 2.83
C VAL A 42 3.66 9.89 1.65
N LEU A 43 2.94 9.00 0.99
CA LEU A 43 2.11 9.35 -0.15
C LEU A 43 0.76 9.90 0.28
N PRO A 44 0.16 10.74 -0.56
CA PRO A 44 -1.14 11.36 -0.27
C PRO A 44 -2.28 10.34 -0.34
N HIS A 45 -3.04 10.23 0.75
CA HIS A 45 -4.17 9.31 0.82
C HIS A 45 -5.09 9.47 -0.39
N GLY A 46 -5.03 8.51 -1.32
CA GLY A 46 -5.86 8.57 -2.49
C GLY A 46 -5.11 8.16 -3.75
N THR A 47 -3.79 8.07 -3.65
CA THR A 47 -2.95 7.69 -4.78
C THR A 47 -2.80 6.18 -4.85
N ALA A 48 -3.29 5.59 -5.93
CA ALA A 48 -3.19 4.14 -6.12
C ALA A 48 -1.76 3.73 -6.48
N VAL A 49 -1.38 2.52 -6.09
CA VAL A 49 -0.05 2.01 -6.38
C VAL A 49 -0.10 0.57 -6.85
N GLU A 50 0.53 0.30 -7.99
CA GLU A 50 0.55 -1.05 -8.56
C GLU A 50 1.48 -1.96 -7.75
N LEU A 51 1.04 -3.19 -7.53
CA LEU A 51 1.83 -4.16 -6.77
C LEU A 51 2.17 -5.37 -7.64
N PRO A 52 3.34 -5.33 -8.29
CA PRO A 52 3.81 -6.42 -9.15
C PRO A 52 4.18 -7.67 -8.36
N ASP A 53 4.14 -8.82 -9.03
CA ASP A 53 4.49 -10.08 -8.39
C ASP A 53 3.50 -10.41 -7.27
N VAL A 54 2.22 -10.17 -7.54
CA VAL A 54 1.17 -10.44 -6.55
C VAL A 54 0.12 -11.39 -7.12
N GLN A 55 -0.33 -12.32 -6.29
CA GLN A 55 -1.33 -13.29 -6.69
C GLN A 55 -2.56 -13.23 -5.79
N THR A 56 -3.73 -13.13 -6.39
CA THR A 56 -4.98 -13.06 -5.63
C THR A 56 -5.27 -14.38 -4.94
N ALA A 57 -5.88 -14.30 -3.77
CA ALA A 57 -6.23 -15.49 -3.00
C ALA A 57 -7.45 -15.26 -2.12
N PRO A 58 -8.10 -16.35 -1.69
CA PRO A 58 -9.28 -16.28 -0.85
C PRO A 58 -8.97 -15.81 0.56
N VAL A 59 -8.81 -14.49 0.72
CA VAL A 59 -8.50 -13.90 2.02
C VAL A 59 -9.73 -13.23 2.62
N ALA A 60 -9.86 -13.32 3.94
CA ALA A 60 -10.98 -12.72 4.63
C ALA A 60 -10.61 -11.34 5.18
N GLU A 61 -11.21 -10.30 4.59
CA GLU A 61 -10.96 -8.93 5.01
C GLU A 61 -12.24 -8.26 5.50
N THR A 62 -12.18 -7.67 6.69
CA THR A 62 -13.34 -7.00 7.26
C THR A 62 -12.90 -5.83 8.13
N VAL A 63 -13.82 -4.87 8.33
CA VAL A 63 -13.53 -3.71 9.16
C VAL A 63 -14.81 -2.97 9.53
N ASN A 64 -14.92 -2.60 10.80
CA ASN A 64 -16.10 -1.89 11.29
C ASN A 64 -15.73 -0.49 11.78
N LEU A 65 -15.86 0.49 10.91
CA LEU A 65 -15.54 1.88 11.25
C LEU A 65 -16.77 2.78 11.10
N TRP A 66 -17.88 2.36 11.70
CA TRP A 66 -19.12 3.12 11.63
C TRP A 66 -19.46 3.73 12.99
N GLU A 67 -18.82 3.22 14.03
CA GLU A 67 -19.07 3.70 15.38
C GLU A 67 -17.92 4.58 15.85
N VAL A 68 -17.32 5.33 14.93
CA VAL A 68 -16.21 6.21 15.24
C VAL A 68 -16.70 7.61 15.60
N GLU A 69 -17.87 7.97 15.07
CA GLU A 69 -18.46 9.28 15.33
C GLU A 69 -19.51 9.20 16.42
N HIS A 70 -19.06 9.14 17.68
CA HIS A 70 -19.96 9.06 18.81
C HIS A 70 -19.80 10.26 19.73
N HIS A 71 -20.92 10.81 20.19
CA HIS A 71 -20.89 11.97 21.07
C HIS A 71 -21.04 11.54 22.54
N MET A 1 -4.33 -2.30 -9.61
CA MET A 1 -4.85 -1.34 -8.64
C MET A 1 -3.80 -0.28 -8.30
N LYS A 2 -4.10 0.97 -8.62
CA LYS A 2 -3.19 2.07 -8.35
C LYS A 2 -3.93 3.25 -7.74
N THR A 3 -3.23 4.04 -6.93
CA THR A 3 -3.82 5.20 -6.29
C THR A 3 -2.80 6.33 -6.13
N PHE A 4 -3.29 7.56 -6.05
CA PHE A 4 -2.43 8.71 -5.90
C PHE A 4 -1.91 8.83 -4.47
N ALA A 5 -0.63 9.14 -4.33
CA ALA A 5 -0.01 9.29 -3.02
C ALA A 5 -0.30 10.65 -2.42
N LEU A 6 -0.29 10.73 -1.10
CA LEU A 6 -0.55 12.00 -0.40
C LEU A 6 0.21 12.05 0.93
N GLN A 7 0.00 13.13 1.67
CA GLN A 7 0.66 13.30 2.96
C GLN A 7 0.46 12.07 3.85
N GLY A 8 1.57 11.49 4.29
CA GLY A 8 1.49 10.32 5.15
C GLY A 8 0.78 9.16 4.47
N ASP A 9 0.77 9.16 3.14
CA ASP A 9 0.13 8.10 2.38
C ASP A 9 1.13 7.41 1.45
N THR A 10 2.40 7.46 1.83
CA THR A 10 3.45 6.84 1.03
C THR A 10 3.38 5.32 1.10
N LEU A 11 4.27 4.65 0.39
CA LEU A 11 4.31 3.19 0.37
C LEU A 11 4.31 2.64 1.80
N ASP A 12 5.10 3.26 2.66
CA ASP A 12 5.19 2.83 4.05
C ASP A 12 3.80 2.76 4.69
N ALA A 13 2.93 3.67 4.30
CA ALA A 13 1.58 3.71 4.83
C ALA A 13 0.64 2.82 4.03
N ILE A 14 0.58 3.05 2.72
CA ILE A 14 -0.27 2.27 1.84
C ILE A 14 -0.06 0.78 2.04
N CYS A 15 1.20 0.36 1.99
CA CYS A 15 1.55 -1.04 2.18
C CYS A 15 0.97 -1.58 3.49
N VAL A 16 0.82 -0.70 4.47
CA VAL A 16 0.28 -1.09 5.77
C VAL A 16 -1.25 -1.00 5.76
N ARG A 17 -1.79 -0.14 4.91
CA ARG A 17 -3.23 0.04 4.81
C ARG A 17 -3.84 -0.99 3.85
N TYR A 18 -2.99 -1.63 3.07
CA TYR A 18 -3.44 -2.63 2.11
C TYR A 18 -3.06 -4.03 2.55
N TYR A 19 -1.75 -4.28 2.67
CA TYR A 19 -1.26 -5.58 3.10
C TYR A 19 -1.08 -5.63 4.61
N GLY A 20 -0.66 -4.51 5.19
CA GLY A 20 -0.45 -4.45 6.63
C GLY A 20 0.98 -4.74 7.01
N ARG A 21 1.91 -4.53 6.08
CA ARG A 21 3.32 -4.78 6.34
C ARG A 21 4.19 -4.14 5.25
N THR A 22 5.48 -4.02 5.54
CA THR A 22 6.41 -3.41 4.58
C THR A 22 7.51 -4.40 4.21
N GLU A 23 7.88 -5.26 5.15
CA GLU A 23 8.92 -6.25 4.92
C GLU A 23 8.50 -7.23 3.82
N GLY A 24 9.18 -7.18 2.69
CA GLY A 24 8.87 -8.06 1.59
C GLY A 24 7.92 -7.43 0.59
N VAL A 25 7.14 -6.45 1.04
CA VAL A 25 6.20 -5.77 0.18
C VAL A 25 6.83 -4.54 -0.47
N VAL A 26 7.57 -3.78 0.32
CA VAL A 26 8.24 -2.57 -0.16
C VAL A 26 9.12 -2.89 -1.37
N GLU A 27 9.66 -4.11 -1.40
CA GLU A 27 10.52 -4.53 -2.50
C GLU A 27 9.71 -4.83 -3.75
N THR A 28 8.44 -5.20 -3.55
CA THR A 28 7.56 -5.52 -4.66
C THR A 28 7.14 -4.26 -5.41
N VAL A 29 6.41 -3.39 -4.72
CA VAL A 29 5.95 -2.14 -5.32
C VAL A 29 7.11 -1.34 -5.90
N LEU A 30 8.25 -1.37 -5.22
CA LEU A 30 9.43 -0.66 -5.67
C LEU A 30 9.84 -1.10 -7.07
N ALA A 31 9.93 -2.42 -7.26
CA ALA A 31 10.30 -2.97 -8.56
C ALA A 31 9.33 -2.54 -9.65
N ALA A 32 8.09 -2.24 -9.25
CA ALA A 32 7.07 -1.80 -10.20
C ALA A 32 7.12 -0.29 -10.38
N ASN A 33 7.62 0.42 -9.37
CA ASN A 33 7.72 1.88 -9.43
C ASN A 33 9.12 2.34 -9.07
N PRO A 34 10.07 2.14 -10.00
CA PRO A 34 11.46 2.54 -9.81
C PRO A 34 11.65 4.05 -9.81
N GLY A 35 12.18 4.58 -8.72
CA GLY A 35 12.40 6.01 -8.62
C GLY A 35 11.92 6.58 -7.30
N LEU A 36 11.04 5.85 -6.62
CA LEU A 36 10.50 6.28 -5.34
C LEU A 36 11.49 6.00 -4.21
N ALA A 37 12.14 4.84 -4.27
CA ALA A 37 13.11 4.46 -3.25
C ALA A 37 14.21 5.51 -3.12
N GLU A 38 14.69 6.01 -4.25
CA GLU A 38 15.74 7.02 -4.25
C GLU A 38 15.15 8.43 -4.21
N LEU A 39 13.84 8.50 -3.97
CA LEU A 39 13.16 9.78 -3.91
C LEU A 39 13.37 10.44 -2.54
N GLY A 40 13.15 9.67 -1.48
CA GLY A 40 13.33 10.20 -0.14
C GLY A 40 12.35 9.61 0.85
N ALA A 41 12.19 10.26 1.99
CA ALA A 41 11.28 9.80 3.03
C ALA A 41 9.83 9.81 2.52
N VAL A 42 9.30 11.01 2.32
CA VAL A 42 7.93 11.16 1.84
C VAL A 42 7.90 11.44 0.34
N LEU A 43 6.82 11.03 -0.31
CA LEU A 43 6.67 11.24 -1.75
C LEU A 43 5.72 12.41 -2.02
N PRO A 44 5.83 12.98 -3.24
CA PRO A 44 5.00 14.11 -3.65
C PRO A 44 3.54 13.70 -3.87
N HIS A 45 2.62 14.54 -3.42
CA HIS A 45 1.19 14.28 -3.56
C HIS A 45 0.80 14.21 -5.04
N GLY A 46 0.00 13.21 -5.40
CA GLY A 46 -0.43 13.06 -6.76
C GLY A 46 0.18 11.84 -7.43
N THR A 47 1.45 11.60 -7.17
CA THR A 47 2.16 10.47 -7.75
C THR A 47 1.42 9.16 -7.49
N ALA A 48 0.99 8.50 -8.55
CA ALA A 48 0.28 7.23 -8.43
C ALA A 48 1.22 6.08 -8.10
N VAL A 49 0.74 5.12 -7.32
CA VAL A 49 1.55 3.98 -6.93
C VAL A 49 0.86 2.67 -7.31
N GLU A 50 1.61 1.78 -7.94
CA GLU A 50 1.07 0.49 -8.36
C GLU A 50 1.11 -0.51 -7.22
N LEU A 51 -0.02 -1.16 -6.95
CA LEU A 51 -0.12 -2.14 -5.88
C LEU A 51 -0.22 -3.56 -6.44
N PRO A 52 0.94 -4.22 -6.58
CA PRO A 52 1.01 -5.58 -7.11
C PRO A 52 0.42 -6.60 -6.14
N ASP A 53 -0.18 -7.66 -6.69
CA ASP A 53 -0.77 -8.70 -5.87
C ASP A 53 -1.91 -8.16 -5.02
N VAL A 54 -2.90 -7.55 -5.68
CA VAL A 54 -4.05 -6.98 -4.99
C VAL A 54 -5.31 -7.10 -5.82
N GLN A 55 -6.44 -7.36 -5.16
CA GLN A 55 -7.72 -7.51 -5.85
C GLN A 55 -7.70 -8.73 -6.77
N THR A 56 -7.12 -9.83 -6.29
CA THR A 56 -7.04 -11.05 -7.07
C THR A 56 -7.84 -12.17 -6.41
N ALA A 57 -7.75 -13.36 -7.00
CA ALA A 57 -8.47 -14.53 -6.47
C ALA A 57 -8.16 -14.73 -4.99
N PRO A 58 -9.03 -15.48 -4.30
CA PRO A 58 -8.87 -15.77 -2.87
C PRO A 58 -7.70 -16.70 -2.60
N VAL A 59 -6.55 -16.13 -2.30
CA VAL A 59 -5.35 -16.91 -2.02
C VAL A 59 -4.83 -16.62 -0.61
N ALA A 60 -5.58 -17.06 0.39
CA ALA A 60 -5.20 -16.85 1.78
C ALA A 60 -6.21 -17.48 2.74
N GLU A 61 -5.71 -18.13 3.78
CA GLU A 61 -6.57 -18.78 4.77
C GLU A 61 -6.72 -17.91 6.02
N THR A 62 -7.26 -16.72 5.84
CA THR A 62 -7.46 -15.79 6.95
C THR A 62 -8.79 -15.05 6.82
N VAL A 63 -9.09 -14.21 7.80
CA VAL A 63 -10.32 -13.44 7.79
C VAL A 63 -10.26 -12.29 8.79
N ASN A 64 -10.64 -11.10 8.33
CA ASN A 64 -10.62 -9.91 9.18
C ASN A 64 -12.03 -9.39 9.42
N LEU A 65 -12.17 -8.45 10.34
CA LEU A 65 -13.46 -7.86 10.66
C LEU A 65 -13.31 -6.68 11.61
N TRP A 66 -14.24 -5.73 11.52
CA TRP A 66 -14.21 -4.56 12.38
C TRP A 66 -15.47 -4.46 13.23
N GLU A 67 -15.41 -3.68 14.29
CA GLU A 67 -16.55 -3.50 15.19
C GLU A 67 -16.52 -2.13 15.86
N VAL A 68 -17.39 -1.24 15.41
CA VAL A 68 -17.46 0.11 15.96
C VAL A 68 -18.74 0.30 16.79
N GLU A 69 -19.77 -0.47 16.45
CA GLU A 69 -21.05 -0.39 17.15
C GLU A 69 -20.93 -0.98 18.56
N HIS A 70 -20.46 -0.16 19.50
CA HIS A 70 -20.30 -0.61 20.88
C HIS A 70 -21.63 -0.53 21.63
N HIS A 71 -22.07 -1.66 22.15
CA HIS A 71 -23.32 -1.74 22.89
C HIS A 71 -24.47 -1.14 22.08
N MET A 1 -4.16 -7.06 3.92
CA MET A 1 -2.97 -7.05 4.76
C MET A 1 -2.46 -5.63 4.97
N LYS A 2 -2.21 -5.28 6.23
CA LYS A 2 -1.71 -3.96 6.57
C LYS A 2 -0.58 -4.04 7.59
N THR A 3 0.31 -3.05 7.55
CA THR A 3 1.44 -3.01 8.48
C THR A 3 2.03 -1.60 8.56
N PHE A 4 2.63 -1.29 9.71
CA PHE A 4 3.24 0.02 9.92
C PHE A 4 4.56 0.14 9.18
N ALA A 5 4.76 1.27 8.52
CA ALA A 5 5.99 1.51 7.76
C ALA A 5 7.05 2.17 8.63
N LEU A 6 8.11 1.42 8.92
CA LEU A 6 9.20 1.93 9.75
C LEU A 6 10.42 2.25 8.90
N GLN A 7 11.51 2.64 9.57
CA GLN A 7 12.74 2.98 8.87
C GLN A 7 13.15 1.88 7.91
N GLY A 8 13.31 2.23 6.63
CA GLY A 8 13.69 1.25 5.64
C GLY A 8 12.61 0.20 5.41
N ASP A 9 11.38 0.53 5.79
CA ASP A 9 10.27 -0.40 5.62
C ASP A 9 9.12 0.26 4.85
N THR A 10 9.47 1.26 4.05
CA THR A 10 8.47 1.98 3.26
C THR A 10 7.96 1.12 2.11
N LEU A 11 7.05 1.68 1.32
CA LEU A 11 6.48 0.97 0.18
C LEU A 11 7.57 0.35 -0.69
N ASP A 12 8.61 1.16 -0.96
CA ASP A 12 9.72 0.69 -1.78
C ASP A 12 10.32 -0.59 -1.21
N ALA A 13 10.28 -0.72 0.11
CA ALA A 13 10.81 -1.90 0.77
C ALA A 13 9.77 -3.00 0.86
N ILE A 14 8.64 -2.70 1.49
CA ILE A 14 7.56 -3.65 1.65
C ILE A 14 7.20 -4.30 0.32
N CYS A 15 7.12 -3.49 -0.73
CA CYS A 15 6.80 -3.99 -2.06
C CYS A 15 7.82 -5.01 -2.53
N VAL A 16 9.06 -4.85 -2.08
CA VAL A 16 10.13 -5.76 -2.46
C VAL A 16 10.19 -6.96 -1.52
N ARG A 17 9.72 -6.76 -0.29
CA ARG A 17 9.71 -7.83 0.70
C ARG A 17 8.46 -8.68 0.58
N TYR A 18 7.47 -8.19 -0.17
CA TYR A 18 6.23 -8.91 -0.37
C TYR A 18 6.12 -9.45 -1.79
N TYR A 19 6.12 -8.54 -2.76
CA TYR A 19 6.04 -8.93 -4.17
C TYR A 19 7.42 -9.10 -4.77
N GLY A 20 8.37 -8.26 -4.33
CA GLY A 20 9.72 -8.35 -4.84
C GLY A 20 9.96 -7.41 -6.01
N ARG A 21 9.15 -6.37 -6.11
CA ARG A 21 9.28 -5.40 -7.18
C ARG A 21 8.48 -4.13 -6.88
N THR A 22 8.76 -3.06 -7.60
CA THR A 22 8.07 -1.79 -7.41
C THR A 22 7.33 -1.37 -8.68
N GLU A 23 7.88 -1.73 -9.83
CA GLU A 23 7.27 -1.39 -11.11
C GLU A 23 5.97 -2.15 -11.31
N GLY A 24 4.87 -1.42 -11.44
CA GLY A 24 3.57 -2.03 -11.64
C GLY A 24 2.85 -2.29 -10.33
N VAL A 25 3.60 -2.28 -9.24
CA VAL A 25 3.01 -2.51 -7.92
C VAL A 25 2.75 -1.19 -7.20
N VAL A 26 3.76 -0.34 -7.15
CA VAL A 26 3.64 0.96 -6.50
C VAL A 26 2.42 1.71 -7.00
N GLU A 27 2.11 1.55 -8.28
CA GLU A 27 0.96 2.22 -8.88
C GLU A 27 -0.33 1.80 -8.21
N THR A 28 -0.38 0.56 -7.75
CA THR A 28 -1.56 0.03 -7.08
C THR A 28 -1.69 0.58 -5.67
N VAL A 29 -0.67 0.35 -4.85
CA VAL A 29 -0.67 0.82 -3.48
C VAL A 29 -0.97 2.32 -3.41
N LEU A 30 -0.44 3.07 -4.36
CA LEU A 30 -0.65 4.51 -4.41
C LEU A 30 -2.12 4.83 -4.69
N ALA A 31 -2.69 4.13 -5.68
CA ALA A 31 -4.08 4.33 -6.03
C ALA A 31 -5.01 4.04 -4.86
N ALA A 32 -4.55 3.21 -3.94
CA ALA A 32 -5.33 2.86 -2.76
C ALA A 32 -4.99 3.75 -1.58
N ASN A 33 -3.79 4.32 -1.61
CA ASN A 33 -3.33 5.20 -0.54
C ASN A 33 -2.68 6.46 -1.10
N PRO A 34 -3.50 7.36 -1.65
CA PRO A 34 -3.03 8.62 -2.24
C PRO A 34 -2.51 9.59 -1.18
N GLY A 35 -1.45 10.33 -1.53
CA GLY A 35 -0.88 11.28 -0.60
C GLY A 35 0.21 10.67 0.26
N LEU A 36 0.26 9.34 0.30
CA LEU A 36 1.26 8.63 1.09
C LEU A 36 2.59 8.58 0.36
N ALA A 37 2.54 8.38 -0.95
CA ALA A 37 3.76 8.32 -1.75
C ALA A 37 4.42 9.69 -1.87
N GLU A 38 3.63 10.74 -1.69
CA GLU A 38 4.13 12.10 -1.77
C GLU A 38 4.63 12.58 -0.40
N LEU A 39 4.70 11.66 0.54
CA LEU A 39 5.15 11.98 1.90
C LEU A 39 6.58 12.52 1.88
N GLY A 40 7.38 12.05 0.92
CA GLY A 40 8.75 12.49 0.81
C GLY A 40 9.73 11.42 1.26
N ALA A 41 10.59 11.77 2.23
CA ALA A 41 11.57 10.84 2.74
C ALA A 41 10.90 9.61 3.36
N VAL A 42 11.68 8.83 4.10
CA VAL A 42 11.17 7.63 4.75
C VAL A 42 9.91 7.93 5.55
N LEU A 43 8.95 7.02 5.51
CA LEU A 43 7.70 7.18 6.22
C LEU A 43 7.92 7.11 7.73
N PRO A 44 7.07 7.80 8.49
CA PRO A 44 7.15 7.83 9.96
C PRO A 44 6.75 6.49 10.58
N HIS A 45 7.68 5.91 11.34
CA HIS A 45 7.43 4.62 11.98
C HIS A 45 6.14 4.67 12.79
N GLY A 46 5.10 4.03 12.26
CA GLY A 46 3.82 4.01 12.95
C GLY A 46 2.65 4.16 11.99
N THR A 47 2.95 4.50 10.73
CA THR A 47 1.91 4.67 9.72
C THR A 47 1.62 3.35 9.01
N ALA A 48 0.39 2.87 9.15
CA ALA A 48 -0.03 1.63 8.53
C ALA A 48 -0.34 1.84 7.04
N VAL A 49 -0.05 0.82 6.23
CA VAL A 49 -0.30 0.90 4.80
C VAL A 49 -1.05 -0.33 4.30
N GLU A 50 -1.97 -0.12 3.38
CA GLU A 50 -2.76 -1.21 2.82
C GLU A 50 -2.00 -1.93 1.71
N LEU A 51 -1.89 -3.25 1.85
CA LEU A 51 -1.18 -4.05 0.85
C LEU A 51 -2.15 -4.88 0.03
N PRO A 52 -2.57 -4.32 -1.12
CA PRO A 52 -3.50 -4.99 -2.03
C PRO A 52 -2.87 -6.19 -2.73
N ASP A 53 -3.72 -7.13 -3.16
CA ASP A 53 -3.24 -8.32 -3.84
C ASP A 53 -2.35 -9.16 -2.92
N VAL A 54 -2.56 -9.02 -1.62
CA VAL A 54 -1.77 -9.76 -0.64
C VAL A 54 -2.65 -10.75 0.13
N GLN A 55 -2.06 -11.90 0.46
CA GLN A 55 -2.79 -12.94 1.19
C GLN A 55 -2.15 -13.19 2.55
N THR A 56 -2.59 -14.25 3.21
CA THR A 56 -2.06 -14.61 4.53
C THR A 56 -2.39 -13.53 5.55
N ALA A 57 -3.61 -13.02 5.50
CA ALA A 57 -4.04 -11.98 6.43
C ALA A 57 -5.47 -12.24 6.92
N PRO A 58 -5.83 -11.62 8.05
CA PRO A 58 -7.17 -11.78 8.64
C PRO A 58 -8.24 -11.10 7.81
N VAL A 59 -9.02 -11.90 7.08
CA VAL A 59 -10.09 -11.37 6.24
C VAL A 59 -11.01 -10.46 7.04
N ALA A 60 -11.61 -9.49 6.35
CA ALA A 60 -12.53 -8.55 6.99
C ALA A 60 -13.91 -8.60 6.36
N GLU A 61 -14.80 -7.73 6.82
CA GLU A 61 -16.16 -7.68 6.29
C GLU A 61 -16.49 -6.28 5.79
N THR A 62 -15.75 -5.83 4.78
CA THR A 62 -15.97 -4.51 4.20
C THR A 62 -15.48 -4.46 2.76
N VAL A 63 -16.11 -3.60 1.96
CA VAL A 63 -15.73 -3.45 0.56
C VAL A 63 -16.28 -2.15 -0.02
N ASN A 64 -15.55 -1.58 -0.97
CA ASN A 64 -15.95 -0.32 -1.61
C ASN A 64 -16.19 -0.53 -3.10
N LEU A 65 -16.67 0.52 -3.77
CA LEU A 65 -16.94 0.46 -5.19
C LEU A 65 -16.92 1.86 -5.81
N TRP A 66 -16.50 1.94 -7.06
CA TRP A 66 -16.43 3.22 -7.77
C TRP A 66 -17.78 3.56 -8.39
N GLU A 67 -18.53 4.43 -7.71
CA GLU A 67 -19.83 4.85 -8.19
C GLU A 67 -19.86 6.35 -8.47
N VAL A 68 -18.72 6.89 -8.91
CA VAL A 68 -18.61 8.31 -9.21
C VAL A 68 -18.62 8.55 -10.71
N GLU A 69 -18.13 7.57 -11.46
CA GLU A 69 -18.09 7.68 -12.92
C GLU A 69 -19.48 7.94 -13.49
N HIS A 70 -19.73 9.20 -13.85
CA HIS A 70 -21.02 9.58 -14.41
C HIS A 70 -21.05 9.37 -15.92
N HIS A 71 -22.21 8.97 -16.45
CA HIS A 71 -22.35 8.73 -17.87
C HIS A 71 -22.50 10.04 -18.63
N MET A 1 -6.24 -3.47 3.81
CA MET A 1 -4.89 -3.92 4.09
C MET A 1 -3.90 -2.78 4.03
N LYS A 2 -3.69 -2.11 5.15
CA LYS A 2 -2.76 -0.98 5.22
C LYS A 2 -1.90 -1.07 6.47
N THR A 3 -0.69 -0.53 6.39
CA THR A 3 0.24 -0.54 7.50
C THR A 3 1.07 0.74 7.55
N PHE A 4 1.55 1.08 8.74
CA PHE A 4 2.36 2.28 8.93
C PHE A 4 3.78 2.06 8.41
N ALA A 5 4.29 3.04 7.67
CA ALA A 5 5.64 2.96 7.12
C ALA A 5 6.67 3.49 8.10
N LEU A 6 7.36 2.58 8.78
CA LEU A 6 8.38 2.96 9.75
C LEU A 6 9.78 2.87 9.15
N GLN A 7 10.80 3.12 9.97
CA GLN A 7 12.18 3.06 9.51
C GLN A 7 12.47 1.73 8.80
N GLY A 8 12.79 1.82 7.52
CA GLY A 8 13.09 0.62 6.75
C GLY A 8 11.85 -0.21 6.48
N ASP A 9 10.69 0.44 6.49
CA ASP A 9 9.43 -0.25 6.24
C ASP A 9 8.66 0.42 5.10
N THR A 10 9.39 1.09 4.22
CA THR A 10 8.78 1.77 3.08
C THR A 10 8.25 0.79 2.05
N LEU A 11 7.65 1.30 0.99
CA LEU A 11 7.10 0.45 -0.06
C LEU A 11 8.13 -0.56 -0.53
N ASP A 12 9.35 -0.10 -0.77
CA ASP A 12 10.43 -0.97 -1.22
C ASP A 12 10.62 -2.15 -0.27
N ALA A 13 10.33 -1.91 1.01
CA ALA A 13 10.47 -2.94 2.03
C ALA A 13 9.20 -3.78 2.13
N ILE A 14 8.08 -3.12 2.43
CA ILE A 14 6.80 -3.80 2.56
C ILE A 14 6.52 -4.68 1.35
N CYS A 15 6.77 -4.14 0.16
CA CYS A 15 6.54 -4.88 -1.08
C CYS A 15 7.34 -6.18 -1.09
N VAL A 16 8.46 -6.18 -0.38
CA VAL A 16 9.32 -7.35 -0.31
C VAL A 16 8.87 -8.29 0.80
N ARG A 17 8.29 -7.73 1.85
CA ARG A 17 7.81 -8.53 2.98
C ARG A 17 6.40 -9.05 2.72
N TYR A 18 5.77 -8.53 1.68
CA TYR A 18 4.41 -8.93 1.33
C TYR A 18 4.41 -9.78 0.06
N TYR A 19 4.85 -9.18 -1.05
CA TYR A 19 4.91 -9.88 -2.32
C TYR A 19 6.28 -10.50 -2.55
N GLY A 20 7.33 -9.81 -2.09
CA GLY A 20 8.67 -10.31 -2.26
C GLY A 20 9.35 -9.77 -3.51
N ARG A 21 8.88 -8.63 -3.97
CA ARG A 21 9.43 -8.00 -5.17
C ARG A 21 8.97 -6.55 -5.30
N THR A 22 9.73 -5.76 -6.05
CA THR A 22 9.40 -4.36 -6.25
C THR A 22 9.06 -4.07 -7.72
N GLU A 23 9.66 -4.85 -8.61
CA GLU A 23 9.42 -4.69 -10.04
C GLU A 23 7.97 -5.00 -10.39
N GLY A 24 7.23 -3.97 -10.78
CA GLY A 24 5.83 -4.17 -11.14
C GLY A 24 4.89 -3.94 -9.97
N VAL A 25 5.44 -4.01 -8.76
CA VAL A 25 4.64 -3.82 -7.55
C VAL A 25 4.70 -2.36 -7.08
N VAL A 26 5.91 -1.81 -7.03
CA VAL A 26 6.09 -0.43 -6.60
C VAL A 26 5.24 0.53 -7.43
N GLU A 27 5.05 0.19 -8.70
CA GLU A 27 4.25 1.01 -9.60
C GLU A 27 2.79 1.00 -9.19
N THR A 28 2.37 -0.08 -8.53
CA THR A 28 0.99 -0.22 -8.09
C THR A 28 0.71 0.65 -6.87
N VAL A 29 1.51 0.47 -5.82
CA VAL A 29 1.34 1.24 -4.60
C VAL A 29 1.44 2.74 -4.88
N LEU A 30 2.47 3.13 -5.62
CA LEU A 30 2.68 4.54 -5.95
C LEU A 30 1.43 5.13 -6.58
N ALA A 31 0.71 4.33 -7.36
CA ALA A 31 -0.51 4.78 -8.01
C ALA A 31 -1.63 4.98 -7.00
N ALA A 32 -1.62 4.17 -5.95
CA ALA A 32 -2.63 4.25 -4.90
C ALA A 32 -2.37 5.42 -3.97
N ASN A 33 -1.09 5.76 -3.79
CA ASN A 33 -0.71 6.86 -2.93
C ASN A 33 0.19 7.85 -3.67
N PRO A 34 -0.40 8.63 -4.58
CA PRO A 34 0.33 9.62 -5.37
C PRO A 34 0.80 10.81 -4.53
N GLY A 35 1.86 11.46 -4.99
CA GLY A 35 2.39 12.60 -4.27
C GLY A 35 3.49 12.22 -3.30
N LEU A 36 3.51 10.95 -2.89
CA LEU A 36 4.51 10.45 -1.96
C LEU A 36 5.91 10.61 -2.55
N ALA A 37 6.01 10.50 -3.87
CA ALA A 37 7.29 10.64 -4.55
C ALA A 37 7.97 11.96 -4.20
N GLU A 38 7.16 12.95 -3.83
CA GLU A 38 7.68 14.27 -3.47
C GLU A 38 8.14 14.29 -2.01
N LEU A 39 7.54 13.42 -1.20
CA LEU A 39 7.87 13.35 0.22
C LEU A 39 9.38 13.20 0.42
N GLY A 40 9.97 12.21 -0.25
CA GLY A 40 11.39 11.98 -0.15
C GLY A 40 11.76 10.52 -0.31
N ALA A 41 12.69 10.04 0.50
CA ALA A 41 13.13 8.65 0.43
C ALA A 41 12.27 7.76 1.32
N VAL A 42 12.50 7.84 2.63
CA VAL A 42 11.75 7.04 3.59
C VAL A 42 10.54 7.81 4.12
N LEU A 43 9.44 7.10 4.31
CA LEU A 43 8.21 7.71 4.81
C LEU A 43 8.27 7.88 6.32
N PRO A 44 7.54 8.89 6.83
CA PRO A 44 7.49 9.19 8.27
C PRO A 44 6.73 8.12 9.05
N HIS A 45 7.39 7.59 10.09
CA HIS A 45 6.77 6.56 10.92
C HIS A 45 5.39 6.99 11.40
N GLY A 46 4.39 6.15 11.18
CA GLY A 46 3.05 6.47 11.60
C GLY A 46 2.10 6.66 10.42
N THR A 47 2.67 6.76 9.22
CA THR A 47 1.88 6.96 8.02
C THR A 47 1.47 5.62 7.41
N ALA A 48 0.16 5.36 7.39
CA ALA A 48 -0.36 4.12 6.84
C ALA A 48 -0.25 4.11 5.32
N VAL A 49 -0.15 2.91 4.74
CA VAL A 49 -0.03 2.77 3.30
C VAL A 49 -0.90 1.61 2.79
N GLU A 50 -1.77 1.92 1.82
CA GLU A 50 -2.65 0.91 1.25
C GLU A 50 -1.87 -0.10 0.42
N LEU A 51 -2.21 -1.38 0.57
CA LEU A 51 -1.53 -2.44 -0.16
C LEU A 51 -2.45 -3.05 -1.22
N PRO A 52 -2.38 -2.52 -2.45
CA PRO A 52 -3.20 -2.99 -3.57
C PRO A 52 -2.80 -4.39 -4.02
N ASP A 53 -3.70 -5.06 -4.74
CA ASP A 53 -3.44 -6.40 -5.25
C ASP A 53 -3.14 -7.36 -4.10
N VAL A 54 -3.81 -7.16 -2.98
CA VAL A 54 -3.62 -8.01 -1.81
C VAL A 54 -4.91 -8.75 -1.45
N GLN A 55 -4.75 -9.99 -0.98
CA GLN A 55 -5.90 -10.80 -0.61
C GLN A 55 -6.32 -10.52 0.83
N THR A 56 -7.55 -10.92 1.17
CA THR A 56 -8.07 -10.70 2.51
C THR A 56 -7.11 -11.22 3.57
N ALA A 57 -7.31 -10.81 4.81
CA ALA A 57 -6.46 -11.23 5.91
C ALA A 57 -7.19 -11.11 7.25
N PRO A 58 -6.68 -11.83 8.26
CA PRO A 58 -7.28 -11.82 9.60
C PRO A 58 -7.07 -10.50 10.32
N VAL A 59 -7.87 -9.50 9.96
CA VAL A 59 -7.78 -8.18 10.57
C VAL A 59 -9.14 -7.48 10.58
N ALA A 60 -9.40 -6.73 11.64
CA ALA A 60 -10.66 -6.00 11.77
C ALA A 60 -10.70 -4.80 10.84
N GLU A 61 -11.40 -4.95 9.71
CA GLU A 61 -11.52 -3.88 8.73
C GLU A 61 -12.88 -3.92 8.04
N THR A 62 -13.04 -3.08 7.02
CA THR A 62 -14.29 -3.02 6.27
C THR A 62 -14.03 -2.81 4.79
N VAL A 63 -15.10 -2.69 4.02
CA VAL A 63 -15.00 -2.49 2.58
C VAL A 63 -16.37 -2.24 1.95
N ASN A 64 -16.38 -1.49 0.85
CA ASN A 64 -17.62 -1.18 0.15
C ASN A 64 -18.06 -2.35 -0.72
N LEU A 65 -19.24 -2.22 -1.33
CA LEU A 65 -19.77 -3.27 -2.20
C LEU A 65 -21.04 -2.80 -2.90
N TRP A 66 -21.38 -3.45 -4.00
CA TRP A 66 -22.58 -3.10 -4.76
C TRP A 66 -22.53 -1.65 -5.22
N GLU A 67 -21.49 -1.31 -5.98
CA GLU A 67 -21.33 0.04 -6.49
C GLU A 67 -21.56 0.09 -8.00
N VAL A 68 -22.80 -0.14 -8.41
CA VAL A 68 -23.16 -0.12 -9.83
C VAL A 68 -23.77 1.22 -10.23
N GLU A 69 -23.15 2.31 -9.77
CA GLU A 69 -23.63 3.64 -10.07
C GLU A 69 -22.54 4.48 -10.74
N HIS A 70 -22.66 4.66 -12.05
CA HIS A 70 -21.69 5.44 -12.81
C HIS A 70 -22.21 5.73 -14.21
N HIS A 71 -21.92 6.93 -14.70
CA HIS A 71 -22.35 7.35 -16.04
C HIS A 71 -21.45 6.74 -17.11
N MET A 1 -4.43 -3.85 -6.41
CA MET A 1 -4.02 -4.10 -5.03
C MET A 1 -3.09 -3.00 -4.53
N LYS A 2 -3.57 -1.76 -4.58
CA LYS A 2 -2.78 -0.62 -4.12
C LYS A 2 -3.30 -0.08 -2.79
N THR A 3 -2.41 0.51 -2.01
CA THR A 3 -2.78 1.06 -0.72
C THR A 3 -2.02 2.36 -0.42
N PHE A 4 -2.57 3.17 0.45
CA PHE A 4 -1.95 4.44 0.82
C PHE A 4 -0.77 4.22 1.76
N ALA A 5 0.41 4.65 1.34
CA ALA A 5 1.62 4.49 2.14
C ALA A 5 1.65 5.52 3.28
N LEU A 6 1.55 5.03 4.50
CA LEU A 6 1.58 5.90 5.68
C LEU A 6 2.89 5.76 6.43
N GLN A 7 2.99 6.44 7.58
CA GLN A 7 4.19 6.38 8.39
C GLN A 7 4.60 4.95 8.67
N GLY A 8 5.84 4.61 8.33
CA GLY A 8 6.33 3.26 8.55
C GLY A 8 5.63 2.24 7.68
N ASP A 9 4.97 2.71 6.62
CA ASP A 9 4.25 1.83 5.72
C ASP A 9 4.71 2.03 4.28
N THR A 10 5.94 2.52 4.11
CA THR A 10 6.49 2.76 2.79
C THR A 10 6.83 1.45 2.09
N LEU A 11 7.33 1.56 0.86
CA LEU A 11 7.70 0.39 0.07
C LEU A 11 8.58 -0.56 0.90
N ASP A 12 9.52 0.01 1.63
CA ASP A 12 10.42 -0.77 2.47
C ASP A 12 9.64 -1.70 3.40
N ALA A 13 8.51 -1.20 3.90
CA ALA A 13 7.68 -1.98 4.80
C ALA A 13 6.69 -2.84 4.02
N ILE A 14 5.92 -2.21 3.15
CA ILE A 14 4.93 -2.93 2.34
C ILE A 14 5.55 -4.13 1.66
N CYS A 15 6.70 -3.92 1.02
CA CYS A 15 7.40 -4.99 0.31
C CYS A 15 7.71 -6.13 1.26
N VAL A 16 7.88 -5.81 2.54
CA VAL A 16 8.18 -6.82 3.54
C VAL A 16 6.92 -7.46 4.10
N ARG A 17 5.83 -6.68 4.11
CA ARG A 17 4.55 -7.17 4.61
C ARG A 17 3.79 -7.91 3.52
N TYR A 18 4.26 -7.78 2.29
CA TYR A 18 3.61 -8.42 1.15
C TYR A 18 4.45 -9.58 0.63
N TYR A 19 5.66 -9.27 0.18
CA TYR A 19 6.56 -10.29 -0.34
C TYR A 19 7.52 -10.79 0.74
N GLY A 20 7.92 -9.87 1.61
CA GLY A 20 8.84 -10.22 2.68
C GLY A 20 10.29 -9.96 2.32
N ARG A 21 10.51 -9.07 1.37
CA ARG A 21 11.86 -8.73 0.94
C ARG A 21 11.86 -7.45 0.11
N THR A 22 13.03 -6.81 0.02
CA THR A 22 13.16 -5.57 -0.73
C THR A 22 14.08 -5.76 -1.93
N GLU A 23 14.95 -6.77 -1.87
CA GLU A 23 15.88 -7.06 -2.95
C GLU A 23 15.17 -7.72 -4.12
N GLY A 24 15.05 -7.01 -5.23
CA GLY A 24 14.39 -7.55 -6.40
C GLY A 24 12.94 -7.11 -6.50
N VAL A 25 12.39 -6.65 -5.39
CA VAL A 25 11.00 -6.19 -5.36
C VAL A 25 10.92 -4.68 -5.54
N VAL A 26 11.79 -3.96 -4.84
CA VAL A 26 11.82 -2.50 -4.92
C VAL A 26 11.97 -2.04 -6.37
N GLU A 27 12.56 -2.88 -7.20
CA GLU A 27 12.77 -2.56 -8.61
C GLU A 27 11.47 -2.74 -9.40
N THR A 28 10.62 -3.64 -8.95
CA THR A 28 9.36 -3.92 -9.62
C THR A 28 8.39 -2.76 -9.42
N VAL A 29 8.00 -2.50 -8.18
CA VAL A 29 7.08 -1.41 -7.88
C VAL A 29 7.55 -0.10 -8.48
N LEU A 30 8.86 0.13 -8.43
CA LEU A 30 9.44 1.35 -8.97
C LEU A 30 9.02 1.55 -10.43
N ALA A 31 9.15 0.50 -11.23
CA ALA A 31 8.79 0.55 -12.63
C ALA A 31 7.32 0.90 -12.80
N ALA A 32 6.48 0.39 -11.91
CA ALA A 32 5.05 0.65 -11.96
C ALA A 32 4.72 2.05 -11.45
N ASN A 33 5.61 2.59 -10.62
CA ASN A 33 5.42 3.92 -10.06
C ASN A 33 6.72 4.73 -10.11
N PRO A 34 7.09 5.17 -11.31
CA PRO A 34 8.31 5.96 -11.53
C PRO A 34 8.21 7.36 -10.93
N GLY A 35 9.32 7.85 -10.39
CA GLY A 35 9.34 9.17 -9.78
C GLY A 35 9.04 9.13 -8.31
N LEU A 36 8.57 7.99 -7.82
CA LEU A 36 8.25 7.83 -6.41
C LEU A 36 9.51 7.65 -5.57
N ALA A 37 10.55 7.11 -6.19
CA ALA A 37 11.82 6.89 -5.51
C ALA A 37 12.50 8.21 -5.17
N GLU A 38 12.03 9.29 -5.79
CA GLU A 38 12.58 10.61 -5.55
C GLU A 38 12.23 11.11 -4.15
N LEU A 39 11.14 10.59 -3.61
CA LEU A 39 10.69 10.98 -2.28
C LEU A 39 11.82 10.85 -1.25
N GLY A 40 12.42 9.66 -1.20
CA GLY A 40 13.50 9.42 -0.27
C GLY A 40 13.02 8.98 1.09
N ALA A 41 12.86 9.95 2.00
CA ALA A 41 12.39 9.65 3.36
C ALA A 41 11.01 9.02 3.33
N VAL A 42 10.39 8.91 4.50
CA VAL A 42 9.06 8.33 4.63
C VAL A 42 8.07 9.02 3.68
N LEU A 43 7.26 8.21 3.00
CA LEU A 43 6.27 8.75 2.06
C LEU A 43 5.14 9.45 2.80
N PRO A 44 4.50 10.42 2.14
CA PRO A 44 3.40 11.19 2.72
C PRO A 44 2.14 10.34 2.88
N HIS A 45 1.69 10.19 4.13
CA HIS A 45 0.50 9.41 4.43
C HIS A 45 -0.67 9.85 3.56
N GLY A 46 -1.02 9.04 2.57
CA GLY A 46 -2.12 9.38 1.68
C GLY A 46 -1.82 9.04 0.23
N THR A 47 -0.57 8.71 -0.05
CA THR A 47 -0.15 8.36 -1.41
C THR A 47 -0.32 6.87 -1.67
N ALA A 48 -1.21 6.54 -2.61
CA ALA A 48 -1.46 5.15 -2.96
C ALA A 48 -0.36 4.60 -3.86
N VAL A 49 0.00 3.34 -3.65
CA VAL A 49 1.04 2.70 -4.45
C VAL A 49 0.57 1.34 -4.97
N GLU A 50 0.79 1.11 -6.26
CA GLU A 50 0.40 -0.15 -6.88
C GLU A 50 1.39 -1.27 -6.56
N LEU A 51 0.86 -2.44 -6.26
CA LEU A 51 1.70 -3.59 -5.92
C LEU A 51 1.62 -4.67 -7.00
N PRO A 52 2.54 -4.62 -7.97
CA PRO A 52 2.60 -5.58 -9.06
C PRO A 52 3.02 -6.97 -8.60
N ASP A 53 2.58 -7.99 -9.34
CA ASP A 53 2.90 -9.37 -9.00
C ASP A 53 2.31 -9.75 -7.65
N VAL A 54 1.07 -9.34 -7.41
CA VAL A 54 0.39 -9.64 -6.15
C VAL A 54 -0.96 -10.29 -6.39
N GLN A 55 -1.30 -11.27 -5.58
CA GLN A 55 -2.57 -11.96 -5.70
C GLN A 55 -3.27 -12.08 -4.35
N THR A 56 -2.51 -12.43 -3.32
CA THR A 56 -3.05 -12.57 -1.97
C THR A 56 -3.59 -11.24 -1.46
N ALA A 57 -4.91 -11.08 -1.51
CA ALA A 57 -5.56 -9.86 -1.04
C ALA A 57 -6.46 -10.14 0.15
N PRO A 58 -6.78 -9.08 0.92
CA PRO A 58 -7.64 -9.19 2.10
C PRO A 58 -9.09 -9.48 1.73
N VAL A 59 -9.96 -9.45 2.74
CA VAL A 59 -11.38 -9.71 2.52
C VAL A 59 -12.12 -8.44 2.15
N ALA A 60 -13.39 -8.60 1.76
CA ALA A 60 -14.21 -7.45 1.38
C ALA A 60 -14.37 -6.48 2.54
N GLU A 61 -15.09 -5.38 2.30
CA GLU A 61 -15.31 -4.38 3.33
C GLU A 61 -16.42 -3.41 2.92
N THR A 62 -17.43 -3.28 3.76
CA THR A 62 -18.55 -2.39 3.48
C THR A 62 -19.30 -2.04 4.75
N VAL A 63 -19.22 -0.77 5.16
CA VAL A 63 -19.91 -0.31 6.36
C VAL A 63 -20.42 1.12 6.18
N ASN A 64 -21.73 1.28 6.29
CA ASN A 64 -22.35 2.59 6.15
C ASN A 64 -21.76 3.59 7.14
N LEU A 65 -22.19 4.85 7.03
CA LEU A 65 -21.69 5.89 7.91
C LEU A 65 -22.68 6.17 9.04
N TRP A 66 -22.48 5.51 10.18
CA TRP A 66 -23.36 5.68 11.33
C TRP A 66 -24.81 5.43 10.96
N GLU A 67 -25.03 4.39 10.15
CA GLU A 67 -26.37 4.04 9.71
C GLU A 67 -26.78 2.67 10.25
N VAL A 68 -26.30 2.35 11.45
CA VAL A 68 -26.62 1.07 12.08
C VAL A 68 -27.76 1.21 13.08
N GLU A 69 -27.93 2.42 13.60
CA GLU A 69 -28.99 2.69 14.57
C GLU A 69 -30.37 2.53 13.93
N HIS A 70 -30.95 1.34 14.06
CA HIS A 70 -32.26 1.06 13.49
C HIS A 70 -33.26 0.70 14.59
N HIS A 71 -32.92 -0.31 15.39
CA HIS A 71 -33.78 -0.74 16.48
C HIS A 71 -33.85 0.31 17.58
N MET A 1 -7.28 -2.64 -6.06
CA MET A 1 -7.50 -2.01 -4.76
C MET A 1 -6.44 -0.95 -4.49
N LYS A 2 -6.63 0.23 -5.06
CA LYS A 2 -5.69 1.34 -4.89
C LYS A 2 -6.34 2.50 -4.16
N THR A 3 -5.55 3.22 -3.37
CA THR A 3 -6.06 4.36 -2.61
C THR A 3 -5.07 5.52 -2.64
N PHE A 4 -5.55 6.71 -2.30
CA PHE A 4 -4.71 7.90 -2.29
C PHE A 4 -3.80 7.91 -1.05
N ALA A 5 -2.52 8.16 -1.27
CA ALA A 5 -1.55 8.20 -0.19
C ALA A 5 -1.45 9.60 0.40
N LEU A 6 -1.92 9.75 1.64
CA LEU A 6 -1.88 11.05 2.32
C LEU A 6 -0.81 11.06 3.41
N GLN A 7 -0.74 12.15 4.15
CA GLN A 7 0.24 12.29 5.22
C GLN A 7 0.19 11.09 6.17
N GLY A 8 1.34 10.42 6.32
CA GLY A 8 1.40 9.26 7.19
C GLY A 8 0.60 8.09 6.66
N ASP A 9 0.30 8.12 5.36
CA ASP A 9 -0.47 7.06 4.73
C ASP A 9 0.28 6.49 3.53
N THR A 10 1.61 6.64 3.53
CA THR A 10 2.43 6.14 2.44
C THR A 10 2.52 4.62 2.46
N LEU A 11 3.25 4.06 1.50
CA LEU A 11 3.40 2.61 1.41
C LEU A 11 3.81 2.02 2.75
N ASP A 12 4.76 2.68 3.42
CA ASP A 12 5.24 2.22 4.71
C ASP A 12 4.08 2.02 5.69
N ALA A 13 3.06 2.88 5.57
CA ALA A 13 1.89 2.80 6.44
C ALA A 13 0.85 1.85 5.87
N ILE A 14 0.44 2.10 4.63
CA ILE A 14 -0.57 1.27 3.97
C ILE A 14 -0.19 -0.21 4.06
N CYS A 15 1.08 -0.50 3.78
CA CYS A 15 1.57 -1.88 3.81
C CYS A 15 1.40 -2.47 5.21
N VAL A 16 1.44 -1.61 6.22
CA VAL A 16 1.29 -2.05 7.60
C VAL A 16 -0.18 -2.12 8.00
N ARG A 17 -0.99 -1.29 7.37
CA ARG A 17 -2.43 -1.26 7.67
C ARG A 17 -3.17 -2.30 6.83
N TYR A 18 -2.49 -2.86 5.84
CA TYR A 18 -3.08 -3.86 4.97
C TYR A 18 -2.51 -5.25 5.25
N TYR A 19 -1.20 -5.38 5.04
CA TYR A 19 -0.52 -6.65 5.27
C TYR A 19 0.06 -6.72 6.69
N GLY A 20 0.51 -5.56 7.17
CA GLY A 20 1.08 -5.51 8.51
C GLY A 20 2.59 -5.64 8.51
N ARG A 21 3.20 -5.49 7.33
CA ARG A 21 4.65 -5.59 7.20
C ARG A 21 5.17 -4.57 6.20
N THR A 22 6.49 -4.36 6.22
CA THR A 22 7.12 -3.41 5.31
C THR A 22 8.29 -4.04 4.57
N GLU A 23 9.03 -4.89 5.27
CA GLU A 23 10.18 -5.56 4.67
C GLU A 23 9.73 -6.57 3.61
N GLY A 24 10.04 -6.27 2.36
CA GLY A 24 9.67 -7.16 1.27
C GLY A 24 8.33 -6.78 0.65
N VAL A 25 7.42 -6.29 1.48
CA VAL A 25 6.09 -5.88 1.01
C VAL A 25 6.17 -4.59 0.21
N VAL A 26 6.69 -3.54 0.83
CA VAL A 26 6.82 -2.24 0.18
C VAL A 26 7.51 -2.37 -1.16
N GLU A 27 8.45 -3.30 -1.24
CA GLU A 27 9.20 -3.53 -2.48
C GLU A 27 8.27 -4.01 -3.59
N THR A 28 7.28 -4.81 -3.23
CA THR A 28 6.32 -5.34 -4.20
C THR A 28 5.62 -4.21 -4.95
N VAL A 29 4.93 -3.36 -4.20
CA VAL A 29 4.21 -2.23 -4.80
C VAL A 29 5.13 -1.41 -5.70
N LEU A 30 6.34 -1.15 -5.22
CA LEU A 30 7.31 -0.38 -5.97
C LEU A 30 7.49 -0.94 -7.38
N ALA A 31 7.72 -2.25 -7.47
CA ALA A 31 7.90 -2.91 -8.75
C ALA A 31 6.70 -2.67 -9.66
N ALA A 32 5.52 -2.65 -9.08
CA ALA A 32 4.29 -2.43 -9.83
C ALA A 32 4.14 -0.95 -10.20
N ASN A 33 4.74 -0.08 -9.39
CA ASN A 33 4.65 1.36 -9.62
C ASN A 33 5.99 2.04 -9.30
N PRO A 34 6.97 1.85 -10.19
CA PRO A 34 8.30 2.43 -10.02
C PRO A 34 8.30 3.95 -10.20
N GLY A 35 9.28 4.61 -9.60
CA GLY A 35 9.37 6.05 -9.70
C GLY A 35 8.53 6.76 -8.66
N LEU A 36 7.73 6.00 -7.92
CA LEU A 36 6.87 6.56 -6.90
C LEU A 36 7.65 6.77 -5.59
N ALA A 37 8.58 5.87 -5.31
CA ALA A 37 9.39 5.96 -4.10
C ALA A 37 10.39 7.10 -4.20
N GLU A 38 10.67 7.53 -5.42
CA GLU A 38 11.61 8.62 -5.65
C GLU A 38 11.07 9.94 -5.10
N LEU A 39 9.75 9.98 -4.90
CA LEU A 39 9.10 11.18 -4.40
C LEU A 39 9.78 11.65 -3.11
N GLY A 40 9.89 10.74 -2.14
CA GLY A 40 10.52 11.09 -0.88
C GLY A 40 9.97 10.28 0.29
N ALA A 41 9.96 10.88 1.47
CA ALA A 41 9.45 10.20 2.65
C ALA A 41 7.93 10.17 2.68
N VAL A 42 7.32 11.36 2.64
CA VAL A 42 5.88 11.48 2.65
C VAL A 42 5.34 11.82 1.26
N LEU A 43 4.53 10.93 0.71
CA LEU A 43 3.95 11.13 -0.61
C LEU A 43 2.90 12.24 -0.58
N PRO A 44 2.71 12.90 -1.73
CA PRO A 44 1.74 13.99 -1.87
C PRO A 44 0.30 13.49 -1.80
N HIS A 45 -0.46 14.03 -0.84
CA HIS A 45 -1.86 13.64 -0.69
C HIS A 45 -2.62 13.75 -2.00
N GLY A 46 -3.26 12.65 -2.41
CA GLY A 46 -4.01 12.65 -3.64
C GLY A 46 -3.44 11.67 -4.65
N THR A 47 -2.25 11.15 -4.37
CA THR A 47 -1.61 10.20 -5.27
C THR A 47 -2.04 8.77 -4.96
N ALA A 48 -2.77 8.16 -5.90
CA ALA A 48 -3.25 6.80 -5.72
C ALA A 48 -2.08 5.81 -5.75
N VAL A 49 -2.28 4.66 -5.12
CA VAL A 49 -1.26 3.63 -5.07
C VAL A 49 -1.87 2.23 -5.14
N GLU A 50 -1.39 1.43 -6.07
CA GLU A 50 -1.90 0.07 -6.24
C GLU A 50 -1.41 -0.84 -5.12
N LEU A 51 -2.26 -1.77 -4.69
CA LEU A 51 -1.91 -2.69 -3.62
C LEU A 51 -1.97 -4.14 -4.12
N PRO A 52 -0.82 -4.65 -4.58
CA PRO A 52 -0.71 -6.02 -5.07
C PRO A 52 -0.86 -7.06 -3.96
N ASP A 53 -1.34 -8.24 -4.33
CA ASP A 53 -1.52 -9.32 -3.36
C ASP A 53 -2.56 -8.93 -2.31
N VAL A 54 -3.69 -8.41 -2.76
CA VAL A 54 -4.75 -7.99 -1.84
C VAL A 54 -6.11 -8.46 -2.35
N GLN A 55 -6.99 -8.82 -1.42
CA GLN A 55 -8.33 -9.29 -1.78
C GLN A 55 -9.29 -8.11 -1.95
N THR A 56 -10.54 -8.41 -2.23
CA THR A 56 -11.55 -7.38 -2.42
C THR A 56 -11.24 -6.53 -3.65
N ALA A 57 -10.67 -7.15 -4.67
CA ALA A 57 -10.32 -6.45 -5.89
C ALA A 57 -9.97 -7.43 -7.01
N PRO A 58 -10.02 -6.95 -8.26
CA PRO A 58 -9.71 -7.77 -9.44
C PRO A 58 -8.22 -8.10 -9.53
N VAL A 59 -7.80 -9.09 -8.74
CA VAL A 59 -6.40 -9.51 -8.73
C VAL A 59 -6.28 -11.02 -8.75
N ALA A 60 -5.19 -11.52 -9.32
CA ALA A 60 -4.95 -12.96 -9.40
C ALA A 60 -5.12 -13.62 -8.03
N GLU A 61 -5.14 -14.94 -8.03
CA GLU A 61 -5.29 -15.70 -6.79
C GLU A 61 -4.27 -15.25 -5.75
N THR A 62 -4.73 -15.08 -4.52
CA THR A 62 -3.86 -14.66 -3.43
C THR A 62 -4.47 -15.00 -2.07
N VAL A 63 -3.63 -15.01 -1.03
CA VAL A 63 -4.08 -15.32 0.32
C VAL A 63 -3.47 -14.36 1.33
N ASN A 64 -4.29 -13.89 2.27
CA ASN A 64 -3.84 -12.98 3.30
C ASN A 64 -4.93 -12.71 4.33
N LEU A 65 -4.52 -12.26 5.51
CA LEU A 65 -5.48 -11.97 6.58
C LEU A 65 -5.08 -10.71 7.34
N TRP A 66 -6.06 -9.88 7.66
CA TRP A 66 -5.81 -8.63 8.38
C TRP A 66 -7.05 -8.20 9.14
N GLU A 67 -6.95 -7.07 9.84
CA GLU A 67 -8.07 -6.53 10.60
C GLU A 67 -7.69 -5.22 11.29
N VAL A 68 -8.48 -4.18 11.03
CA VAL A 68 -8.22 -2.87 11.61
C VAL A 68 -9.49 -2.01 11.62
N GLU A 69 -9.90 -1.57 12.80
CA GLU A 69 -11.08 -0.74 12.93
C GLU A 69 -10.96 0.20 14.13
N HIS A 70 -11.32 1.47 13.91
CA HIS A 70 -11.25 2.47 14.96
C HIS A 70 -12.36 3.50 14.81
N HIS A 71 -12.43 4.43 15.76
CA HIS A 71 -13.44 5.48 15.72
C HIS A 71 -12.84 6.81 15.28
N MET A 1 -3.07 -2.14 -9.98
CA MET A 1 -3.39 -1.33 -8.82
C MET A 1 -2.30 -0.30 -8.54
N LYS A 2 -2.58 0.95 -8.87
CA LYS A 2 -1.63 2.03 -8.66
C LYS A 2 -2.32 3.27 -8.08
N THR A 3 -1.56 4.06 -7.32
CA THR A 3 -2.09 5.26 -6.70
C THR A 3 -1.05 6.36 -6.64
N PHE A 4 -1.50 7.61 -6.54
CA PHE A 4 -0.61 8.75 -6.49
C PHE A 4 0.03 8.87 -5.10
N ALA A 5 1.33 9.11 -5.07
CA ALA A 5 2.05 9.25 -3.81
C ALA A 5 1.98 10.68 -3.29
N LEU A 6 1.99 10.83 -1.97
CA LEU A 6 1.91 12.14 -1.35
C LEU A 6 2.71 12.17 -0.05
N GLN A 7 2.67 13.30 0.64
CA GLN A 7 3.39 13.47 1.90
C GLN A 7 3.03 12.34 2.87
N GLY A 8 4.05 11.65 3.37
CA GLY A 8 3.84 10.56 4.30
C GLY A 8 3.07 9.41 3.68
N ASP A 9 3.09 9.33 2.35
CA ASP A 9 2.40 8.28 1.63
C ASP A 9 3.34 7.54 0.69
N THR A 10 4.64 7.58 1.01
CA THR A 10 5.65 6.92 0.19
C THR A 10 5.58 5.41 0.35
N LEU A 11 6.44 4.71 -0.37
CA LEU A 11 6.49 3.25 -0.29
C LEU A 11 6.54 2.77 1.15
N ASP A 12 7.34 3.45 1.96
CA ASP A 12 7.48 3.10 3.37
C ASP A 12 6.11 3.05 4.06
N ALA A 13 5.23 3.95 3.66
CA ALA A 13 3.88 4.00 4.23
C ALA A 13 2.93 3.07 3.48
N ILE A 14 2.84 3.26 2.17
CA ILE A 14 1.97 2.44 1.34
C ILE A 14 2.19 0.95 1.62
N CYS A 15 3.44 0.52 1.58
CA CYS A 15 3.79 -0.87 1.83
C CYS A 15 3.25 -1.33 3.17
N VAL A 16 3.09 -0.40 4.10
CA VAL A 16 2.59 -0.71 5.44
C VAL A 16 1.06 -0.67 5.46
N ARG A 17 0.48 0.17 4.59
CA ARG A 17 -0.97 0.31 4.53
C ARG A 17 -1.57 -0.74 3.60
N TYR A 18 -0.71 -1.42 2.83
CA TYR A 18 -1.15 -2.45 1.90
C TYR A 18 -0.77 -3.84 2.41
N TYR A 19 0.53 -4.07 2.55
CA TYR A 19 1.03 -5.36 3.01
C TYR A 19 1.24 -5.35 4.52
N GLY A 20 1.67 -4.20 5.04
CA GLY A 20 1.89 -4.07 6.48
C GLY A 20 3.34 -4.34 6.85
N ARG A 21 4.25 -4.14 5.89
CA ARG A 21 5.67 -4.36 6.14
C ARG A 21 6.52 -3.74 5.03
N THR A 22 7.80 -3.57 5.30
CA THR A 22 8.71 -2.99 4.32
C THR A 22 9.82 -3.97 3.94
N GLU A 23 10.15 -4.86 4.87
CA GLU A 23 11.20 -5.85 4.63
C GLU A 23 10.72 -6.93 3.66
N GLY A 24 11.31 -6.95 2.47
CA GLY A 24 10.94 -7.92 1.46
C GLY A 24 9.95 -7.37 0.46
N VAL A 25 9.30 -6.26 0.82
CA VAL A 25 8.32 -5.63 -0.07
C VAL A 25 8.95 -4.46 -0.82
N VAL A 26 9.74 -3.66 -0.12
CA VAL A 26 10.40 -2.51 -0.72
C VAL A 26 11.20 -2.92 -1.96
N GLU A 27 11.64 -4.17 -1.98
CA GLU A 27 12.41 -4.68 -3.11
C GLU A 27 11.52 -4.93 -4.31
N THR A 28 10.27 -5.29 -4.04
CA THR A 28 9.30 -5.57 -5.11
C THR A 28 8.96 -4.30 -5.88
N VAL A 29 8.37 -3.34 -5.19
CA VAL A 29 7.99 -2.07 -5.81
C VAL A 29 9.17 -1.44 -6.54
N LEU A 30 10.37 -1.72 -6.05
CA LEU A 30 11.59 -1.18 -6.66
C LEU A 30 11.81 -1.77 -8.05
N ALA A 31 11.65 -3.08 -8.15
CA ALA A 31 11.83 -3.77 -9.42
C ALA A 31 10.80 -3.31 -10.45
N ALA A 32 9.59 -3.03 -9.98
CA ALA A 32 8.51 -2.59 -10.85
C ALA A 32 8.64 -1.09 -11.15
N ASN A 33 9.25 -0.36 -10.24
CA ASN A 33 9.43 1.08 -10.40
C ASN A 33 10.86 1.50 -10.03
N PRO A 34 11.81 1.16 -10.90
CA PRO A 34 13.22 1.49 -10.69
C PRO A 34 13.49 2.99 -10.81
N GLY A 35 14.46 3.47 -10.03
CA GLY A 35 14.80 4.89 -10.07
C GLY A 35 14.03 5.69 -9.05
N LEU A 36 12.93 5.14 -8.56
CA LEU A 36 12.11 5.81 -7.57
C LEU A 36 12.86 5.97 -6.25
N ALA A 37 13.73 5.01 -5.95
CA ALA A 37 14.51 5.05 -4.72
C ALA A 37 15.46 6.24 -4.72
N GLU A 38 15.94 6.62 -5.90
CA GLU A 38 16.86 7.74 -6.04
C GLU A 38 16.10 9.05 -6.23
N LEU A 39 14.78 8.99 -6.05
CA LEU A 39 13.94 10.17 -6.20
C LEU A 39 14.26 11.22 -5.13
N GLY A 40 14.46 10.76 -3.90
CA GLY A 40 14.76 11.66 -2.82
C GLY A 40 14.26 11.16 -1.47
N ALA A 41 14.27 12.03 -0.48
CA ALA A 41 13.81 11.67 0.86
C ALA A 41 12.35 11.21 0.83
N VAL A 42 11.46 12.14 0.48
CA VAL A 42 10.03 11.84 0.42
C VAL A 42 9.50 12.03 -0.99
N LEU A 43 8.65 11.10 -1.43
CA LEU A 43 8.07 11.15 -2.76
C LEU A 43 7.25 12.43 -2.94
N PRO A 44 7.01 12.81 -4.20
CA PRO A 44 6.23 14.01 -4.54
C PRO A 44 4.75 13.85 -4.20
N HIS A 45 3.95 14.83 -4.61
CA HIS A 45 2.52 14.81 -4.35
C HIS A 45 1.73 14.86 -5.66
N GLY A 46 1.50 13.68 -6.24
CA GLY A 46 0.76 13.60 -7.49
C GLY A 46 1.30 12.55 -8.43
N THR A 47 2.51 12.07 -8.14
CA THR A 47 3.15 11.06 -8.96
C THR A 47 2.54 9.68 -8.72
N ALA A 48 2.08 9.05 -9.79
CA ALA A 48 1.47 7.73 -9.70
C ALA A 48 2.49 6.68 -9.28
N VAL A 49 2.01 5.61 -8.65
CA VAL A 49 2.88 4.53 -8.19
C VAL A 49 2.21 3.17 -8.35
N GLU A 50 2.94 2.22 -8.93
CA GLU A 50 2.42 0.88 -9.14
C GLU A 50 2.74 -0.03 -7.95
N LEU A 51 1.75 -0.81 -7.53
CA LEU A 51 1.93 -1.73 -6.41
C LEU A 51 1.83 -3.18 -6.86
N PRO A 52 2.98 -3.79 -7.17
CA PRO A 52 3.04 -5.17 -7.63
C PRO A 52 2.72 -6.16 -6.51
N ASP A 53 2.26 -7.35 -6.88
CA ASP A 53 1.91 -8.38 -5.92
C ASP A 53 0.76 -7.93 -5.03
N VAL A 54 -0.25 -7.31 -5.64
CA VAL A 54 -1.42 -6.82 -4.91
C VAL A 54 -2.70 -7.44 -5.45
N GLN A 55 -3.64 -7.73 -4.55
CA GLN A 55 -4.92 -8.31 -4.94
C GLN A 55 -6.07 -7.42 -4.52
N THR A 56 -6.78 -6.87 -5.51
CA THR A 56 -7.91 -5.99 -5.24
C THR A 56 -9.20 -6.78 -5.14
N ALA A 57 -10.28 -6.11 -4.73
CA ALA A 57 -11.58 -6.76 -4.60
C ALA A 57 -11.53 -7.89 -3.58
N PRO A 58 -11.76 -7.54 -2.30
CA PRO A 58 -11.75 -8.51 -1.21
C PRO A 58 -12.93 -9.48 -1.26
N VAL A 59 -12.97 -10.43 -0.35
CA VAL A 59 -14.04 -11.41 -0.29
C VAL A 59 -15.38 -10.73 -0.03
N ALA A 60 -16.32 -10.91 -0.96
CA ALA A 60 -17.65 -10.32 -0.83
C ALA A 60 -18.62 -11.28 -0.14
N GLU A 61 -18.16 -12.52 0.07
CA GLU A 61 -18.98 -13.53 0.72
C GLU A 61 -18.74 -13.55 2.22
N THR A 62 -18.83 -12.38 2.84
CA THR A 62 -18.61 -12.26 4.28
C THR A 62 -19.38 -11.08 4.85
N VAL A 63 -20.11 -11.32 5.94
CA VAL A 63 -20.89 -10.28 6.59
C VAL A 63 -20.53 -10.16 8.06
N ASN A 64 -20.55 -8.92 8.56
CA ASN A 64 -20.21 -8.66 9.96
C ASN A 64 -21.14 -9.42 10.89
N LEU A 65 -20.90 -9.32 12.19
CA LEU A 65 -21.72 -9.99 13.19
C LEU A 65 -21.89 -9.13 14.44
N TRP A 66 -23.13 -8.94 14.87
CA TRP A 66 -23.42 -8.14 16.04
C TRP A 66 -22.92 -8.84 17.31
N GLU A 67 -23.17 -8.22 18.45
CA GLU A 67 -22.75 -8.76 19.73
C GLU A 67 -23.64 -8.27 20.87
N VAL A 68 -24.43 -9.17 21.44
CA VAL A 68 -25.32 -8.82 22.54
C VAL A 68 -24.75 -9.24 23.88
N GLU A 69 -23.42 -9.11 24.02
CA GLU A 69 -22.74 -9.48 25.26
C GLU A 69 -21.98 -8.30 25.83
N HIS A 70 -22.65 -7.53 26.70
CA HIS A 70 -22.03 -6.37 27.32
C HIS A 70 -20.88 -6.79 28.24
N HIS A 71 -20.07 -5.82 28.65
CA HIS A 71 -18.94 -6.08 29.52
C HIS A 71 -19.39 -6.18 30.97
N MET A 1 -6.28 2.82 -2.27
CA MET A 1 -5.85 3.78 -1.26
C MET A 1 -4.54 4.45 -1.69
N LYS A 2 -4.47 5.76 -1.52
CA LYS A 2 -3.28 6.52 -1.88
C LYS A 2 -2.94 7.54 -0.79
N THR A 3 -1.65 7.86 -0.68
CA THR A 3 -1.19 8.83 0.31
C THR A 3 0.18 9.38 -0.05
N PHE A 4 0.47 10.58 0.43
CA PHE A 4 1.76 11.21 0.15
C PHE A 4 2.86 10.61 1.01
N ALA A 5 4.05 10.48 0.44
CA ALA A 5 5.19 9.91 1.14
C ALA A 5 6.02 11.00 1.81
N LEU A 6 5.84 11.18 3.11
CA LEU A 6 6.58 12.19 3.86
C LEU A 6 7.76 11.57 4.59
N GLN A 7 8.45 12.39 5.38
CA GLN A 7 9.60 11.92 6.14
C GLN A 7 9.25 10.69 6.98
N GLY A 8 9.93 9.59 6.72
CA GLY A 8 9.67 8.36 7.46
C GLY A 8 8.36 7.73 7.07
N ASP A 9 7.81 8.14 5.93
CA ASP A 9 6.54 7.60 5.45
C ASP A 9 6.72 6.93 4.08
N THR A 10 7.94 6.46 3.82
CA THR A 10 8.24 5.80 2.55
C THR A 10 7.58 4.43 2.47
N LEU A 11 7.78 3.74 1.36
CA LEU A 11 7.22 2.42 1.16
C LEU A 11 7.51 1.51 2.35
N ASP A 12 8.76 1.54 2.82
CA ASP A 12 9.17 0.73 3.95
C ASP A 12 8.32 1.04 5.19
N ALA A 13 7.84 2.27 5.28
CA ALA A 13 7.02 2.69 6.40
C ALA A 13 5.55 2.39 6.14
N ILE A 14 5.02 2.97 5.06
CA ILE A 14 3.62 2.76 4.71
C ILE A 14 3.26 1.28 4.70
N CYS A 15 4.09 0.48 4.04
CA CYS A 15 3.86 -0.96 3.96
C CYS A 15 3.69 -1.56 5.35
N VAL A 16 4.40 -0.99 6.33
CA VAL A 16 4.33 -1.47 7.70
C VAL A 16 3.16 -0.83 8.45
N ARG A 17 2.70 0.31 7.95
CA ARG A 17 1.58 1.02 8.56
C ARG A 17 0.25 0.49 8.06
N TYR A 18 0.29 -0.19 6.92
CA TYR A 18 -0.91 -0.75 6.31
C TYR A 18 -0.95 -2.27 6.45
N TYR A 19 0.03 -2.93 5.85
CA TYR A 19 0.11 -4.38 5.90
C TYR A 19 0.89 -4.83 7.13
N GLY A 20 1.90 -4.06 7.51
CA GLY A 20 2.70 -4.41 8.68
C GLY A 20 3.93 -5.22 8.33
N ARG A 21 4.32 -5.18 7.06
CA ARG A 21 5.48 -5.92 6.60
C ARG A 21 5.93 -5.44 5.22
N THR A 22 7.12 -5.85 4.81
CA THR A 22 7.66 -5.46 3.51
C THR A 22 7.93 -6.67 2.63
N GLU A 23 8.28 -7.79 3.28
CA GLU A 23 8.56 -9.02 2.55
C GLU A 23 7.35 -9.46 1.73
N GLY A 24 7.48 -9.40 0.42
CA GLY A 24 6.39 -9.79 -0.46
C GLY A 24 5.45 -8.63 -0.78
N VAL A 25 5.57 -7.55 -0.02
CA VAL A 25 4.73 -6.38 -0.23
C VAL A 25 5.47 -5.32 -1.04
N VAL A 26 6.74 -5.12 -0.73
CA VAL A 26 7.55 -4.13 -1.43
C VAL A 26 7.52 -4.37 -2.94
N GLU A 27 7.51 -5.64 -3.33
CA GLU A 27 7.49 -6.00 -4.75
C GLU A 27 6.18 -5.55 -5.40
N THR A 28 5.13 -5.42 -4.59
CA THR A 28 3.83 -5.00 -5.08
C THR A 28 3.82 -3.52 -5.42
N VAL A 29 4.08 -2.68 -4.41
CA VAL A 29 4.11 -1.24 -4.61
C VAL A 29 5.01 -0.86 -5.78
N LEU A 30 6.16 -1.53 -5.88
CA LEU A 30 7.12 -1.26 -6.95
C LEU A 30 6.55 -1.70 -8.30
N ALA A 31 5.70 -2.72 -8.28
CA ALA A 31 5.09 -3.22 -9.50
C ALA A 31 3.97 -2.30 -9.98
N ALA A 32 3.31 -1.65 -9.03
CA ALA A 32 2.21 -0.75 -9.36
C ALA A 32 2.73 0.67 -9.62
N ASN A 33 3.90 0.98 -9.05
CA ASN A 33 4.50 2.29 -9.21
C ASN A 33 5.98 2.17 -9.56
N PRO A 34 6.27 1.77 -10.80
CA PRO A 34 7.65 1.60 -11.28
C PRO A 34 8.37 2.94 -11.45
N GLY A 35 9.67 2.93 -11.21
CA GLY A 35 10.46 4.14 -11.34
C GLY A 35 10.56 4.91 -10.04
N LEU A 36 9.66 4.61 -9.10
CA LEU A 36 9.65 5.28 -7.81
C LEU A 36 10.89 4.92 -7.00
N ALA A 37 11.31 3.65 -7.08
CA ALA A 37 12.49 3.19 -6.37
C ALA A 37 13.74 3.90 -6.86
N GLU A 38 13.80 4.18 -8.16
CA GLU A 38 14.94 4.86 -8.75
C GLU A 38 15.12 6.25 -8.16
N LEU A 39 14.04 6.79 -7.61
CA LEU A 39 14.07 8.12 -7.00
C LEU A 39 15.20 8.23 -5.99
N GLY A 40 15.25 7.29 -5.05
CA GLY A 40 16.29 7.30 -4.03
C GLY A 40 15.85 6.61 -2.76
N ALA A 41 16.38 7.06 -1.63
CA ALA A 41 16.05 6.48 -0.33
C ALA A 41 14.65 6.89 0.10
N VAL A 42 14.50 8.13 0.54
CA VAL A 42 13.20 8.64 0.98
C VAL A 42 12.52 9.45 -0.12
N LEU A 43 11.19 9.37 -0.18
CA LEU A 43 10.43 10.09 -1.18
C LEU A 43 10.15 11.52 -0.72
N PRO A 44 9.97 12.43 -1.68
CA PRO A 44 9.69 13.85 -1.40
C PRO A 44 8.29 14.05 -0.83
N HIS A 45 8.22 14.64 0.36
CA HIS A 45 6.94 14.89 1.02
C HIS A 45 5.98 15.61 0.08
N GLY A 46 5.00 14.88 -0.44
CA GLY A 46 4.03 15.48 -1.34
C GLY A 46 3.67 14.55 -2.49
N THR A 47 4.48 13.51 -2.69
CA THR A 47 4.25 12.54 -3.75
C THR A 47 3.34 11.41 -3.29
N ALA A 48 2.17 11.31 -3.92
CA ALA A 48 1.21 10.27 -3.57
C ALA A 48 1.61 8.93 -4.19
N VAL A 49 1.26 7.85 -3.49
CA VAL A 49 1.59 6.51 -3.98
C VAL A 49 0.37 5.59 -3.89
N GLU A 50 0.18 4.77 -4.92
CA GLU A 50 -0.94 3.85 -4.97
C GLU A 50 -0.67 2.61 -4.12
N LEU A 51 -1.64 2.24 -3.30
CA LEU A 51 -1.51 1.08 -2.43
C LEU A 51 -2.38 -0.08 -2.92
N PRO A 52 -1.79 -0.97 -3.74
CA PRO A 52 -2.49 -2.13 -4.29
C PRO A 52 -2.81 -3.17 -3.23
N ASP A 53 -3.88 -3.91 -3.44
CA ASP A 53 -4.29 -4.95 -2.50
C ASP A 53 -4.58 -4.36 -1.12
N VAL A 54 -5.35 -3.27 -1.10
CA VAL A 54 -5.70 -2.61 0.14
C VAL A 54 -7.22 -2.49 0.29
N GLN A 55 -7.69 -2.61 1.53
CA GLN A 55 -9.13 -2.52 1.81
C GLN A 55 -9.68 -1.18 1.37
N THR A 56 -11.00 -1.08 1.29
CA THR A 56 -11.66 0.15 0.87
C THR A 56 -11.31 0.50 -0.57
N ALA A 57 -11.33 -0.50 -1.43
CA ALA A 57 -11.02 -0.30 -2.85
C ALA A 57 -11.74 -1.32 -3.72
N PRO A 58 -11.87 -1.01 -5.02
CA PRO A 58 -12.54 -1.89 -5.98
C PRO A 58 -11.73 -3.15 -6.26
N VAL A 59 -12.02 -4.21 -5.51
CA VAL A 59 -11.32 -5.47 -5.68
C VAL A 59 -12.28 -6.65 -5.60
N ALA A 60 -13.54 -6.40 -5.94
CA ALA A 60 -14.57 -7.44 -5.90
C ALA A 60 -14.33 -8.48 -7.00
N GLU A 61 -13.66 -9.57 -6.64
CA GLU A 61 -13.38 -10.64 -7.59
C GLU A 61 -12.78 -11.85 -6.89
N THR A 62 -13.60 -12.88 -6.70
CA THR A 62 -13.16 -14.10 -6.05
C THR A 62 -12.77 -13.84 -4.59
N VAL A 63 -13.41 -12.83 -4.00
CA VAL A 63 -13.15 -12.47 -2.61
C VAL A 63 -14.27 -12.97 -1.70
N ASN A 64 -13.91 -13.24 -0.44
CA ASN A 64 -14.89 -13.72 0.53
C ASN A 64 -16.01 -12.71 0.74
N LEU A 65 -16.83 -12.94 1.76
CA LEU A 65 -17.95 -12.05 2.06
C LEU A 65 -18.36 -12.18 3.51
N TRP A 66 -19.37 -11.40 3.90
CA TRP A 66 -19.87 -11.44 5.28
C TRP A 66 -20.64 -12.72 5.55
N GLU A 67 -21.25 -12.81 6.72
CA GLU A 67 -22.03 -13.99 7.10
C GLU A 67 -22.97 -13.67 8.26
N VAL A 68 -24.27 -13.63 7.97
CA VAL A 68 -25.26 -13.34 8.99
C VAL A 68 -25.91 -14.62 9.49
N GLU A 69 -25.20 -15.73 9.35
CA GLU A 69 -25.71 -17.04 9.80
C GLU A 69 -25.19 -17.36 11.19
N HIS A 70 -24.87 -16.34 11.96
CA HIS A 70 -24.36 -16.53 13.32
C HIS A 70 -24.37 -15.21 14.10
N HIS A 71 -24.12 -15.29 15.39
CA HIS A 71 -24.10 -14.11 16.24
C HIS A 71 -23.09 -13.08 15.73
N MET A 1 -0.94 -5.00 10.05
CA MET A 1 0.33 -5.08 9.32
C MET A 1 0.78 -3.71 8.85
N LYS A 2 1.45 -2.98 9.74
CA LYS A 2 1.94 -1.65 9.42
C LYS A 2 3.38 -1.47 9.91
N THR A 3 4.13 -0.61 9.22
CA THR A 3 5.52 -0.34 9.58
C THR A 3 5.92 1.08 9.21
N PHE A 4 6.92 1.60 9.90
CA PHE A 4 7.41 2.96 9.65
C PHE A 4 8.25 3.01 8.39
N ALA A 5 8.09 4.09 7.62
CA ALA A 5 8.83 4.26 6.38
C ALA A 5 10.16 4.97 6.64
N LEU A 6 11.16 4.67 5.81
CA LEU A 6 12.47 5.28 5.95
C LEU A 6 13.15 5.41 4.59
N GLN A 7 14.39 5.89 4.59
CA GLN A 7 15.14 6.07 3.35
C GLN A 7 15.17 4.78 2.55
N GLY A 8 14.72 4.86 1.30
CA GLY A 8 14.71 3.69 0.44
C GLY A 8 13.78 2.61 0.96
N ASP A 9 12.81 3.00 1.77
CA ASP A 9 11.86 2.05 2.34
C ASP A 9 10.43 2.47 2.05
N THR A 10 10.25 3.23 0.97
CA THR A 10 8.93 3.70 0.57
C THR A 10 8.09 2.56 0.00
N LEU A 11 6.84 2.87 -0.36
CA LEU A 11 5.94 1.88 -0.92
C LEU A 11 6.61 1.11 -2.06
N ASP A 12 7.36 1.83 -2.88
CA ASP A 12 8.06 1.23 -4.01
C ASP A 12 8.93 0.06 -3.55
N ALA A 13 9.54 0.21 -2.38
CA ALA A 13 10.40 -0.83 -1.82
C ALA A 13 9.59 -1.82 -0.99
N ILE A 14 8.83 -1.30 -0.04
CA ILE A 14 8.00 -2.14 0.83
C ILE A 14 7.15 -3.09 0.00
N CYS A 15 6.45 -2.56 -0.99
CA CYS A 15 5.60 -3.38 -1.85
C CYS A 15 6.39 -4.53 -2.46
N VAL A 16 7.69 -4.34 -2.61
CA VAL A 16 8.56 -5.36 -3.18
C VAL A 16 9.05 -6.32 -2.11
N ARG A 17 9.20 -5.82 -0.89
CA ARG A 17 9.67 -6.64 0.23
C ARG A 17 8.52 -7.36 0.89
N TYR A 18 7.29 -6.98 0.52
CA TYR A 18 6.10 -7.60 1.08
C TYR A 18 5.41 -8.49 0.05
N TYR A 19 4.97 -7.89 -1.05
CA TYR A 19 4.29 -8.62 -2.11
C TYR A 19 5.27 -9.02 -3.20
N GLY A 20 6.25 -8.15 -3.47
CA GLY A 20 7.23 -8.44 -4.49
C GLY A 20 6.87 -7.83 -5.84
N ARG A 21 6.07 -6.77 -5.80
CA ARG A 21 5.64 -6.11 -7.03
C ARG A 21 5.03 -4.74 -6.72
N THR A 22 4.99 -3.88 -7.73
CA THR A 22 4.44 -2.54 -7.57
C THR A 22 3.21 -2.34 -8.43
N GLU A 23 3.11 -3.12 -9.51
CA GLU A 23 1.98 -3.04 -10.41
C GLU A 23 0.72 -3.61 -9.77
N GLY A 24 -0.24 -2.74 -9.48
CA GLY A 24 -1.48 -3.17 -8.87
C GLY A 24 -1.45 -3.05 -7.35
N VAL A 25 -0.25 -2.97 -6.80
CA VAL A 25 -0.09 -2.84 -5.35
C VAL A 25 0.05 -1.38 -4.93
N VAL A 26 0.81 -0.63 -5.72
CA VAL A 26 1.03 0.79 -5.44
C VAL A 26 -0.29 1.52 -5.28
N GLU A 27 -1.31 1.08 -6.03
CA GLU A 27 -2.62 1.71 -5.98
C GLU A 27 -3.35 1.32 -4.70
N THR A 28 -3.03 0.15 -4.17
CA THR A 28 -3.66 -0.35 -2.95
C THR A 28 -3.26 0.50 -1.75
N VAL A 29 -1.97 0.51 -1.43
CA VAL A 29 -1.47 1.29 -0.30
C VAL A 29 -1.92 2.73 -0.38
N LEU A 30 -2.08 3.23 -1.61
CA LEU A 30 -2.52 4.61 -1.83
C LEU A 30 -3.92 4.84 -1.27
N ALA A 31 -4.76 3.80 -1.34
CA ALA A 31 -6.11 3.89 -0.84
C ALA A 31 -6.16 3.77 0.68
N ALA A 32 -5.22 3.02 1.24
CA ALA A 32 -5.13 2.83 2.67
C ALA A 32 -4.45 4.02 3.35
N ASN A 33 -3.55 4.66 2.62
CA ASN A 33 -2.82 5.81 3.14
C ASN A 33 -2.94 7.01 2.20
N PRO A 34 -4.13 7.64 2.21
CA PRO A 34 -4.41 8.81 1.36
C PRO A 34 -3.63 10.05 1.82
N GLY A 35 -3.21 10.86 0.86
CA GLY A 35 -2.47 12.07 1.17
C GLY A 35 -0.97 11.83 1.22
N LEU A 36 -0.58 10.56 1.28
CA LEU A 36 0.84 10.19 1.33
C LEU A 36 1.52 10.49 0.00
N ALA A 37 0.78 10.31 -1.09
CA ALA A 37 1.31 10.55 -2.42
C ALA A 37 1.73 12.01 -2.59
N GLU A 38 1.22 12.86 -1.71
CA GLU A 38 1.54 14.29 -1.77
C GLU A 38 2.79 14.60 -0.94
N LEU A 39 3.25 13.61 -0.19
CA LEU A 39 4.43 13.77 0.65
C LEU A 39 5.61 14.31 -0.17
N GLY A 40 5.91 13.62 -1.27
CA GLY A 40 7.01 14.04 -2.12
C GLY A 40 7.63 12.88 -2.88
N ALA A 41 8.93 12.97 -3.12
CA ALA A 41 9.65 11.92 -3.84
C ALA A 41 9.88 10.70 -2.95
N VAL A 42 10.56 10.91 -1.83
CA VAL A 42 10.86 9.84 -0.89
C VAL A 42 10.16 10.08 0.45
N LEU A 43 9.53 9.04 0.97
CA LEU A 43 8.82 9.13 2.25
C LEU A 43 9.78 9.53 3.37
N PRO A 44 9.21 10.05 4.47
CA PRO A 44 10.00 10.47 5.63
C PRO A 44 10.62 9.29 6.38
N HIS A 45 11.19 9.56 7.54
CA HIS A 45 11.81 8.53 8.36
C HIS A 45 11.16 8.45 9.74
N GLY A 46 10.10 7.67 9.84
CA GLY A 46 9.40 7.53 11.11
C GLY A 46 7.89 7.45 10.94
N THR A 47 7.40 7.90 9.79
CA THR A 47 5.97 7.87 9.51
C THR A 47 5.48 6.44 9.33
N ALA A 48 4.44 6.08 10.08
CA ALA A 48 3.87 4.74 10.00
C ALA A 48 3.17 4.52 8.66
N VAL A 49 3.08 3.25 8.26
CA VAL A 49 2.43 2.91 7.00
C VAL A 49 1.73 1.56 7.09
N GLU A 50 0.45 1.52 6.74
CA GLU A 50 -0.32 0.29 6.78
C GLU A 50 -0.23 -0.47 5.46
N LEU A 51 -0.22 -1.79 5.55
CA LEU A 51 -0.13 -2.63 4.35
C LEU A 51 -1.46 -3.31 4.07
N PRO A 52 -2.28 -2.67 3.21
CA PRO A 52 -3.59 -3.20 2.83
C PRO A 52 -3.49 -4.44 1.95
N ASP A 53 -4.57 -5.21 1.90
CA ASP A 53 -4.60 -6.43 1.09
C ASP A 53 -3.58 -7.44 1.60
N VAL A 54 -3.46 -7.54 2.92
CA VAL A 54 -2.53 -8.47 3.54
C VAL A 54 -3.22 -9.35 4.57
N GLN A 55 -2.81 -10.61 4.64
CA GLN A 55 -3.40 -11.55 5.59
C GLN A 55 -4.87 -11.78 5.28
N THR A 56 -5.18 -12.05 4.02
CA THR A 56 -6.56 -12.29 3.60
C THR A 56 -7.20 -13.37 4.44
N ALA A 57 -8.52 -13.30 4.58
CA ALA A 57 -9.27 -14.29 5.35
C ALA A 57 -10.74 -14.30 4.96
N PRO A 58 -11.44 -15.40 5.29
CA PRO A 58 -12.87 -15.56 4.98
C PRO A 58 -13.75 -14.63 5.81
N VAL A 59 -13.81 -13.37 5.41
CA VAL A 59 -14.62 -12.38 6.13
C VAL A 59 -15.17 -11.34 5.17
N ALA A 60 -16.35 -10.81 5.50
CA ALA A 60 -16.99 -9.79 4.66
C ALA A 60 -17.32 -10.34 3.29
N GLU A 61 -18.03 -11.48 3.27
CA GLU A 61 -18.42 -12.11 2.02
C GLU A 61 -19.59 -11.36 1.37
N THR A 62 -19.94 -11.76 0.16
CA THR A 62 -21.04 -11.14 -0.57
C THR A 62 -20.74 -9.67 -0.86
N VAL A 63 -19.46 -9.34 -0.96
CA VAL A 63 -19.05 -7.97 -1.23
C VAL A 63 -18.17 -7.90 -2.49
N ASN A 64 -18.75 -7.38 -3.57
CA ASN A 64 -18.03 -7.25 -4.83
C ASN A 64 -16.86 -6.28 -4.69
N LEU A 65 -16.04 -6.22 -5.73
CA LEU A 65 -14.88 -5.32 -5.73
C LEU A 65 -14.44 -4.99 -7.15
N TRP A 66 -15.39 -5.06 -8.09
CA TRP A 66 -15.10 -4.78 -9.49
C TRP A 66 -15.17 -3.28 -9.76
N GLU A 67 -14.36 -2.82 -10.71
CA GLU A 67 -14.33 -1.40 -11.06
C GLU A 67 -14.72 -1.20 -12.52
N VAL A 68 -16.01 -0.94 -12.75
CA VAL A 68 -16.52 -0.73 -14.10
C VAL A 68 -17.28 0.59 -14.20
N GLU A 69 -16.80 1.60 -13.47
CA GLU A 69 -17.43 2.91 -13.48
C GLU A 69 -16.47 3.97 -14.02
N HIS A 70 -16.78 4.49 -15.21
CA HIS A 70 -15.95 5.52 -15.83
C HIS A 70 -16.26 6.89 -15.25
N HIS A 71 -15.21 7.70 -15.08
CA HIS A 71 -15.37 9.05 -14.54
C HIS A 71 -14.28 9.97 -15.06
N MET A 1 -7.44 0.69 0.88
CA MET A 1 -6.41 -0.27 1.28
C MET A 1 -5.07 0.44 1.46
N LYS A 2 -5.09 1.60 2.10
CA LYS A 2 -3.87 2.36 2.32
C LYS A 2 -3.53 2.41 3.81
N THR A 3 -2.23 2.44 4.11
CA THR A 3 -1.77 2.48 5.49
C THR A 3 -0.65 3.50 5.67
N PHE A 4 -0.38 3.88 6.92
CA PHE A 4 0.66 4.85 7.22
C PHE A 4 2.05 4.20 7.12
N ALA A 5 3.05 5.01 6.83
CA ALA A 5 4.42 4.53 6.71
C ALA A 5 5.33 5.19 7.73
N LEU A 6 5.77 4.42 8.72
CA LEU A 6 6.65 4.94 9.77
C LEU A 6 8.11 4.62 9.44
N GLN A 7 9.00 4.96 10.37
CA GLN A 7 10.42 4.71 10.19
C GLN A 7 10.68 3.25 9.82
N GLY A 8 11.33 3.04 8.69
CA GLY A 8 11.64 1.69 8.24
C GLY A 8 10.39 0.92 7.84
N ASP A 9 9.31 1.66 7.57
CA ASP A 9 8.04 1.04 7.17
C ASP A 9 7.56 1.61 5.85
N THR A 10 8.51 2.08 5.03
CA THR A 10 8.18 2.66 3.73
C THR A 10 7.72 1.58 2.76
N LEU A 11 7.43 1.98 1.53
CA LEU A 11 6.98 1.06 0.50
C LEU A 11 7.92 -0.15 0.41
N ASP A 12 9.22 0.12 0.44
CA ASP A 12 10.22 -0.94 0.36
C ASP A 12 9.97 -2.00 1.44
N ALA A 13 9.47 -1.55 2.58
CA ALA A 13 9.19 -2.46 3.69
C ALA A 13 7.79 -3.04 3.59
N ILE A 14 6.79 -2.17 3.54
CA ILE A 14 5.40 -2.59 3.43
C ILE A 14 5.22 -3.59 2.30
N CYS A 15 5.74 -3.27 1.13
CA CYS A 15 5.65 -4.15 -0.03
C CYS A 15 6.16 -5.54 0.30
N VAL A 16 7.23 -5.60 1.10
CA VAL A 16 7.82 -6.88 1.49
C VAL A 16 7.03 -7.52 2.60
N ARG A 17 6.23 -6.73 3.31
CA ARG A 17 5.43 -7.23 4.41
C ARG A 17 4.09 -7.78 3.91
N TYR A 18 3.64 -7.26 2.77
CA TYR A 18 2.39 -7.70 2.17
C TYR A 18 2.64 -8.55 0.93
N TYR A 19 3.26 -7.95 -0.08
CA TYR A 19 3.56 -8.66 -1.32
C TYR A 19 4.70 -9.65 -1.12
N GLY A 20 5.65 -9.29 -0.26
CA GLY A 20 6.78 -10.16 0.00
C GLY A 20 7.94 -9.91 -0.95
N ARG A 21 7.83 -8.85 -1.75
CA ARG A 21 8.87 -8.51 -2.71
C ARG A 21 8.68 -7.09 -3.23
N THR A 22 9.63 -6.63 -4.05
CA THR A 22 9.57 -5.30 -4.61
C THR A 22 9.79 -5.33 -6.13
N GLU A 23 9.95 -6.53 -6.67
CA GLU A 23 10.16 -6.69 -8.10
C GLU A 23 8.84 -6.66 -8.86
N GLY A 24 8.64 -5.60 -9.65
CA GLY A 24 7.41 -5.47 -10.40
C GLY A 24 6.30 -4.82 -9.61
N VAL A 25 6.53 -4.65 -8.31
CA VAL A 25 5.54 -4.03 -7.43
C VAL A 25 5.82 -2.55 -7.23
N VAL A 26 7.06 -2.23 -6.89
CA VAL A 26 7.47 -0.84 -6.67
C VAL A 26 7.14 0.02 -7.89
N GLU A 27 7.20 -0.59 -9.07
CA GLU A 27 6.93 0.13 -10.31
C GLU A 27 5.44 0.45 -10.43
N THR A 28 4.61 -0.36 -9.77
CA THR A 28 3.17 -0.15 -9.80
C THR A 28 2.74 0.95 -8.83
N VAL A 29 2.98 0.73 -7.54
CA VAL A 29 2.63 1.71 -6.52
C VAL A 29 3.19 3.09 -6.86
N LEU A 30 4.41 3.11 -7.38
CA LEU A 30 5.06 4.37 -7.75
C LEU A 30 4.21 5.14 -8.75
N ALA A 31 3.66 4.43 -9.73
CA ALA A 31 2.82 5.05 -10.74
C ALA A 31 1.46 5.44 -10.17
N ALA A 32 1.05 4.77 -9.11
CA ALA A 32 -0.22 5.05 -8.46
C ALA A 32 -0.11 6.23 -7.50
N ASN A 33 1.08 6.44 -6.96
CA ASN A 33 1.33 7.54 -6.03
C ASN A 33 2.45 8.43 -6.53
N PRO A 34 2.16 9.23 -7.56
CA PRO A 34 3.13 10.15 -8.16
C PRO A 34 3.47 11.32 -7.22
N GLY A 35 4.76 11.55 -7.01
CA GLY A 35 5.19 12.62 -6.15
C GLY A 35 5.84 12.12 -4.88
N LEU A 36 5.59 10.87 -4.54
CA LEU A 36 6.17 10.26 -3.34
C LEU A 36 7.63 9.91 -3.55
N ALA A 37 7.94 9.38 -4.73
CA ALA A 37 9.32 8.99 -5.06
C ALA A 37 10.25 10.20 -4.99
N GLU A 38 9.69 11.39 -5.17
CA GLU A 38 10.47 12.62 -5.13
C GLU A 38 11.01 12.88 -3.72
N LEU A 39 10.30 12.34 -2.72
CA LEU A 39 10.71 12.51 -1.33
C LEU A 39 12.17 12.11 -1.13
N GLY A 40 12.51 10.90 -1.56
CA GLY A 40 13.88 10.43 -1.43
C GLY A 40 13.95 8.92 -1.29
N ALA A 41 14.52 8.46 -0.18
CA ALA A 41 14.65 7.03 0.07
C ALA A 41 13.67 6.57 1.14
N VAL A 42 13.43 7.43 2.13
CA VAL A 42 12.51 7.11 3.21
C VAL A 42 11.45 8.19 3.38
N LEU A 43 10.28 7.79 3.89
CA LEU A 43 9.19 8.74 4.09
C LEU A 43 8.92 8.94 5.58
N PRO A 44 8.31 10.09 5.92
CA PRO A 44 7.98 10.43 7.31
C PRO A 44 6.88 9.55 7.88
N HIS A 45 6.74 9.57 9.20
CA HIS A 45 5.71 8.77 9.87
C HIS A 45 4.34 9.38 9.69
N GLY A 46 3.38 8.56 9.27
CA GLY A 46 2.02 9.05 9.06
C GLY A 46 1.63 9.07 7.60
N THR A 47 2.63 9.08 6.72
CA THR A 47 2.39 9.10 5.29
C THR A 47 1.54 7.91 4.85
N ALA A 48 0.32 8.19 4.41
CA ALA A 48 -0.59 7.14 3.96
C ALA A 48 -0.36 6.80 2.50
N VAL A 49 0.06 5.57 2.25
CA VAL A 49 0.33 5.11 0.89
C VAL A 49 -0.71 4.09 0.44
N GLU A 50 -1.05 4.13 -0.85
CA GLU A 50 -2.03 3.20 -1.40
C GLU A 50 -1.38 1.89 -1.81
N LEU A 51 -2.12 0.79 -1.69
CA LEU A 51 -1.61 -0.52 -2.05
C LEU A 51 -2.45 -1.15 -3.16
N PRO A 52 -2.01 -0.94 -4.41
CA PRO A 52 -2.71 -1.48 -5.59
C PRO A 52 -2.58 -2.99 -5.69
N ASP A 53 -3.54 -3.61 -6.37
CA ASP A 53 -3.54 -5.07 -6.54
C ASP A 53 -3.67 -5.78 -5.20
N VAL A 54 -4.46 -5.20 -4.30
CA VAL A 54 -4.68 -5.77 -2.98
C VAL A 54 -6.16 -5.97 -2.69
N GLN A 55 -6.48 -7.04 -1.98
CA GLN A 55 -7.87 -7.34 -1.63
C GLN A 55 -8.04 -7.50 -0.13
N THR A 56 -9.04 -6.83 0.43
CA THR A 56 -9.29 -6.90 1.87
C THR A 56 -9.41 -8.35 2.34
N ALA A 57 -9.32 -8.55 3.64
CA ALA A 57 -9.41 -9.89 4.22
C ALA A 57 -10.66 -10.03 5.07
N PRO A 58 -11.07 -11.29 5.31
CA PRO A 58 -12.25 -11.60 6.11
C PRO A 58 -12.06 -11.27 7.59
N VAL A 59 -12.23 -10.00 7.93
CA VAL A 59 -12.07 -9.55 9.32
C VAL A 59 -13.41 -9.13 9.91
N ALA A 60 -13.58 -9.36 11.21
CA ALA A 60 -14.81 -8.99 11.90
C ALA A 60 -14.81 -7.51 12.27
N GLU A 61 -15.21 -6.66 11.32
CA GLU A 61 -15.26 -5.23 11.55
C GLU A 61 -16.36 -4.58 10.73
N THR A 62 -16.65 -3.31 11.02
CA THR A 62 -17.68 -2.58 10.31
C THR A 62 -17.08 -1.59 9.32
N VAL A 63 -17.68 -1.50 8.14
CA VAL A 63 -17.20 -0.58 7.11
C VAL A 63 -18.14 -0.56 5.92
N ASN A 64 -18.28 0.61 5.31
CA ASN A 64 -19.16 0.77 4.14
C ASN A 64 -18.46 0.32 2.87
N LEU A 65 -19.07 -0.63 2.18
CA LEU A 65 -18.50 -1.16 0.93
C LEU A 65 -19.55 -1.92 0.14
N TRP A 66 -19.84 -1.45 -1.07
CA TRP A 66 -20.82 -2.10 -1.93
C TRP A 66 -20.15 -3.09 -2.87
N GLU A 67 -20.91 -4.12 -3.27
CA GLU A 67 -20.38 -5.15 -4.17
C GLU A 67 -21.52 -5.98 -4.75
N VAL A 68 -21.68 -5.91 -6.06
CA VAL A 68 -22.72 -6.66 -6.75
C VAL A 68 -22.17 -7.40 -7.95
N GLU A 69 -21.36 -8.43 -7.70
CA GLU A 69 -20.76 -9.22 -8.77
C GLU A 69 -20.18 -10.51 -8.21
N HIS A 70 -20.36 -11.60 -8.97
CA HIS A 70 -19.85 -12.90 -8.55
C HIS A 70 -18.56 -13.24 -9.30
N HIS A 71 -17.83 -14.23 -8.78
CA HIS A 71 -16.58 -14.65 -9.40
C HIS A 71 -16.77 -14.95 -10.89
N MET A 1 -4.24 -2.82 5.61
CA MET A 1 -2.94 -3.48 5.73
C MET A 1 -1.81 -2.49 5.49
N LYS A 2 -1.66 -1.54 6.40
CA LYS A 2 -0.62 -0.52 6.30
C LYS A 2 0.36 -0.62 7.46
N THR A 3 1.60 -0.23 7.22
CA THR A 3 2.64 -0.28 8.25
C THR A 3 3.55 0.94 8.17
N PHE A 4 4.24 1.23 9.27
CA PHE A 4 5.16 2.37 9.32
C PHE A 4 6.45 2.06 8.58
N ALA A 5 6.81 2.91 7.63
CA ALA A 5 8.03 2.73 6.85
C ALA A 5 9.26 3.16 7.65
N LEU A 6 10.00 2.19 8.16
CA LEU A 6 11.20 2.48 8.94
C LEU A 6 12.46 2.30 8.09
N GLN A 7 13.62 2.45 8.72
CA GLN A 7 14.89 2.31 8.03
C GLN A 7 14.95 0.99 7.26
N GLY A 8 15.10 1.07 5.94
CA GLY A 8 15.17 -0.12 5.13
C GLY A 8 13.84 -0.84 5.03
N ASP A 9 12.76 -0.11 5.28
CA ASP A 9 11.42 -0.68 5.22
C ASP A 9 10.52 0.10 4.27
N THR A 10 11.14 0.76 3.30
CA THR A 10 10.40 1.55 2.32
C THR A 10 9.63 0.66 1.36
N LEU A 11 8.91 1.28 0.43
CA LEU A 11 8.13 0.54 -0.55
C LEU A 11 8.97 -0.55 -1.22
N ASP A 12 10.18 -0.18 -1.62
CA ASP A 12 11.08 -1.13 -2.28
C ASP A 12 11.30 -2.36 -1.40
N ALA A 13 11.24 -2.16 -0.08
CA ALA A 13 11.43 -3.26 0.86
C ALA A 13 10.12 -3.98 1.14
N ILE A 14 9.13 -3.22 1.63
CA ILE A 14 7.82 -3.78 1.93
C ILE A 14 7.27 -4.58 0.76
N CYS A 15 7.37 -4.01 -0.43
CA CYS A 15 6.89 -4.67 -1.64
C CYS A 15 7.57 -6.02 -1.84
N VAL A 16 8.79 -6.15 -1.32
CA VAL A 16 9.54 -7.39 -1.44
C VAL A 16 9.20 -8.34 -0.31
N ARG A 17 8.84 -7.79 0.85
CA ARG A 17 8.49 -8.60 2.01
C ARG A 17 7.01 -9.00 1.97
N TYR A 18 6.26 -8.37 1.07
CA TYR A 18 4.84 -8.66 0.92
C TYR A 18 4.57 -9.44 -0.36
N TYR A 19 4.88 -8.82 -1.50
CA TYR A 19 4.66 -9.45 -2.79
C TYR A 19 5.93 -10.17 -3.26
N GLY A 20 7.08 -9.59 -2.95
CA GLY A 20 8.34 -10.19 -3.35
C GLY A 20 8.86 -9.63 -4.66
N ARG A 21 8.44 -8.41 -4.99
CA ARG A 21 8.86 -7.76 -6.22
C ARG A 21 8.53 -6.28 -6.21
N THR A 22 9.16 -5.51 -7.08
CA THR A 22 8.94 -4.08 -7.16
C THR A 22 8.38 -3.68 -8.53
N GLU A 23 8.71 -4.47 -9.55
CA GLU A 23 8.25 -4.20 -10.91
C GLU A 23 6.76 -4.50 -11.04
N GLY A 24 5.97 -3.45 -11.23
CA GLY A 24 4.53 -3.63 -11.36
C GLY A 24 3.79 -3.40 -10.07
N VAL A 25 4.52 -3.44 -8.95
CA VAL A 25 3.92 -3.23 -7.64
C VAL A 25 4.12 -1.80 -7.17
N VAL A 26 5.34 -1.28 -7.36
CA VAL A 26 5.66 0.08 -6.95
C VAL A 26 4.68 1.09 -7.57
N GLU A 27 4.12 0.73 -8.71
CA GLU A 27 3.17 1.59 -9.40
C GLU A 27 1.82 1.61 -8.67
N THR A 28 1.45 0.47 -8.09
CA THR A 28 0.19 0.35 -7.38
C THR A 28 0.20 1.21 -6.11
N VAL A 29 1.10 0.89 -5.19
CA VAL A 29 1.22 1.64 -3.94
C VAL A 29 1.36 3.13 -4.21
N LEU A 30 2.13 3.47 -5.24
CA LEU A 30 2.36 4.87 -5.59
C LEU A 30 1.04 5.58 -5.89
N ALA A 31 0.16 4.90 -6.63
CA ALA A 31 -1.14 5.47 -6.98
C ALA A 31 -2.02 5.61 -5.75
N ALA A 32 -1.76 4.78 -4.74
CA ALA A 32 -2.54 4.81 -3.50
C ALA A 32 -1.99 5.87 -2.54
N ASN A 33 -0.69 6.13 -2.65
CA ASN A 33 -0.04 7.12 -1.79
C ASN A 33 0.76 8.13 -2.61
N PRO A 34 0.04 9.03 -3.30
CA PRO A 34 0.66 10.06 -4.14
C PRO A 34 1.39 11.12 -3.32
N GLY A 35 2.39 11.74 -3.92
CA GLY A 35 3.15 12.76 -3.23
C GLY A 35 4.38 12.20 -2.53
N LEU A 36 4.36 10.90 -2.25
CA LEU A 36 5.47 10.25 -1.58
C LEU A 36 6.74 10.35 -2.41
N ALA A 37 6.59 10.30 -3.73
CA ALA A 37 7.72 10.40 -4.64
C ALA A 37 8.48 11.70 -4.43
N GLU A 38 7.79 12.71 -3.94
CA GLU A 38 8.39 14.02 -3.70
C GLU A 38 8.98 14.10 -2.29
N LEU A 39 9.04 12.95 -1.62
CA LEU A 39 9.59 12.88 -0.27
C LEU A 39 11.11 12.74 -0.30
N GLY A 40 11.58 11.76 -1.04
CA GLY A 40 13.01 11.53 -1.14
C GLY A 40 13.36 10.07 -1.38
N ALA A 41 14.40 9.60 -0.70
CA ALA A 41 14.83 8.21 -0.83
C ALA A 41 14.10 7.31 0.15
N VAL A 42 14.50 7.37 1.41
CA VAL A 42 13.89 6.56 2.46
C VAL A 42 12.87 7.37 3.25
N LEU A 43 11.76 6.73 3.60
CA LEU A 43 10.70 7.39 4.36
C LEU A 43 11.07 7.47 5.83
N PRO A 44 10.53 8.49 6.53
CA PRO A 44 10.78 8.69 7.95
C PRO A 44 10.13 7.63 8.83
N HIS A 45 10.94 6.94 9.62
CA HIS A 45 10.45 5.89 10.50
C HIS A 45 9.27 6.40 11.34
N GLY A 46 8.06 6.00 10.96
CA GLY A 46 6.88 6.42 11.69
C GLY A 46 5.71 6.71 10.77
N THR A 47 5.99 6.81 9.48
CA THR A 47 4.95 7.09 8.49
C THR A 47 4.32 5.80 7.97
N ALA A 48 3.02 5.65 8.21
CA ALA A 48 2.30 4.47 7.75
C ALA A 48 2.08 4.50 6.25
N VAL A 49 2.13 3.32 5.62
CA VAL A 49 1.93 3.22 4.18
C VAL A 49 0.90 2.14 3.84
N GLU A 50 -0.10 2.51 3.06
CA GLU A 50 -1.15 1.57 2.66
C GLU A 50 -0.63 0.60 1.61
N LEU A 51 -1.07 -0.66 1.70
CA LEU A 51 -0.66 -1.68 0.76
C LEU A 51 -1.86 -2.25 0.01
N PRO A 52 -2.14 -1.68 -1.17
CA PRO A 52 -3.27 -2.11 -2.01
C PRO A 52 -3.03 -3.48 -2.63
N ASP A 53 -4.11 -4.14 -3.03
CA ASP A 53 -4.02 -5.46 -3.63
C ASP A 53 -3.35 -6.45 -2.69
N VAL A 54 -3.84 -6.50 -1.45
CA VAL A 54 -3.28 -7.40 -0.45
C VAL A 54 -4.38 -8.25 0.19
N GLN A 55 -4.05 -9.50 0.49
CA GLN A 55 -5.00 -10.41 1.11
C GLN A 55 -4.49 -10.91 2.47
N THR A 56 -5.37 -10.89 3.47
CA THR A 56 -5.00 -11.34 4.80
C THR A 56 -6.13 -12.12 5.45
N ALA A 57 -5.86 -12.70 6.62
CA ALA A 57 -6.86 -13.47 7.35
C ALA A 57 -8.16 -12.68 7.50
N PRO A 58 -9.26 -13.40 7.76
CA PRO A 58 -10.58 -12.80 7.94
C PRO A 58 -10.67 -11.99 9.23
N VAL A 59 -10.86 -10.68 9.08
CA VAL A 59 -10.97 -9.80 10.24
C VAL A 59 -12.20 -8.90 10.12
N ALA A 60 -12.70 -8.43 11.26
CA ALA A 60 -13.86 -7.56 11.28
C ALA A 60 -13.68 -6.37 10.35
N GLU A 61 -14.55 -6.27 9.35
CA GLU A 61 -14.48 -5.17 8.39
C GLU A 61 -15.86 -4.84 7.84
N THR A 62 -15.91 -3.90 6.89
CA THR A 62 -17.17 -3.49 6.29
C THR A 62 -16.96 -3.04 4.84
N VAL A 63 -18.03 -3.10 4.05
CA VAL A 63 -17.96 -2.70 2.65
C VAL A 63 -19.33 -2.33 2.12
N ASN A 64 -19.40 -1.26 1.33
CA ASN A 64 -20.66 -0.81 0.75
C ASN A 64 -20.93 -1.50 -0.57
N LEU A 65 -22.17 -1.38 -1.06
CA LEU A 65 -22.56 -1.99 -2.32
C LEU A 65 -23.59 -1.14 -3.04
N TRP A 66 -23.20 -0.55 -4.17
CA TRP A 66 -24.08 0.28 -4.96
C TRP A 66 -25.23 -0.54 -5.55
N GLU A 67 -26.43 -0.34 -5.02
CA GLU A 67 -27.60 -1.05 -5.50
C GLU A 67 -28.60 -0.11 -6.15
N VAL A 68 -28.08 0.95 -6.76
CA VAL A 68 -28.93 1.94 -7.43
C VAL A 68 -28.70 1.92 -8.93
N GLU A 69 -29.62 1.29 -9.66
CA GLU A 69 -29.52 1.20 -11.11
C GLU A 69 -30.77 0.55 -11.70
N HIS A 70 -31.33 1.20 -12.72
CA HIS A 70 -32.53 0.69 -13.38
C HIS A 70 -32.24 0.31 -14.83
N HIS A 71 -31.31 1.03 -15.45
CA HIS A 71 -30.93 0.77 -16.83
C HIS A 71 -29.76 -0.20 -16.90
N MET A 1 -7.10 -2.12 -2.58
CA MET A 1 -6.36 -2.46 -1.37
C MET A 1 -5.49 -1.30 -0.91
N LYS A 2 -5.97 -0.08 -1.15
CA LYS A 2 -5.24 1.11 -0.75
C LYS A 2 -5.39 1.39 0.74
N THR A 3 -4.39 2.03 1.33
CA THR A 3 -4.41 2.35 2.75
C THR A 3 -3.69 3.66 3.03
N PHE A 4 -3.97 4.25 4.19
CA PHE A 4 -3.34 5.51 4.57
C PHE A 4 -1.99 5.27 5.22
N ALA A 5 -0.92 5.60 4.49
CA ALA A 5 0.43 5.41 4.99
C ALA A 5 0.66 6.20 6.28
N LEU A 6 1.54 5.68 7.13
CA LEU A 6 1.84 6.34 8.40
C LEU A 6 3.29 6.08 8.81
N GLN A 7 3.65 6.57 9.99
CA GLN A 7 5.01 6.40 10.50
C GLN A 7 5.43 4.93 10.46
N GLY A 8 6.54 4.66 9.80
CA GLY A 8 7.02 3.29 9.70
C GLY A 8 6.04 2.37 8.99
N ASP A 9 5.20 2.96 8.14
CA ASP A 9 4.21 2.19 7.40
C ASP A 9 4.32 2.45 5.90
N THR A 10 5.51 2.83 5.47
CA THR A 10 5.76 3.11 4.06
C THR A 10 5.75 1.83 3.23
N LEU A 11 5.94 1.98 1.93
CA LEU A 11 5.97 0.83 1.02
C LEU A 11 6.89 -0.26 1.53
N ASP A 12 8.05 0.14 2.03
CA ASP A 12 9.03 -0.80 2.57
C ASP A 12 8.39 -1.70 3.64
N ALA A 13 7.48 -1.13 4.40
CA ALA A 13 6.80 -1.87 5.46
C ALA A 13 5.56 -2.57 4.92
N ILE A 14 4.66 -1.80 4.30
CA ILE A 14 3.44 -2.35 3.74
C ILE A 14 3.73 -3.56 2.85
N CYS A 15 4.64 -3.37 1.90
CA CYS A 15 5.01 -4.45 0.99
C CYS A 15 5.41 -5.70 1.75
N VAL A 16 5.95 -5.51 2.95
CA VAL A 16 6.37 -6.63 3.78
C VAL A 16 5.21 -7.15 4.62
N ARG A 17 4.26 -6.28 4.91
CA ARG A 17 3.10 -6.66 5.72
C ARG A 17 2.00 -7.26 4.84
N TYR A 18 2.13 -7.09 3.54
CA TYR A 18 1.16 -7.61 2.59
C TYR A 18 1.73 -8.79 1.81
N TYR A 19 2.79 -8.53 1.06
CA TYR A 19 3.44 -9.58 0.26
C TYR A 19 4.57 -10.24 1.05
N GLY A 20 5.26 -9.45 1.85
CA GLY A 20 6.35 -9.97 2.64
C GLY A 20 7.70 -9.83 1.95
N ARG A 21 7.78 -8.88 1.03
CA ARG A 21 9.02 -8.64 0.30
C ARG A 21 8.96 -7.30 -0.45
N THR A 22 10.13 -6.82 -0.87
CA THR A 22 10.20 -5.55 -1.58
C THR A 22 10.77 -5.74 -2.98
N GLU A 23 11.61 -6.76 -3.14
CA GLU A 23 12.22 -7.06 -4.44
C GLU A 23 11.16 -7.46 -5.45
N GLY A 24 10.94 -6.61 -6.46
CA GLY A 24 9.95 -6.90 -7.48
C GLY A 24 8.60 -6.29 -7.16
N VAL A 25 8.34 -6.05 -5.89
CA VAL A 25 7.07 -5.47 -5.45
C VAL A 25 7.15 -3.95 -5.43
N VAL A 26 8.27 -3.43 -4.93
CA VAL A 26 8.47 -1.99 -4.84
C VAL A 26 8.30 -1.33 -6.20
N GLU A 27 8.63 -2.06 -7.26
CA GLU A 27 8.51 -1.55 -8.62
C GLU A 27 7.04 -1.47 -9.05
N THR A 28 6.22 -2.32 -8.44
CA THR A 28 4.79 -2.35 -8.77
C THR A 28 4.07 -1.15 -8.16
N VAL A 29 4.06 -1.07 -6.84
CA VAL A 29 3.41 0.03 -6.14
C VAL A 29 3.91 1.37 -6.64
N LEU A 30 5.18 1.42 -7.01
CA LEU A 30 5.78 2.65 -7.52
C LEU A 30 5.10 3.12 -8.80
N ALA A 31 4.83 2.16 -9.69
CA ALA A 31 4.19 2.46 -10.96
C ALA A 31 2.77 2.99 -10.74
N ALA A 32 2.10 2.45 -9.72
CA ALA A 32 0.73 2.86 -9.40
C ALA A 32 0.72 4.25 -8.78
N ASN A 33 1.77 4.58 -8.04
CA ASN A 33 1.88 5.89 -7.39
C ASN A 33 3.19 6.56 -7.74
N PRO A 34 3.28 7.06 -8.99
CA PRO A 34 4.48 7.75 -9.47
C PRO A 34 4.69 9.11 -8.81
N GLY A 35 5.94 9.56 -8.77
CA GLY A 35 6.24 10.84 -8.16
C GLY A 35 6.59 10.72 -6.70
N LEU A 36 6.19 9.61 -6.08
CA LEU A 36 6.47 9.37 -4.67
C LEU A 36 7.98 9.27 -4.43
N ALA A 37 8.70 8.80 -5.43
CA ALA A 37 10.15 8.66 -5.32
C ALA A 37 10.81 9.98 -4.98
N GLU A 38 10.13 11.08 -5.30
CA GLU A 38 10.65 12.42 -5.02
C GLU A 38 10.23 12.88 -3.62
N LEU A 39 9.20 12.24 -3.08
CA LEU A 39 8.69 12.60 -1.75
C LEU A 39 9.83 12.60 -0.73
N GLY A 40 10.57 11.50 -0.66
CA GLY A 40 11.66 11.40 0.28
C GLY A 40 11.91 9.97 0.74
N ALA A 41 11.98 9.78 2.05
CA ALA A 41 12.21 8.46 2.62
C ALA A 41 10.93 7.88 3.20
N VAL A 42 10.20 8.70 3.96
CA VAL A 42 8.95 8.26 4.58
C VAL A 42 7.79 9.16 4.16
N LEU A 43 6.63 8.55 3.93
CA LEU A 43 5.45 9.29 3.52
C LEU A 43 4.76 9.92 4.72
N PRO A 44 4.04 11.04 4.48
CA PRO A 44 3.32 11.75 5.53
C PRO A 44 2.11 10.97 6.04
N HIS A 45 1.94 10.94 7.36
CA HIS A 45 0.82 10.24 7.96
C HIS A 45 -0.50 10.64 7.33
N GLY A 46 -1.03 9.77 6.47
CA GLY A 46 -2.28 10.06 5.80
C GLY A 46 -2.16 9.96 4.29
N THR A 47 -1.04 9.47 3.82
CA THR A 47 -0.79 9.32 2.39
C THR A 47 -1.64 8.20 1.80
N ALA A 48 -2.35 8.50 0.71
CA ALA A 48 -3.20 7.51 0.06
C ALA A 48 -2.40 6.72 -0.98
N VAL A 49 -2.09 5.48 -0.65
CA VAL A 49 -1.34 4.61 -1.56
C VAL A 49 -2.16 3.38 -1.94
N GLU A 50 -1.98 2.94 -3.18
CA GLU A 50 -2.71 1.77 -3.68
C GLU A 50 -1.78 0.56 -3.77
N LEU A 51 -2.33 -0.62 -3.49
CA LEU A 51 -1.56 -1.86 -3.53
C LEU A 51 -1.94 -2.70 -4.75
N PRO A 52 -1.22 -2.52 -5.85
CA PRO A 52 -1.46 -3.24 -7.10
C PRO A 52 -1.10 -4.73 -6.98
N ASP A 53 -1.52 -5.51 -7.96
CA ASP A 53 -1.23 -6.94 -7.97
C ASP A 53 -1.80 -7.62 -6.73
N VAL A 54 -2.97 -7.16 -6.29
CA VAL A 54 -3.62 -7.71 -5.11
C VAL A 54 -5.00 -8.25 -5.45
N GLN A 55 -5.38 -9.35 -4.81
CA GLN A 55 -6.68 -9.96 -5.04
C GLN A 55 -7.78 -9.19 -4.32
N THR A 56 -9.03 -9.43 -4.73
CA THR A 56 -10.17 -8.76 -4.12
C THR A 56 -10.67 -9.51 -2.90
N ALA A 57 -9.93 -10.56 -2.52
CA ALA A 57 -10.31 -11.37 -1.36
C ALA A 57 -9.74 -10.79 -0.08
N PRO A 58 -10.33 -11.17 1.07
CA PRO A 58 -9.89 -10.71 2.39
C PRO A 58 -8.53 -11.26 2.78
N VAL A 59 -8.04 -10.86 3.96
CA VAL A 59 -6.76 -11.32 4.44
C VAL A 59 -6.79 -11.56 5.95
N ALA A 60 -5.94 -12.45 6.42
CA ALA A 60 -5.87 -12.77 7.85
C ALA A 60 -5.42 -11.56 8.66
N GLU A 61 -4.88 -10.56 7.97
CA GLU A 61 -4.40 -9.34 8.63
C GLU A 61 -5.51 -8.29 8.69
N THR A 62 -6.41 -8.33 7.71
CA THR A 62 -7.51 -7.38 7.65
C THR A 62 -8.72 -7.99 6.98
N VAL A 63 -9.89 -7.79 7.58
CA VAL A 63 -11.13 -8.32 7.03
C VAL A 63 -12.13 -7.21 6.73
N ASN A 64 -12.09 -6.16 7.54
CA ASN A 64 -12.99 -5.02 7.35
C ASN A 64 -12.92 -4.50 5.93
N LEU A 65 -13.96 -3.77 5.52
CA LEU A 65 -14.03 -3.21 4.17
C LEU A 65 -14.29 -1.72 4.21
N TRP A 66 -13.39 -0.94 3.63
CA TRP A 66 -13.53 0.51 3.59
C TRP A 66 -13.67 1.01 2.16
N GLU A 67 -13.14 0.24 1.21
CA GLU A 67 -13.22 0.62 -0.20
C GLU A 67 -14.18 -0.28 -0.95
N VAL A 68 -15.45 0.12 -1.00
CA VAL A 68 -16.48 -0.64 -1.68
C VAL A 68 -17.03 0.11 -2.88
N GLU A 69 -17.03 1.45 -2.78
CA GLU A 69 -17.55 2.29 -3.85
C GLU A 69 -18.93 1.85 -4.28
N HIS A 70 -19.71 1.35 -3.33
CA HIS A 70 -21.07 0.89 -3.61
C HIS A 70 -22.09 1.88 -3.06
N HIS A 71 -23.19 2.06 -3.80
CA HIS A 71 -24.25 2.97 -3.39
C HIS A 71 -25.36 2.23 -2.67
N MET A 1 -5.79 -2.99 -9.03
CA MET A 1 -6.14 -2.45 -7.71
C MET A 1 -5.29 -1.23 -7.38
N LYS A 2 -5.90 -0.06 -7.45
CA LYS A 2 -5.20 1.19 -7.15
C LYS A 2 -6.05 2.11 -6.28
N THR A 3 -5.40 2.94 -5.49
CA THR A 3 -6.09 3.87 -4.61
C THR A 3 -5.30 5.16 -4.43
N PHE A 4 -6.00 6.23 -4.04
CA PHE A 4 -5.35 7.52 -3.83
C PHE A 4 -4.59 7.54 -2.51
N ALA A 5 -3.40 8.14 -2.53
CA ALA A 5 -2.57 8.22 -1.34
C ALA A 5 -2.82 9.53 -0.59
N LEU A 6 -3.56 9.44 0.51
CA LEU A 6 -3.88 10.62 1.31
C LEU A 6 -2.98 10.69 2.54
N GLN A 7 -3.24 11.67 3.40
CA GLN A 7 -2.46 11.84 4.63
C GLN A 7 -2.39 10.54 5.41
N GLY A 8 -1.18 10.03 5.63
CA GLY A 8 -1.01 8.80 6.37
C GLY A 8 -1.51 7.59 5.60
N ASP A 9 -1.59 7.72 4.28
CA ASP A 9 -2.05 6.63 3.44
C ASP A 9 -1.03 6.31 2.34
N THR A 10 0.23 6.65 2.60
CA THR A 10 1.30 6.41 1.64
C THR A 10 1.60 4.92 1.52
N LEU A 11 2.54 4.58 0.64
CA LEU A 11 2.93 3.18 0.44
C LEU A 11 3.23 2.50 1.76
N ASP A 12 3.99 3.17 2.61
CA ASP A 12 4.35 2.63 3.91
C ASP A 12 3.11 2.23 4.69
N ALA A 13 2.01 2.96 4.48
CA ALA A 13 0.77 2.68 5.16
C ALA A 13 -0.05 1.65 4.40
N ILE A 14 -0.39 1.96 3.16
CA ILE A 14 -1.17 1.05 2.32
C ILE A 14 -0.58 -0.36 2.35
N CYS A 15 0.73 -0.44 2.25
CA CYS A 15 1.41 -1.73 2.26
C CYS A 15 1.01 -2.56 3.48
N VAL A 16 0.74 -1.87 4.58
CA VAL A 16 0.34 -2.55 5.81
C VAL A 16 -1.16 -2.79 5.84
N ARG A 17 -1.89 -2.03 5.04
CA ARG A 17 -3.35 -2.17 4.97
C ARG A 17 -3.74 -3.25 3.97
N TYR A 18 -2.83 -3.59 3.07
CA TYR A 18 -3.09 -4.61 2.07
C TYR A 18 -2.30 -5.89 2.37
N TYR A 19 -0.98 -5.78 2.36
CA TYR A 19 -0.12 -6.93 2.65
C TYR A 19 0.10 -7.09 4.14
N GLY A 20 0.20 -5.97 4.85
CA GLY A 20 0.41 -6.01 6.29
C GLY A 20 1.87 -5.92 6.65
N ARG A 21 2.70 -5.50 5.70
CA ARG A 21 4.14 -5.37 5.93
C ARG A 21 4.80 -4.55 4.83
N THR A 22 6.05 -4.17 5.05
CA THR A 22 6.79 -3.39 4.08
C THR A 22 8.04 -4.12 3.61
N GLU A 23 8.60 -4.95 4.48
CA GLU A 23 9.79 -5.73 4.15
C GLU A 23 9.54 -6.63 2.95
N GLY A 24 10.20 -6.34 1.84
CA GLY A 24 10.03 -7.14 0.64
C GLY A 24 8.80 -6.74 -0.15
N VAL A 25 8.03 -5.80 0.38
CA VAL A 25 6.82 -5.34 -0.28
C VAL A 25 7.03 -3.96 -0.90
N VAL A 26 7.53 -3.03 -0.11
CA VAL A 26 7.79 -1.68 -0.59
C VAL A 26 8.61 -1.68 -1.87
N GLU A 27 9.53 -2.63 -1.97
CA GLU A 27 10.38 -2.75 -3.16
C GLU A 27 9.53 -2.96 -4.41
N THR A 28 8.52 -3.81 -4.31
CA THR A 28 7.63 -4.10 -5.43
C THR A 28 6.92 -2.84 -5.89
N VAL A 29 6.34 -2.10 -4.94
CA VAL A 29 5.63 -0.87 -5.25
C VAL A 29 6.55 0.15 -5.91
N LEU A 30 7.83 0.07 -5.59
CA LEU A 30 8.82 0.99 -6.14
C LEU A 30 9.02 0.74 -7.63
N ALA A 31 9.17 -0.52 -7.99
CA ALA A 31 9.37 -0.90 -9.39
C ALA A 31 8.12 -0.66 -10.21
N ALA A 32 6.96 -0.80 -9.57
CA ALA A 32 5.68 -0.59 -10.24
C ALA A 32 5.32 0.89 -10.28
N ASN A 33 5.86 1.65 -9.33
CA ASN A 33 5.59 3.09 -9.26
C ASN A 33 6.89 3.88 -9.14
N PRO A 34 7.63 3.98 -10.25
CA PRO A 34 8.89 4.72 -10.29
C PRO A 34 8.70 6.22 -10.16
N GLY A 35 9.62 6.87 -9.45
CA GLY A 35 9.53 8.30 -9.25
C GLY A 35 8.96 8.68 -7.90
N LEU A 36 8.28 7.72 -7.27
CA LEU A 36 7.68 7.96 -5.97
C LEU A 36 8.74 8.05 -4.88
N ALA A 37 9.92 7.49 -5.16
CA ALA A 37 11.03 7.50 -4.21
C ALA A 37 11.62 8.89 -4.09
N GLU A 38 11.20 9.80 -4.97
CA GLU A 38 11.70 11.17 -4.97
C GLU A 38 10.83 12.06 -4.07
N LEU A 39 9.55 11.74 -4.00
CA LEU A 39 8.63 12.51 -3.17
C LEU A 39 9.15 12.63 -1.74
N GLY A 40 9.47 11.50 -1.14
CA GLY A 40 9.98 11.51 0.23
C GLY A 40 8.88 11.58 1.26
N ALA A 41 8.51 12.80 1.65
CA ALA A 41 7.46 13.00 2.63
C ALA A 41 6.14 12.39 2.16
N VAL A 42 5.07 12.64 2.91
CA VAL A 42 3.76 12.11 2.57
C VAL A 42 3.38 12.47 1.13
N LEU A 43 2.59 11.60 0.51
CA LEU A 43 2.15 11.82 -0.87
C LEU A 43 0.95 12.76 -0.91
N PRO A 44 0.79 13.46 -2.05
CA PRO A 44 -0.31 14.40 -2.25
C PRO A 44 -1.66 13.70 -2.36
N HIS A 45 -2.57 14.01 -1.43
CA HIS A 45 -3.90 13.41 -1.43
C HIS A 45 -4.56 13.57 -2.80
N GLY A 46 -4.85 12.44 -3.45
CA GLY A 46 -5.49 12.48 -4.75
C GLY A 46 -4.72 11.70 -5.79
N THR A 47 -3.49 11.32 -5.45
CA THR A 47 -2.64 10.57 -6.37
C THR A 47 -2.85 9.07 -6.22
N ALA A 48 -3.34 8.43 -7.27
CA ALA A 48 -3.59 6.99 -7.24
C ALA A 48 -2.28 6.21 -7.35
N VAL A 49 -2.23 5.06 -6.69
CA VAL A 49 -1.04 4.22 -6.72
C VAL A 49 -1.40 2.77 -7.07
N GLU A 50 -0.59 2.17 -7.95
CA GLU A 50 -0.82 0.79 -8.36
C GLU A 50 -0.28 -0.19 -7.32
N LEU A 51 -1.06 -1.23 -7.05
CA LEU A 51 -0.68 -2.24 -6.07
C LEU A 51 -0.46 -3.60 -6.75
N PRO A 52 0.79 -3.88 -7.14
CA PRO A 52 1.16 -5.13 -7.80
C PRO A 52 1.08 -6.33 -6.84
N ASP A 53 0.81 -7.50 -7.40
CA ASP A 53 0.71 -8.73 -6.61
C ASP A 53 -0.44 -8.63 -5.62
N VAL A 54 -1.58 -8.16 -6.10
CA VAL A 54 -2.77 -8.02 -5.26
C VAL A 54 -4.00 -8.61 -5.95
N GLN A 55 -4.88 -9.22 -5.16
CA GLN A 55 -6.09 -9.82 -5.68
C GLN A 55 -7.33 -9.19 -5.06
N THR A 56 -8.24 -8.71 -5.90
CA THR A 56 -9.47 -8.09 -5.42
C THR A 56 -10.24 -9.02 -4.51
N ALA A 57 -10.99 -8.45 -3.57
CA ALA A 57 -11.78 -9.24 -2.64
C ALA A 57 -10.90 -10.10 -1.76
N PRO A 58 -11.44 -10.55 -0.62
CA PRO A 58 -10.71 -11.40 0.33
C PRO A 58 -10.47 -12.80 -0.21
N VAL A 59 -9.67 -13.58 0.51
CA VAL A 59 -9.35 -14.94 0.11
C VAL A 59 -9.84 -15.95 1.13
N ALA A 60 -10.31 -17.10 0.66
CA ALA A 60 -10.81 -18.15 1.55
C ALA A 60 -9.66 -18.80 2.31
N GLU A 61 -9.28 -18.18 3.43
CA GLU A 61 -8.19 -18.71 4.26
C GLU A 61 -8.52 -18.55 5.74
N THR A 62 -7.71 -19.18 6.58
CA THR A 62 -7.91 -19.10 8.02
C THR A 62 -6.77 -18.35 8.70
N VAL A 63 -5.74 -18.02 7.92
CA VAL A 63 -4.59 -17.29 8.44
C VAL A 63 -4.71 -15.80 8.15
N ASN A 64 -5.58 -15.12 8.88
CA ASN A 64 -5.78 -13.68 8.71
C ASN A 64 -6.64 -13.12 9.83
N LEU A 65 -6.34 -11.88 10.23
CA LEU A 65 -7.09 -11.22 11.29
C LEU A 65 -6.66 -9.76 11.43
N TRP A 66 -7.63 -8.88 11.65
CA TRP A 66 -7.35 -7.46 11.80
C TRP A 66 -6.87 -7.15 13.22
N GLU A 67 -6.33 -5.94 13.40
CA GLU A 67 -5.84 -5.53 14.71
C GLU A 67 -6.22 -4.08 15.00
N VAL A 68 -7.15 -3.55 14.21
CA VAL A 68 -7.61 -2.18 14.39
C VAL A 68 -6.49 -1.18 14.08
N GLU A 69 -5.99 -1.22 12.85
CA GLU A 69 -4.92 -0.32 12.43
C GLU A 69 -5.45 0.76 11.50
N HIS A 70 -5.57 1.97 12.02
CA HIS A 70 -6.06 3.10 11.24
C HIS A 70 -5.84 4.42 11.97
N HIS A 71 -5.51 5.46 11.21
CA HIS A 71 -5.26 6.78 11.79
C HIS A 71 -6.50 7.66 11.68
N MET A 1 -7.47 -1.83 0.32
CA MET A 1 -6.59 -1.94 1.49
C MET A 1 -5.52 -0.86 1.46
N LYS A 2 -5.72 0.18 2.26
CA LYS A 2 -4.78 1.29 2.35
C LYS A 2 -4.37 1.55 3.79
N THR A 3 -3.16 2.08 3.98
CA THR A 3 -2.65 2.38 5.31
C THR A 3 -1.87 3.68 5.32
N PHE A 4 -1.84 4.35 6.46
CA PHE A 4 -1.12 5.61 6.61
C PHE A 4 0.38 5.37 6.70
N ALA A 5 1.12 5.85 5.70
CA ALA A 5 2.56 5.69 5.68
C ALA A 5 3.24 6.65 6.64
N LEU A 6 3.82 6.10 7.70
CA LEU A 6 4.50 6.90 8.71
C LEU A 6 6.01 6.67 8.66
N GLN A 7 6.72 7.30 9.60
CA GLN A 7 8.18 7.16 9.66
C GLN A 7 8.59 5.69 9.67
N GLY A 8 9.45 5.32 8.72
CA GLY A 8 9.90 3.94 8.64
C GLY A 8 8.80 2.99 8.21
N ASP A 9 7.73 3.54 7.63
CA ASP A 9 6.60 2.74 7.17
C ASP A 9 6.30 3.01 5.70
N THR A 10 7.32 3.45 4.97
CA THR A 10 7.16 3.76 3.55
C THR A 10 6.99 2.48 2.73
N LEU A 11 6.78 2.64 1.43
CA LEU A 11 6.60 1.50 0.54
C LEU A 11 7.72 0.48 0.73
N ASP A 12 8.95 0.97 0.82
CA ASP A 12 10.10 0.11 1.00
C ASP A 12 9.92 -0.80 2.22
N ALA A 13 9.22 -0.28 3.23
CA ALA A 13 8.98 -1.04 4.45
C ALA A 13 7.70 -1.87 4.32
N ILE A 14 6.59 -1.20 4.04
CA ILE A 14 5.31 -1.87 3.89
C ILE A 14 5.42 -3.06 2.93
N CYS A 15 6.02 -2.82 1.78
CA CYS A 15 6.19 -3.87 0.78
C CYS A 15 6.92 -5.06 1.36
N VAL A 16 7.76 -4.82 2.36
CA VAL A 16 8.52 -5.87 3.01
C VAL A 16 7.71 -6.51 4.14
N ARG A 17 6.85 -5.73 4.76
CA ARG A 17 6.02 -6.21 5.86
C ARG A 17 4.75 -6.88 5.33
N TYR A 18 4.49 -6.69 4.05
CA TYR A 18 3.30 -7.26 3.42
C TYR A 18 3.69 -8.41 2.49
N TYR A 19 4.47 -8.10 1.46
CA TYR A 19 4.90 -9.11 0.50
C TYR A 19 6.27 -9.67 0.87
N GLY A 20 7.12 -8.82 1.42
CA GLY A 20 8.44 -9.25 1.82
C GLY A 20 9.49 -9.02 0.74
N ARG A 21 9.21 -8.05 -0.13
CA ARG A 21 10.13 -7.72 -1.21
C ARG A 21 9.79 -6.38 -1.85
N THR A 22 10.75 -5.78 -2.53
CA THR A 22 10.54 -4.49 -3.18
C THR A 22 10.68 -4.61 -4.70
N GLU A 23 11.43 -5.61 -5.14
CA GLU A 23 11.64 -5.84 -6.57
C GLU A 23 10.41 -6.47 -7.21
N GLY A 24 9.73 -5.72 -8.06
CA GLY A 24 8.54 -6.23 -8.72
C GLY A 24 7.26 -5.76 -8.07
N VAL A 25 7.37 -5.31 -6.81
CA VAL A 25 6.21 -4.83 -6.08
C VAL A 25 6.10 -3.32 -6.14
N VAL A 26 7.21 -2.64 -5.90
CA VAL A 26 7.24 -1.18 -5.92
C VAL A 26 6.68 -0.66 -7.24
N GLU A 27 6.93 -1.39 -8.33
CA GLU A 27 6.44 -0.99 -9.64
C GLU A 27 4.92 -0.96 -9.68
N THR A 28 4.30 -1.87 -8.93
CA THR A 28 2.84 -1.96 -8.88
C THR A 28 2.26 -0.76 -8.13
N VAL A 29 2.58 -0.67 -6.84
CA VAL A 29 2.08 0.41 -6.01
C VAL A 29 2.35 1.77 -6.64
N LEU A 30 3.50 1.88 -7.32
CA LEU A 30 3.87 3.13 -7.97
C LEU A 30 2.79 3.57 -8.96
N ALA A 31 2.32 2.61 -9.77
CA ALA A 31 1.28 2.90 -10.75
C ALA A 31 -0.01 3.35 -10.08
N ALA A 32 -0.29 2.79 -8.90
CA ALA A 32 -1.49 3.12 -8.15
C ALA A 32 -1.33 4.46 -7.43
N ASN A 33 -0.08 4.82 -7.15
CA ASN A 33 0.21 6.08 -6.45
C ASN A 33 1.41 6.78 -7.08
N PRO A 34 1.21 7.36 -8.27
CA PRO A 34 2.26 8.08 -8.99
C PRO A 34 2.66 9.38 -8.31
N GLY A 35 3.91 9.80 -8.50
CA GLY A 35 4.39 11.02 -7.89
C GLY A 35 5.05 10.79 -6.55
N LEU A 36 4.75 9.65 -5.94
CA LEU A 36 5.32 9.31 -4.63
C LEU A 36 6.83 9.14 -4.74
N ALA A 37 7.30 8.68 -5.89
CA ALA A 37 8.72 8.49 -6.13
C ALA A 37 9.49 9.81 -6.03
N GLU A 38 8.77 10.92 -6.24
CA GLU A 38 9.36 12.24 -6.17
C GLU A 38 9.56 12.68 -4.73
N LEU A 39 8.85 12.04 -3.82
CA LEU A 39 8.94 12.36 -2.40
C LEU A 39 10.40 12.36 -1.93
N GLY A 40 11.08 11.24 -2.18
CA GLY A 40 12.47 11.14 -1.78
C GLY A 40 12.63 10.65 -0.35
N ALA A 41 12.68 11.59 0.59
CA ALA A 41 12.83 11.25 2.00
C ALA A 41 11.66 10.40 2.49
N VAL A 42 11.57 10.21 3.80
CA VAL A 42 10.50 9.42 4.39
C VAL A 42 9.13 9.94 3.97
N LEU A 43 8.25 9.04 3.57
CA LEU A 43 6.90 9.41 3.15
C LEU A 43 6.22 10.26 4.21
N PRO A 44 5.18 11.00 3.80
CA PRO A 44 4.42 11.86 4.70
C PRO A 44 3.58 11.07 5.70
N HIS A 45 3.71 11.40 6.97
CA HIS A 45 2.96 10.71 8.03
C HIS A 45 1.48 11.10 7.98
N GLY A 46 0.62 10.09 7.85
CA GLY A 46 -0.81 10.35 7.80
C GLY A 46 -1.37 10.16 6.40
N THR A 47 -0.50 9.91 5.43
CA THR A 47 -0.92 9.72 4.05
C THR A 47 -1.24 8.25 3.77
N ALA A 48 -2.44 7.99 3.29
CA ALA A 48 -2.86 6.64 2.97
C ALA A 48 -2.31 6.18 1.63
N VAL A 49 -1.79 4.96 1.58
CA VAL A 49 -1.23 4.41 0.35
C VAL A 49 -1.98 3.15 -0.08
N GLU A 50 -2.35 3.10 -1.36
CA GLU A 50 -3.08 1.95 -1.90
C GLU A 50 -2.14 0.77 -2.09
N LEU A 51 -2.49 -0.37 -1.48
CA LEU A 51 -1.67 -1.57 -1.58
C LEU A 51 -2.37 -2.62 -2.44
N PRO A 52 -2.07 -2.63 -3.74
CA PRO A 52 -2.66 -3.56 -4.70
C PRO A 52 -2.16 -4.99 -4.48
N ASP A 53 -2.99 -5.97 -4.85
CA ASP A 53 -2.62 -7.37 -4.69
C ASP A 53 -2.42 -7.72 -3.23
N VAL A 54 -3.31 -7.23 -2.38
CA VAL A 54 -3.24 -7.49 -0.94
C VAL A 54 -4.50 -8.20 -0.44
N GLN A 55 -4.32 -9.12 0.51
CA GLN A 55 -5.44 -9.86 1.06
C GLN A 55 -6.18 -10.62 -0.02
N THR A 56 -5.48 -10.96 -1.09
CA THR A 56 -6.08 -11.69 -2.21
C THR A 56 -6.20 -13.18 -1.88
N ALA A 57 -6.92 -13.49 -0.82
CA ALA A 57 -7.12 -14.87 -0.40
C ALA A 57 -8.51 -15.07 0.21
N PRO A 58 -8.95 -16.34 0.25
CA PRO A 58 -10.26 -16.69 0.81
C PRO A 58 -10.32 -16.51 2.32
N VAL A 59 -11.18 -15.60 2.78
CA VAL A 59 -11.33 -15.35 4.21
C VAL A 59 -12.33 -16.30 4.84
N ALA A 60 -12.61 -16.09 6.12
CA ALA A 60 -13.56 -16.93 6.84
C ALA A 60 -14.56 -16.08 7.63
N GLU A 61 -14.77 -14.85 7.18
CA GLU A 61 -15.70 -13.94 7.84
C GLU A 61 -16.09 -12.80 6.92
N THR A 62 -17.13 -12.06 7.30
CA THR A 62 -17.60 -10.94 6.50
C THR A 62 -16.89 -9.64 6.90
N VAL A 63 -16.07 -9.14 6.00
CA VAL A 63 -15.33 -7.90 6.26
C VAL A 63 -14.72 -7.35 4.97
N ASN A 64 -14.61 -6.03 4.90
CA ASN A 64 -14.05 -5.38 3.72
C ASN A 64 -14.76 -5.83 2.45
N LEU A 65 -16.08 -5.71 2.45
CA LEU A 65 -16.88 -6.10 1.30
C LEU A 65 -16.78 -5.08 0.18
N TRP A 66 -15.78 -5.26 -0.68
CA TRP A 66 -15.56 -4.34 -1.80
C TRP A 66 -16.80 -4.27 -2.70
N GLU A 67 -17.17 -3.06 -3.08
CA GLU A 67 -18.33 -2.86 -3.94
C GLU A 67 -18.17 -1.61 -4.80
N VAL A 68 -16.92 -1.24 -5.07
CA VAL A 68 -16.63 -0.06 -5.87
C VAL A 68 -17.07 1.22 -5.15
N GLU A 69 -16.53 1.44 -3.97
CA GLU A 69 -16.86 2.63 -3.18
C GLU A 69 -15.68 3.58 -3.11
N HIS A 70 -15.74 4.66 -3.89
CA HIS A 70 -14.67 5.65 -3.91
C HIS A 70 -15.22 7.04 -3.67
N HIS A 71 -16.30 7.38 -4.37
CA HIS A 71 -16.93 8.69 -4.23
C HIS A 71 -17.76 8.76 -2.95
N MET A 1 4.62 -9.71 2.61
CA MET A 1 3.86 -9.21 1.47
C MET A 1 4.59 -8.04 0.81
N LYS A 2 5.91 -7.99 0.98
CA LYS A 2 6.71 -6.94 0.39
C LYS A 2 7.19 -7.32 -1.00
N THR A 3 7.41 -6.32 -1.85
CA THR A 3 7.86 -6.54 -3.21
C THR A 3 8.88 -5.49 -3.63
N PHE A 4 9.71 -5.84 -4.62
CA PHE A 4 10.72 -4.93 -5.12
C PHE A 4 10.11 -3.85 -6.02
N ALA A 5 10.30 -2.59 -5.64
CA ALA A 5 9.76 -1.48 -6.42
C ALA A 5 10.67 -1.13 -7.58
N LEU A 6 10.07 -0.96 -8.76
CA LEU A 6 10.84 -0.63 -9.96
C LEU A 6 10.29 0.64 -10.60
N GLN A 7 10.88 1.01 -11.74
CA GLN A 7 10.45 2.21 -12.47
C GLN A 7 8.95 2.20 -12.70
N GLY A 8 8.28 3.27 -12.28
CA GLY A 8 6.84 3.36 -12.46
C GLY A 8 6.09 2.29 -11.68
N ASP A 9 6.74 1.74 -10.66
CA ASP A 9 6.14 0.71 -9.83
C ASP A 9 6.19 1.09 -8.35
N THR A 10 6.27 2.39 -8.09
CA THR A 10 6.34 2.89 -6.72
C THR A 10 4.99 2.75 -6.01
N LEU A 11 4.94 3.17 -4.76
CA LEU A 11 3.71 3.09 -3.97
C LEU A 11 2.53 3.67 -4.75
N ASP A 12 2.80 4.72 -5.52
CA ASP A 12 1.76 5.37 -6.31
C ASP A 12 1.08 4.37 -7.24
N ALA A 13 1.88 3.48 -7.83
CA ALA A 13 1.35 2.48 -8.73
C ALA A 13 0.92 1.23 -7.97
N ILE A 14 1.80 0.72 -7.12
CA ILE A 14 1.50 -0.48 -6.33
C ILE A 14 0.17 -0.33 -5.60
N CYS A 15 0.04 0.72 -4.82
CA CYS A 15 -1.18 0.98 -4.06
C CYS A 15 -2.41 0.90 -4.98
N VAL A 16 -2.19 1.18 -6.27
CA VAL A 16 -3.27 1.15 -7.24
C VAL A 16 -3.49 -0.26 -7.77
N ARG A 17 -2.40 -0.89 -8.20
CA ARG A 17 -2.48 -2.26 -8.74
C ARG A 17 -2.85 -3.25 -7.65
N TYR A 18 -2.83 -2.79 -6.40
CA TYR A 18 -3.17 -3.65 -5.26
C TYR A 18 -4.53 -3.28 -4.68
N TYR A 19 -4.66 -2.03 -4.26
CA TYR A 19 -5.91 -1.56 -3.69
C TYR A 19 -6.71 -0.73 -4.70
N GLY A 20 -5.99 0.01 -5.54
CA GLY A 20 -6.64 0.83 -6.54
C GLY A 20 -6.86 2.26 -6.08
N ARG A 21 -6.04 2.70 -5.14
CA ARG A 21 -6.14 4.06 -4.61
C ARG A 21 -4.89 4.44 -3.83
N THR A 22 -4.65 5.74 -3.69
CA THR A 22 -3.49 6.24 -2.96
C THR A 22 -3.91 7.01 -1.71
N GLU A 23 -5.11 7.59 -1.76
CA GLU A 23 -5.63 8.35 -0.63
C GLU A 23 -6.05 7.43 0.51
N GLY A 24 -5.31 7.49 1.62
CA GLY A 24 -5.62 6.65 2.76
C GLY A 24 -4.75 5.41 2.82
N VAL A 25 -4.14 5.06 1.69
CA VAL A 25 -3.29 3.88 1.62
C VAL A 25 -1.82 4.26 1.73
N VAL A 26 -1.42 5.31 1.01
CA VAL A 26 -0.04 5.78 1.03
C VAL A 26 0.43 6.03 2.45
N GLU A 27 -0.48 6.54 3.28
CA GLU A 27 -0.15 6.83 4.68
C GLU A 27 0.15 5.55 5.44
N THR A 28 -0.51 4.46 5.07
CA THR A 28 -0.32 3.18 5.72
C THR A 28 1.10 2.67 5.52
N VAL A 29 1.46 2.40 4.27
CA VAL A 29 2.80 1.91 3.94
C VAL A 29 3.87 2.81 4.54
N LEU A 30 3.66 4.13 4.44
CA LEU A 30 4.61 5.09 4.98
C LEU A 30 4.89 4.83 6.45
N ALA A 31 3.83 4.67 7.23
CA ALA A 31 3.96 4.41 8.66
C ALA A 31 4.79 3.15 8.92
N ALA A 32 4.60 2.15 8.07
CA ALA A 32 5.34 0.89 8.20
C ALA A 32 6.80 1.06 7.77
N ASN A 33 7.03 1.97 6.83
CA ASN A 33 8.38 2.22 6.34
C ASN A 33 8.71 3.72 6.40
N PRO A 34 8.95 4.22 7.62
CA PRO A 34 9.28 5.63 7.85
C PRO A 34 10.66 5.99 7.32
N GLY A 35 10.76 7.16 6.71
CA GLY A 35 12.04 7.61 6.17
C GLY A 35 12.23 7.18 4.72
N LEU A 36 11.45 6.21 4.27
CA LEU A 36 11.54 5.71 2.91
C LEU A 36 11.08 6.77 1.92
N ALA A 37 10.04 7.50 2.29
CA ALA A 37 9.50 8.55 1.42
C ALA A 37 10.55 9.62 1.15
N GLU A 38 11.54 9.72 2.03
CA GLU A 38 12.60 10.70 1.88
C GLU A 38 13.44 10.41 0.64
N LEU A 39 13.29 9.21 0.10
CA LEU A 39 14.04 8.81 -1.08
C LEU A 39 13.88 9.83 -2.21
N GLY A 40 12.63 10.15 -2.53
CA GLY A 40 12.37 11.12 -3.58
C GLY A 40 11.11 10.79 -4.37
N ALA A 41 11.09 11.19 -5.64
CA ALA A 41 9.95 10.94 -6.49
C ALA A 41 9.78 9.44 -6.75
N VAL A 42 10.63 8.89 -7.61
CA VAL A 42 10.58 7.47 -7.94
C VAL A 42 11.59 6.68 -7.13
N LEU A 43 11.17 5.52 -6.63
CA LEU A 43 12.05 4.67 -5.84
C LEU A 43 13.03 3.92 -6.73
N PRO A 44 14.21 3.58 -6.17
CA PRO A 44 15.25 2.86 -6.90
C PRO A 44 14.86 1.42 -7.19
N HIS A 45 15.08 1.00 -8.43
CA HIS A 45 14.75 -0.36 -8.85
C HIS A 45 15.32 -1.38 -7.87
N GLY A 46 14.45 -1.95 -7.04
CA GLY A 46 14.90 -2.93 -6.07
C GLY A 46 14.53 -2.56 -4.65
N THR A 47 13.72 -1.51 -4.51
CA THR A 47 13.28 -1.04 -3.20
C THR A 47 12.35 -2.05 -2.54
N ALA A 48 12.71 -2.50 -1.35
CA ALA A 48 11.89 -3.46 -0.62
C ALA A 48 10.85 -2.75 0.23
N VAL A 49 9.61 -2.70 -0.27
CA VAL A 49 8.52 -2.06 0.44
C VAL A 49 7.49 -3.08 0.90
N GLU A 50 6.98 -2.88 2.11
CA GLU A 50 5.98 -3.78 2.68
C GLU A 50 4.57 -3.30 2.36
N LEU A 51 3.69 -4.24 2.05
CA LEU A 51 2.30 -3.92 1.72
C LEU A 51 1.36 -4.34 2.85
N PRO A 52 1.09 -3.42 3.78
CA PRO A 52 0.21 -3.67 4.92
C PRO A 52 -1.25 -3.82 4.50
N ASP A 53 -2.00 -4.61 5.27
CA ASP A 53 -3.41 -4.84 4.97
C ASP A 53 -3.58 -5.45 3.58
N VAL A 54 -2.92 -6.58 3.35
CA VAL A 54 -3.01 -7.27 2.07
C VAL A 54 -3.38 -8.74 2.25
N GLN A 55 -4.17 -9.26 1.32
CA GLN A 55 -4.60 -10.66 1.38
C GLN A 55 -3.44 -11.59 1.06
N THR A 56 -3.75 -12.87 0.87
CA THR A 56 -2.73 -13.87 0.56
C THR A 56 -1.75 -14.04 1.71
N ALA A 57 -2.26 -13.99 2.94
CA ALA A 57 -1.44 -14.13 4.12
C ALA A 57 -2.21 -14.79 5.26
N PRO A 58 -1.49 -15.35 6.23
CA PRO A 58 -2.09 -16.01 7.39
C PRO A 58 -2.77 -15.03 8.34
N VAL A 59 -4.02 -14.69 8.02
CA VAL A 59 -4.80 -13.75 8.82
C VAL A 59 -6.16 -14.34 9.19
N ALA A 60 -6.97 -13.55 9.86
CA ALA A 60 -8.31 -13.99 10.26
C ALA A 60 -9.37 -13.41 9.33
N GLU A 61 -10.63 -13.72 9.63
CA GLU A 61 -11.74 -13.24 8.82
C GLU A 61 -11.96 -11.74 9.02
N THR A 62 -12.71 -11.13 8.11
CA THR A 62 -12.99 -9.70 8.19
C THR A 62 -14.45 -9.41 7.85
N VAL A 63 -14.90 -8.21 8.19
CA VAL A 63 -16.28 -7.81 7.92
C VAL A 63 -16.50 -6.34 8.27
N ASN A 64 -17.26 -5.64 7.42
CA ASN A 64 -17.54 -4.22 7.63
C ASN A 64 -19.05 -3.99 7.70
N LEU A 65 -19.42 -2.76 8.06
CA LEU A 65 -20.83 -2.39 8.16
C LEU A 65 -21.05 -0.94 7.75
N TRP A 66 -22.07 -0.72 6.92
CA TRP A 66 -22.39 0.62 6.43
C TRP A 66 -22.64 1.57 7.60
N GLU A 67 -22.08 2.77 7.52
CA GLU A 67 -22.25 3.77 8.57
C GLU A 67 -22.55 5.14 7.98
N VAL A 68 -23.45 5.17 7.00
CA VAL A 68 -23.82 6.43 6.35
C VAL A 68 -25.34 6.56 6.28
N GLU A 69 -25.94 7.07 7.36
CA GLU A 69 -27.38 7.26 7.41
C GLU A 69 -27.75 8.32 8.44
N HIS A 70 -28.53 9.32 8.00
CA HIS A 70 -28.95 10.39 8.89
C HIS A 70 -30.37 10.14 9.40
N HIS A 71 -31.16 9.42 8.62
CA HIS A 71 -32.53 9.11 8.99
C HIS A 71 -32.61 7.77 9.70
N MET A 1 -1.95 -5.18 10.07
CA MET A 1 -0.82 -5.46 9.19
C MET A 1 -0.19 -4.17 8.68
N LYS A 2 0.26 -3.32 9.60
CA LYS A 2 0.88 -2.06 9.23
C LYS A 2 2.28 -1.95 9.85
N THR A 3 3.15 -1.20 9.18
CA THR A 3 4.52 -1.01 9.64
C THR A 3 4.97 0.43 9.45
N PHE A 4 6.02 0.81 10.15
CA PHE A 4 6.56 2.16 10.05
C PHE A 4 7.36 2.34 8.77
N ALA A 5 7.20 3.49 8.13
CA ALA A 5 7.90 3.79 6.89
C ALA A 5 9.15 4.62 7.15
N LEU A 6 10.31 3.99 7.03
CA LEU A 6 11.58 4.67 7.26
C LEU A 6 12.28 4.97 5.94
N GLN A 7 13.50 5.51 6.02
CA GLN A 7 14.26 5.84 4.83
C GLN A 7 14.38 4.64 3.90
N GLY A 8 13.93 4.82 2.66
CA GLY A 8 13.98 3.74 1.69
C GLY A 8 13.02 2.62 2.02
N ASP A 9 12.04 2.91 2.87
CA ASP A 9 11.04 1.92 3.25
C ASP A 9 9.63 2.41 2.95
N THR A 10 9.52 3.32 1.99
CA THR A 10 8.23 3.88 1.60
C THR A 10 7.38 2.84 0.86
N LEU A 11 6.19 3.26 0.43
CA LEU A 11 5.29 2.37 -0.28
C LEU A 11 6.02 1.67 -1.44
N ASP A 12 6.79 2.45 -2.20
CA ASP A 12 7.54 1.91 -3.32
C ASP A 12 8.40 0.72 -2.88
N ALA A 13 8.90 0.78 -1.65
CA ALA A 13 9.74 -0.28 -1.12
C ALA A 13 8.89 -1.38 -0.47
N ILE A 14 8.09 -1.00 0.51
CA ILE A 14 7.23 -1.95 1.20
C ILE A 14 6.44 -2.80 0.21
N CYS A 15 5.79 -2.14 -0.73
CA CYS A 15 5.00 -2.83 -1.74
C CYS A 15 5.82 -3.91 -2.44
N VAL A 16 7.12 -3.64 -2.60
CA VAL A 16 8.02 -4.59 -3.24
C VAL A 16 8.55 -5.61 -2.25
N ARG A 17 8.52 -5.26 -0.97
CA ARG A 17 8.99 -6.14 0.08
C ARG A 17 7.89 -7.10 0.52
N TYR A 18 6.64 -6.76 0.22
CA TYR A 18 5.50 -7.59 0.58
C TYR A 18 4.92 -8.28 -0.64
N TYR A 19 4.42 -7.49 -1.58
CA TYR A 19 3.83 -8.03 -2.81
C TYR A 19 4.90 -8.26 -3.87
N GLY A 20 5.89 -7.37 -3.91
CA GLY A 20 6.95 -7.49 -4.89
C GLY A 20 6.66 -6.75 -6.17
N ARG A 21 5.77 -5.77 -6.09
CA ARG A 21 5.40 -4.97 -7.26
C ARG A 21 4.65 -3.71 -6.84
N THR A 22 4.63 -2.71 -7.72
CA THR A 22 3.95 -1.45 -7.44
C THR A 22 2.78 -1.24 -8.39
N GLU A 23 2.85 -1.88 -9.56
CA GLU A 23 1.80 -1.75 -10.56
C GLU A 23 0.53 -2.47 -10.10
N GLY A 24 -0.51 -1.69 -9.81
CA GLY A 24 -1.76 -2.27 -9.36
C GLY A 24 -1.87 -2.34 -7.85
N VAL A 25 -0.73 -2.25 -7.18
CA VAL A 25 -0.69 -2.30 -5.72
C VAL A 25 -0.65 -0.91 -5.13
N VAL A 26 0.12 -0.02 -5.75
CA VAL A 26 0.26 1.35 -5.27
C VAL A 26 -1.12 2.02 -5.15
N GLU A 27 -2.03 1.62 -6.02
CA GLU A 27 -3.38 2.18 -6.02
C GLU A 27 -4.17 1.70 -4.80
N THR A 28 -3.79 0.53 -4.28
CA THR A 28 -4.46 -0.04 -3.12
C THR A 28 -4.05 0.66 -1.84
N VAL A 29 -2.77 0.58 -1.51
CA VAL A 29 -2.25 1.22 -0.31
C VAL A 29 -2.57 2.70 -0.29
N LEU A 30 -2.30 3.38 -1.40
CA LEU A 30 -2.57 4.81 -1.52
C LEU A 30 -4.00 5.12 -1.11
N ALA A 31 -4.95 4.38 -1.68
CA ALA A 31 -6.36 4.58 -1.36
C ALA A 31 -6.61 4.48 0.13
N ALA A 32 -5.94 3.55 0.79
CA ALA A 32 -6.09 3.35 2.22
C ALA A 32 -5.44 4.49 3.01
N ASN A 33 -4.38 5.06 2.44
CA ASN A 33 -3.66 6.15 3.08
C ASN A 33 -3.52 7.35 2.13
N PRO A 34 -4.62 8.06 1.92
CA PRO A 34 -4.64 9.24 1.03
C PRO A 34 -3.86 10.41 1.61
N GLY A 35 -3.14 11.13 0.76
CA GLY A 35 -2.37 12.27 1.19
C GLY A 35 -0.96 11.89 1.59
N LEU A 36 -0.73 10.60 1.80
CA LEU A 36 0.59 10.10 2.18
C LEU A 36 1.50 9.95 0.96
N ALA A 37 0.91 9.53 -0.15
CA ALA A 37 1.66 9.34 -1.38
C ALA A 37 2.17 10.67 -1.92
N GLU A 38 1.58 11.76 -1.46
CA GLU A 38 1.97 13.10 -1.89
C GLU A 38 3.07 13.66 -0.99
N LEU A 39 3.62 12.80 -0.13
CA LEU A 39 4.68 13.20 0.79
C LEU A 39 5.97 13.49 0.03
N GLY A 40 6.41 12.52 -0.78
CA GLY A 40 7.63 12.70 -1.54
C GLY A 40 8.35 11.38 -1.79
N ALA A 41 9.63 11.46 -2.12
CA ALA A 41 10.43 10.27 -2.39
C ALA A 41 10.53 9.40 -1.14
N VAL A 42 10.97 9.99 -0.04
CA VAL A 42 11.12 9.27 1.21
C VAL A 42 9.96 9.58 2.16
N LEU A 43 9.62 8.61 3.02
CA LEU A 43 8.55 8.79 3.98
C LEU A 43 9.10 9.11 5.37
N PRO A 44 8.24 9.67 6.23
CA PRO A 44 8.61 10.04 7.59
C PRO A 44 8.86 8.82 8.48
N HIS A 45 10.09 8.64 8.93
CA HIS A 45 10.45 7.51 9.78
C HIS A 45 9.60 7.50 11.04
N GLY A 46 8.98 6.36 11.33
CA GLY A 46 8.15 6.25 12.51
C GLY A 46 6.67 6.29 12.19
N THR A 47 6.34 6.60 10.93
CA THR A 47 4.96 6.68 10.50
C THR A 47 4.45 5.33 10.00
N ALA A 48 3.48 4.76 10.70
CA ALA A 48 2.91 3.47 10.32
C ALA A 48 2.10 3.59 9.04
N VAL A 49 1.99 2.47 8.32
CA VAL A 49 1.24 2.44 7.08
C VAL A 49 0.46 1.14 6.92
N GLU A 50 -0.86 1.25 6.74
CA GLU A 50 -1.71 0.09 6.59
C GLU A 50 -1.46 -0.60 5.25
N LEU A 51 -1.48 -1.93 5.26
CA LEU A 51 -1.25 -2.71 4.05
C LEU A 51 -2.46 -3.57 3.73
N PRO A 52 -3.36 -3.03 2.89
CA PRO A 52 -4.58 -3.74 2.47
C PRO A 52 -4.29 -4.91 1.55
N ASP A 53 -5.19 -5.88 1.52
CA ASP A 53 -5.03 -7.05 0.67
C ASP A 53 -3.81 -7.86 1.10
N VAL A 54 -3.66 -8.04 2.41
CA VAL A 54 -2.53 -8.79 2.94
C VAL A 54 -3.00 -9.97 3.78
N GLN A 55 -2.27 -11.08 3.69
CA GLN A 55 -2.62 -12.29 4.43
C GLN A 55 -4.02 -12.76 4.08
N THR A 56 -4.44 -12.46 2.85
CA THR A 56 -5.77 -12.86 2.39
C THR A 56 -5.95 -14.38 2.48
N ALA A 57 -7.17 -14.80 2.79
CA ALA A 57 -7.47 -16.23 2.91
C ALA A 57 -8.90 -16.52 2.44
N PRO A 58 -9.16 -17.79 2.11
CA PRO A 58 -10.48 -18.23 1.65
C PRO A 58 -11.53 -18.20 2.76
N VAL A 59 -12.04 -17.01 3.04
CA VAL A 59 -13.05 -16.84 4.08
C VAL A 59 -14.24 -16.03 3.57
N ALA A 60 -15.43 -16.38 4.03
CA ALA A 60 -16.64 -15.68 3.63
C ALA A 60 -16.70 -14.29 4.23
N GLU A 61 -16.87 -13.28 3.36
CA GLU A 61 -16.95 -11.89 3.81
C GLU A 61 -17.39 -10.98 2.67
N THR A 62 -18.09 -9.91 3.02
CA THR A 62 -18.57 -8.96 2.03
C THR A 62 -17.65 -7.75 1.93
N VAL A 63 -17.57 -7.17 0.73
CA VAL A 63 -16.72 -6.01 0.50
C VAL A 63 -17.02 -5.37 -0.85
N ASN A 64 -16.88 -4.05 -0.93
CA ASN A 64 -17.14 -3.32 -2.16
C ASN A 64 -16.20 -3.80 -3.27
N LEU A 65 -16.68 -3.74 -4.50
CA LEU A 65 -15.88 -4.16 -5.66
C LEU A 65 -15.46 -2.95 -6.49
N TRP A 66 -14.16 -2.67 -6.48
CA TRP A 66 -13.63 -1.54 -7.25
C TRP A 66 -13.67 -1.82 -8.74
N GLU A 67 -14.41 -1.01 -9.48
CA GLU A 67 -14.53 -1.17 -10.92
C GLU A 67 -15.30 -0.01 -11.54
N VAL A 68 -14.66 0.72 -12.43
CA VAL A 68 -15.28 1.86 -13.11
C VAL A 68 -15.36 1.63 -14.61
N GLU A 69 -14.39 0.90 -15.15
CA GLU A 69 -14.36 0.60 -16.57
C GLU A 69 -14.42 1.90 -17.38
N HIS A 70 -13.48 2.80 -17.13
CA HIS A 70 -13.43 4.08 -17.84
C HIS A 70 -12.04 4.69 -17.75
N HIS A 71 -11.39 4.85 -18.90
CA HIS A 71 -10.05 5.43 -18.95
C HIS A 71 -10.09 6.85 -19.51
N MET A 1 -5.61 -4.36 -7.34
CA MET A 1 -5.29 -4.67 -5.96
C MET A 1 -4.43 -3.57 -5.34
N LYS A 2 -5.02 -2.39 -5.18
CA LYS A 2 -4.32 -1.26 -4.60
C LYS A 2 -4.97 -0.83 -3.30
N THR A 3 -4.17 -0.26 -2.39
CA THR A 3 -4.67 0.20 -1.10
C THR A 3 -4.08 1.56 -0.73
N PHE A 4 -4.74 2.26 0.18
CA PHE A 4 -4.28 3.57 0.63
C PHE A 4 -3.11 3.43 1.59
N ALA A 5 -2.15 4.34 1.48
CA ALA A 5 -0.98 4.32 2.35
C ALA A 5 -1.25 5.05 3.66
N LEU A 6 -0.52 4.68 4.70
CA LEU A 6 -0.68 5.30 6.01
C LEU A 6 0.63 5.31 6.78
N GLN A 7 0.60 5.80 8.02
CA GLN A 7 1.79 5.87 8.86
C GLN A 7 2.46 4.50 8.95
N GLY A 8 3.75 4.47 8.59
CA GLY A 8 4.49 3.22 8.63
C GLY A 8 3.90 2.16 7.72
N ASP A 9 3.12 2.59 6.74
CA ASP A 9 2.50 1.68 5.80
C ASP A 9 2.97 1.96 4.37
N THR A 10 4.16 2.53 4.25
CA THR A 10 4.72 2.85 2.95
C THR A 10 5.15 1.58 2.21
N LEU A 11 5.65 1.75 0.99
CA LEU A 11 6.10 0.63 0.18
C LEU A 11 7.04 -0.27 0.97
N ASP A 12 7.94 0.34 1.74
CA ASP A 12 8.89 -0.40 2.55
C ASP A 12 8.17 -1.38 3.47
N ALA A 13 7.00 -0.97 3.96
CA ALA A 13 6.21 -1.81 4.85
C ALA A 13 5.30 -2.75 4.07
N ILE A 14 4.49 -2.17 3.19
CA ILE A 14 3.57 -2.95 2.37
C ILE A 14 4.29 -4.10 1.66
N CYS A 15 5.43 -3.79 1.07
CA CYS A 15 6.23 -4.80 0.37
C CYS A 15 6.60 -5.94 1.30
N VAL A 16 6.70 -5.65 2.60
CA VAL A 16 7.05 -6.65 3.59
C VAL A 16 5.81 -7.39 4.09
N ARG A 17 4.68 -6.69 4.08
CA ARG A 17 3.41 -7.29 4.53
C ARG A 17 2.74 -8.04 3.39
N TYR A 18 3.24 -7.85 2.18
CA TYR A 18 2.66 -8.51 1.01
C TYR A 18 3.60 -9.59 0.49
N TYR A 19 4.79 -9.19 0.08
CA TYR A 19 5.79 -10.13 -0.44
C TYR A 19 6.74 -10.59 0.67
N GLY A 20 7.06 -9.68 1.57
CA GLY A 20 7.95 -10.00 2.67
C GLY A 20 9.39 -9.65 2.36
N ARG A 21 9.59 -8.72 1.43
CA ARG A 21 10.93 -8.30 1.04
C ARG A 21 10.89 -7.01 0.24
N THR A 22 12.00 -6.28 0.23
CA THR A 22 12.08 -5.03 -0.51
C THR A 22 13.07 -5.14 -1.67
N GLU A 23 14.01 -6.06 -1.55
CA GLU A 23 15.01 -6.26 -2.60
C GLU A 23 14.39 -6.89 -3.83
N GLY A 24 14.35 -6.14 -4.92
CA GLY A 24 13.78 -6.64 -6.17
C GLY A 24 12.31 -6.29 -6.30
N VAL A 25 11.67 -5.98 -5.17
CA VAL A 25 10.25 -5.64 -5.17
C VAL A 25 10.05 -4.13 -5.27
N VAL A 26 10.84 -3.39 -4.49
CA VAL A 26 10.75 -1.93 -4.49
C VAL A 26 10.94 -1.36 -5.89
N GLU A 27 11.66 -2.10 -6.73
CA GLU A 27 11.90 -1.68 -8.10
C GLU A 27 10.65 -1.84 -8.96
N THR A 28 9.83 -2.82 -8.61
CA THR A 28 8.60 -3.07 -9.35
C THR A 28 7.54 -2.02 -9.04
N VAL A 29 7.13 -1.95 -7.78
CA VAL A 29 6.13 -0.98 -7.36
C VAL A 29 6.53 0.44 -7.75
N LEU A 30 7.84 0.70 -7.74
CA LEU A 30 8.35 2.02 -8.09
C LEU A 30 8.07 2.34 -9.56
N ALA A 31 8.15 1.32 -10.41
CA ALA A 31 7.89 1.49 -11.84
C ALA A 31 6.40 1.71 -12.10
N ALA A 32 5.56 1.15 -11.25
CA ALA A 32 4.12 1.28 -11.40
C ALA A 32 3.62 2.59 -10.79
N ASN A 33 4.36 3.10 -9.81
CA ASN A 33 4.00 4.35 -9.15
C ASN A 33 5.21 5.27 -9.02
N PRO A 34 5.63 5.84 -10.16
CA PRO A 34 6.78 6.76 -10.19
C PRO A 34 6.50 8.08 -9.51
N GLY A 35 7.47 8.58 -8.75
CA GLY A 35 7.31 9.84 -8.05
C GLY A 35 7.26 9.67 -6.54
N LEU A 36 6.86 8.47 -6.10
CA LEU A 36 6.76 8.18 -4.68
C LEU A 36 8.14 8.28 -4.01
N ALA A 37 9.16 7.80 -4.71
CA ALA A 37 10.52 7.84 -4.19
C ALA A 37 10.96 9.27 -3.91
N GLU A 38 10.38 10.21 -4.63
CA GLU A 38 10.72 11.63 -4.46
C GLU A 38 10.11 12.18 -3.18
N LEU A 39 9.03 11.53 -2.73
CA LEU A 39 8.35 11.96 -1.51
C LEU A 39 9.33 12.09 -0.34
N GLY A 40 10.09 11.03 -0.09
CA GLY A 40 11.06 11.05 0.98
C GLY A 40 11.15 9.72 1.71
N ALA A 41 11.10 9.77 3.04
CA ALA A 41 11.17 8.56 3.85
C ALA A 41 9.79 7.94 4.04
N VAL A 42 8.79 8.79 4.26
CA VAL A 42 7.42 8.32 4.46
C VAL A 42 6.46 9.04 3.51
N LEU A 43 5.41 8.34 3.10
CA LEU A 43 4.42 8.90 2.20
C LEU A 43 3.20 9.40 2.98
N PRO A 44 2.43 10.31 2.36
CA PRO A 44 1.23 10.87 2.98
C PRO A 44 0.09 9.86 3.08
N HIS A 45 -0.69 9.96 4.14
CA HIS A 45 -1.81 9.05 4.37
C HIS A 45 -2.91 9.28 3.34
N GLY A 46 -3.39 8.20 2.74
CA GLY A 46 -4.44 8.31 1.74
C GLY A 46 -3.98 7.90 0.35
N THR A 47 -2.76 8.31 0.00
CA THR A 47 -2.20 7.98 -1.31
C THR A 47 -2.25 6.49 -1.57
N ALA A 48 -2.98 6.09 -2.61
CA ALA A 48 -3.10 4.69 -2.96
C ALA A 48 -1.94 4.24 -3.84
N VAL A 49 -1.54 2.98 -3.68
CA VAL A 49 -0.44 2.43 -4.46
C VAL A 49 -0.80 1.08 -5.06
N GLU A 50 -0.49 0.90 -6.34
CA GLU A 50 -0.79 -0.35 -7.03
C GLU A 50 0.23 -1.43 -6.69
N LEU A 51 -0.25 -2.63 -6.42
CA LEU A 51 0.62 -3.75 -6.06
C LEU A 51 0.68 -4.77 -7.20
N PRO A 52 1.67 -4.62 -8.08
CA PRO A 52 1.86 -5.51 -9.22
C PRO A 52 2.32 -6.90 -8.80
N ASP A 53 1.99 -7.91 -9.60
CA ASP A 53 2.37 -9.28 -9.31
C ASP A 53 1.72 -9.76 -8.02
N VAL A 54 0.49 -9.33 -7.79
CA VAL A 54 -0.24 -9.72 -6.58
C VAL A 54 -1.55 -10.41 -6.93
N GLN A 55 -1.91 -11.41 -6.13
CA GLN A 55 -3.14 -12.16 -6.35
C GLN A 55 -4.07 -12.06 -5.16
N THR A 56 -5.16 -12.83 -5.18
CA THR A 56 -6.13 -12.82 -4.09
C THR A 56 -5.45 -13.08 -2.75
N ALA A 57 -5.84 -12.31 -1.74
CA ALA A 57 -5.27 -12.46 -0.41
C ALA A 57 -6.34 -12.27 0.66
N PRO A 58 -7.01 -13.37 1.02
CA PRO A 58 -8.07 -13.36 2.04
C PRO A 58 -7.52 -13.13 3.44
N VAL A 59 -7.69 -11.90 3.94
CA VAL A 59 -7.21 -11.55 5.27
C VAL A 59 -8.37 -11.14 6.17
N ALA A 60 -8.04 -10.76 7.40
CA ALA A 60 -9.05 -10.33 8.37
C ALA A 60 -9.09 -8.81 8.49
N GLU A 61 -9.16 -8.13 7.34
CA GLU A 61 -9.20 -6.67 7.32
C GLU A 61 -10.51 -6.18 6.72
N THR A 62 -11.62 -6.75 7.18
CA THR A 62 -12.94 -6.37 6.68
C THR A 62 -13.84 -5.90 7.81
N VAL A 63 -14.94 -5.25 7.46
CA VAL A 63 -15.89 -4.75 8.45
C VAL A 63 -15.18 -3.91 9.51
N ASN A 64 -14.90 -2.65 9.18
CA ASN A 64 -14.23 -1.75 10.10
C ASN A 64 -14.83 -0.35 10.04
N LEU A 65 -16.11 -0.25 10.36
CA LEU A 65 -16.81 1.03 10.34
C LEU A 65 -17.98 1.04 11.31
N TRP A 66 -18.18 2.17 11.98
CA TRP A 66 -19.26 2.30 12.95
C TRP A 66 -20.29 3.33 12.47
N GLU A 67 -19.83 4.30 11.69
CA GLU A 67 -20.71 5.34 11.17
C GLU A 67 -20.22 5.84 9.82
N VAL A 68 -20.78 5.26 8.75
CA VAL A 68 -20.41 5.64 7.39
C VAL A 68 -21.49 6.47 6.73
N GLU A 69 -22.74 6.26 7.17
CA GLU A 69 -23.87 6.99 6.61
C GLU A 69 -24.06 8.33 7.33
N HIS A 70 -23.05 9.18 7.26
CA HIS A 70 -23.11 10.49 7.90
C HIS A 70 -24.11 11.40 7.20
N HIS A 71 -24.31 12.59 7.75
CA HIS A 71 -25.25 13.55 7.18
C HIS A 71 -24.88 14.98 7.61
#